data_4QUC
# 
_entry.id   4QUC 
# 
_audit_conform.dict_name       mmcif_pdbx.dic 
_audit_conform.dict_version    5.379 
_audit_conform.dict_location   http://mmcif.pdb.org/dictionaries/ascii/mmcif_pdbx.dic 
# 
loop_
_database_2.database_id 
_database_2.database_code 
_database_2.pdbx_database_accession 
_database_2.pdbx_DOI 
PDB   4QUC         pdb_00004quc 10.2210/pdb4quc/pdb 
RCSB  RCSB086523   ?            ?                   
WWPDB D_1000086523 ?            ?                   
# 
_pdbx_database_related.db_name        PDB 
_pdbx_database_related.db_id          4QUF 
_pdbx_database_related.details        . 
_pdbx_database_related.content_type   unspecified 
# 
_pdbx_database_status.status_code                     REL 
_pdbx_database_status.entry_id                        4QUC 
_pdbx_database_status.recvd_initial_deposition_date   2014-07-10 
_pdbx_database_status.deposit_site                    RCSB 
_pdbx_database_status.process_site                    RCSB 
_pdbx_database_status.status_code_sf                  REL 
_pdbx_database_status.status_code_mr                  ? 
_pdbx_database_status.SG_entry                        ? 
_pdbx_database_status.status_code_cs                  ? 
_pdbx_database_status.methods_development_category    ? 
_pdbx_database_status.pdb_format_compatible           Y 
_pdbx_database_status.status_code_nmr_data            ? 
# 
loop_
_audit_author.name 
_audit_author.pdbx_ordinal 
'Li, S.'      1 
'Patel, D.J.' 2 
# 
_citation.id                        primary 
_citation.title                     
;Transgenerationally inherited piRNAs trigger piRNA biogenesis by changing the chromatin of piRNA clusters and inducing precursor processing.
;
_citation.journal_abbrev            'Genes Dev.' 
_citation.journal_volume            28 
_citation.page_first                1667 
_citation.page_last                 1680 
_citation.year                      2014 
_citation.journal_id_ASTM           GEDEEP 
_citation.country                   US 
_citation.journal_id_ISSN           0890-9369 
_citation.journal_id_CSD            2056 
_citation.book_publisher            ? 
_citation.pdbx_database_id_PubMed   25085419 
_citation.pdbx_database_id_DOI      10.1101/gad.245514.114 
# 
loop_
_citation_author.citation_id 
_citation_author.name 
_citation_author.ordinal 
_citation_author.identifier_ORCID 
primary 'Le Thomas, A.'     1  ? 
primary 'Stuwe, E.'         2  ? 
primary 'Li, S.'            3  ? 
primary 'Du, J.'            4  ? 
primary 'Marinov, G.'       5  ? 
primary 'Rozhkov, N.'       6  ? 
primary 'Chen, Y.C.'        7  ? 
primary 'Luo, Y.'           8  ? 
primary 'Sachidanandam, R.' 9  ? 
primary 'Toth, K.F.'        10 ? 
primary 'Patel, D.'         11 ? 
primary 'Aravin, A.A.'      12 ? 
# 
_cell.entry_id           4QUC 
_cell.length_a           36.480 
_cell.length_b           36.480 
_cell.length_c           76.115 
_cell.angle_alpha        90.00 
_cell.angle_beta         90.00 
_cell.angle_gamma        120.00 
_cell.Z_PDB              6 
_cell.pdbx_unique_axis   ? 
_cell.length_a_esd       ? 
_cell.length_b_esd       ? 
_cell.length_c_esd       ? 
_cell.angle_alpha_esd    ? 
_cell.angle_beta_esd     ? 
_cell.angle_gamma_esd    ? 
# 
_symmetry.entry_id                         4QUC 
_symmetry.space_group_name_H-M             'P 32 2 1' 
_symmetry.pdbx_full_space_group_name_H-M   ? 
_symmetry.cell_setting                     ? 
_symmetry.Int_Tables_number                154 
_symmetry.space_group_name_Hall            ? 
# 
loop_
_entity.id 
_entity.type 
_entity.src_method 
_entity.pdbx_description 
_entity.formula_weight 
_entity.pdbx_number_of_molecules 
_entity.pdbx_ec 
_entity.pdbx_mutation 
_entity.pdbx_fragment 
_entity.details 
1 polymer man RE36324p 7885.945 1  ? ? chromodomain ? 
2 water   nat water    18.015   45 ? ? ?            ? 
# 
_entity_name_com.entity_id   1 
_entity_name_com.name        Rhino 
# 
_entity_poly.entity_id                      1 
_entity_poly.type                           'polypeptide(L)' 
_entity_poly.nstd_linkage                   no 
_entity_poly.nstd_monomer                   no 
_entity_poly.pdbx_seq_one_letter_code       SDHVEEYVVEKILGKRFVNGRPQVLVKWSGFPNENNTWEPLENVGNCMKLVSDFESEVFRLHRKAAAK 
_entity_poly.pdbx_seq_one_letter_code_can   SDHVEEYVVEKILGKRFVNGRPQVLVKWSGFPNENNTWEPLENVGNCMKLVSDFESEVFRLHRKAAAK 
_entity_poly.pdbx_strand_id                 A 
_entity_poly.pdbx_target_identifier         ? 
# 
loop_
_entity_poly_seq.entity_id 
_entity_poly_seq.num 
_entity_poly_seq.mon_id 
_entity_poly_seq.hetero 
1 1  SER n 
1 2  ASP n 
1 3  HIS n 
1 4  VAL n 
1 5  GLU n 
1 6  GLU n 
1 7  TYR n 
1 8  VAL n 
1 9  VAL n 
1 10 GLU n 
1 11 LYS n 
1 12 ILE n 
1 13 LEU n 
1 14 GLY n 
1 15 LYS n 
1 16 ARG n 
1 17 PHE n 
1 18 VAL n 
1 19 ASN n 
1 20 GLY n 
1 21 ARG n 
1 22 PRO n 
1 23 GLN n 
1 24 VAL n 
1 25 LEU n 
1 26 VAL n 
1 27 LYS n 
1 28 TRP n 
1 29 SER n 
1 30 GLY n 
1 31 PHE n 
1 32 PRO n 
1 33 ASN n 
1 34 GLU n 
1 35 ASN n 
1 36 ASN n 
1 37 THR n 
1 38 TRP n 
1 39 GLU n 
1 40 PRO n 
1 41 LEU n 
1 42 GLU n 
1 43 ASN n 
1 44 VAL n 
1 45 GLY n 
1 46 ASN n 
1 47 CYS n 
1 48 MET n 
1 49 LYS n 
1 50 LEU n 
1 51 VAL n 
1 52 SER n 
1 53 ASP n 
1 54 PHE n 
1 55 GLU n 
1 56 SER n 
1 57 GLU n 
1 58 VAL n 
1 59 PHE n 
1 60 ARG n 
1 61 LEU n 
1 62 HIS n 
1 63 ARG n 
1 64 LYS n 
1 65 ALA n 
1 66 ALA n 
1 67 ALA n 
1 68 LYS n 
# 
_entity_src_gen.entity_id                          1 
_entity_src_gen.pdbx_src_id                        1 
_entity_src_gen.pdbx_alt_source_flag               sample 
_entity_src_gen.pdbx_seq_type                      ? 
_entity_src_gen.pdbx_beg_seq_num                   ? 
_entity_src_gen.pdbx_end_seq_num                   ? 
_entity_src_gen.gene_src_common_name               'Fruit fly' 
_entity_src_gen.gene_src_genus                     ? 
_entity_src_gen.pdbx_gene_src_gene                 'CG10683, Dmel_CG10683, rhi, rhino' 
_entity_src_gen.gene_src_species                   ? 
_entity_src_gen.gene_src_strain                    ? 
_entity_src_gen.gene_src_tissue                    ? 
_entity_src_gen.gene_src_tissue_fraction           ? 
_entity_src_gen.gene_src_details                   ? 
_entity_src_gen.pdbx_gene_src_fragment             ? 
_entity_src_gen.pdbx_gene_src_scientific_name      'Drosophila melanogaster' 
_entity_src_gen.pdbx_gene_src_ncbi_taxonomy_id     7227 
_entity_src_gen.pdbx_gene_src_variant              ? 
_entity_src_gen.pdbx_gene_src_cell_line            ? 
_entity_src_gen.pdbx_gene_src_atcc                 ? 
_entity_src_gen.pdbx_gene_src_organ                ? 
_entity_src_gen.pdbx_gene_src_organelle            ? 
_entity_src_gen.pdbx_gene_src_cell                 ? 
_entity_src_gen.pdbx_gene_src_cellular_location    ? 
_entity_src_gen.host_org_common_name               ? 
_entity_src_gen.pdbx_host_org_scientific_name      'Escherichia coli' 
_entity_src_gen.pdbx_host_org_ncbi_taxonomy_id     562 
_entity_src_gen.host_org_genus                     ? 
_entity_src_gen.pdbx_host_org_gene                 ? 
_entity_src_gen.pdbx_host_org_organ                ? 
_entity_src_gen.host_org_species                   ? 
_entity_src_gen.pdbx_host_org_tissue               ? 
_entity_src_gen.pdbx_host_org_tissue_fraction      ? 
_entity_src_gen.pdbx_host_org_strain               'BL21(DE3)RIL' 
_entity_src_gen.pdbx_host_org_variant              ? 
_entity_src_gen.pdbx_host_org_cell_line            ? 
_entity_src_gen.pdbx_host_org_atcc                 ? 
_entity_src_gen.pdbx_host_org_culture_collection   ? 
_entity_src_gen.pdbx_host_org_cell                 ? 
_entity_src_gen.pdbx_host_org_organelle            ? 
_entity_src_gen.pdbx_host_org_cellular_location    ? 
_entity_src_gen.pdbx_host_org_vector_type          PLASMID 
_entity_src_gen.pdbx_host_org_vector               ? 
_entity_src_gen.host_org_details                   ? 
_entity_src_gen.expression_system_id               ? 
_entity_src_gen.plasmid_name                       pETsumo 
_entity_src_gen.plasmid_details                    ? 
_entity_src_gen.pdbx_description                   ? 
# 
_struct_ref.id                         1 
_struct_ref.db_name                    UNP 
_struct_ref.db_code                    Q7JXA8_DROME 
_struct_ref.pdbx_db_accession          Q7JXA8 
_struct_ref.entity_id                  1 
_struct_ref.pdbx_seq_one_letter_code   DHVEEYVVEKILGKRFVNGRPQVLVKWSGFPNENNTWEPLENVGNCMKLVSDFESEVFRLHRKAAAK 
_struct_ref.pdbx_align_begin           19 
_struct_ref.pdbx_db_isoform            ? 
# 
_struct_ref_seq.align_id                      1 
_struct_ref_seq.ref_id                        1 
_struct_ref_seq.pdbx_PDB_id_code              4QUC 
_struct_ref_seq.pdbx_strand_id                A 
_struct_ref_seq.seq_align_beg                 2 
_struct_ref_seq.pdbx_seq_align_beg_ins_code   ? 
_struct_ref_seq.seq_align_end                 68 
_struct_ref_seq.pdbx_seq_align_end_ins_code   ? 
_struct_ref_seq.pdbx_db_accession             Q7JXA8 
_struct_ref_seq.db_align_beg                  19 
_struct_ref_seq.pdbx_db_align_beg_ins_code    ? 
_struct_ref_seq.db_align_end                  85 
_struct_ref_seq.pdbx_db_align_end_ins_code    ? 
_struct_ref_seq.pdbx_auth_seq_align_beg       19 
_struct_ref_seq.pdbx_auth_seq_align_end       85 
# 
_struct_ref_seq_dif.align_id                     1 
_struct_ref_seq_dif.pdbx_pdb_id_code             4QUC 
_struct_ref_seq_dif.mon_id                       SER 
_struct_ref_seq_dif.pdbx_pdb_strand_id           A 
_struct_ref_seq_dif.seq_num                      1 
_struct_ref_seq_dif.pdbx_pdb_ins_code            ? 
_struct_ref_seq_dif.pdbx_seq_db_name             UNP 
_struct_ref_seq_dif.pdbx_seq_db_accession_code   Q7JXA8 
_struct_ref_seq_dif.db_mon_id                    ? 
_struct_ref_seq_dif.pdbx_seq_db_seq_num          ? 
_struct_ref_seq_dif.details                      'expression tag' 
_struct_ref_seq_dif.pdbx_auth_seq_num            18 
_struct_ref_seq_dif.pdbx_ordinal                 1 
# 
loop_
_chem_comp.id 
_chem_comp.type 
_chem_comp.mon_nstd_flag 
_chem_comp.name 
_chem_comp.pdbx_synonyms 
_chem_comp.formula 
_chem_comp.formula_weight 
ALA 'L-peptide linking' y ALANINE         ? 'C3 H7 N O2'     89.093  
ARG 'L-peptide linking' y ARGININE        ? 'C6 H15 N4 O2 1' 175.209 
ASN 'L-peptide linking' y ASPARAGINE      ? 'C4 H8 N2 O3'    132.118 
ASP 'L-peptide linking' y 'ASPARTIC ACID' ? 'C4 H7 N O4'     133.103 
CYS 'L-peptide linking' y CYSTEINE        ? 'C3 H7 N O2 S'   121.158 
GLN 'L-peptide linking' y GLUTAMINE       ? 'C5 H10 N2 O3'   146.144 
GLU 'L-peptide linking' y 'GLUTAMIC ACID' ? 'C5 H9 N O4'     147.129 
GLY 'peptide linking'   y GLYCINE         ? 'C2 H5 N O2'     75.067  
HIS 'L-peptide linking' y HISTIDINE       ? 'C6 H10 N3 O2 1' 156.162 
HOH non-polymer         . WATER           ? 'H2 O'           18.015  
ILE 'L-peptide linking' y ISOLEUCINE      ? 'C6 H13 N O2'    131.173 
LEU 'L-peptide linking' y LEUCINE         ? 'C6 H13 N O2'    131.173 
LYS 'L-peptide linking' y LYSINE          ? 'C6 H15 N2 O2 1' 147.195 
MET 'L-peptide linking' y METHIONINE      ? 'C5 H11 N O2 S'  149.211 
PHE 'L-peptide linking' y PHENYLALANINE   ? 'C9 H11 N O2'    165.189 
PRO 'L-peptide linking' y PROLINE         ? 'C5 H9 N O2'     115.130 
SER 'L-peptide linking' y SERINE          ? 'C3 H7 N O3'     105.093 
THR 'L-peptide linking' y THREONINE       ? 'C4 H9 N O3'     119.119 
TRP 'L-peptide linking' y TRYPTOPHAN      ? 'C11 H12 N2 O2'  204.225 
TYR 'L-peptide linking' y TYROSINE        ? 'C9 H11 N O3'    181.189 
VAL 'L-peptide linking' y VALINE          ? 'C5 H11 N O2'    117.146 
# 
_exptl.entry_id          4QUC 
_exptl.method            'X-RAY DIFFRACTION' 
_exptl.crystals_number   1 
# 
_exptl_crystal.id                    1 
_exptl_crystal.density_meas          ? 
_exptl_crystal.density_Matthews      1.85 
_exptl_crystal.density_percent_sol   33.66 
_exptl_crystal.description           ? 
_exptl_crystal.F_000                 ? 
_exptl_crystal.preparation           ? 
# 
_exptl_crystal_grow.crystal_id      1 
_exptl_crystal_grow.method          'VAPOR DIFFUSION, HANGING DROP' 
_exptl_crystal_grow.temp            293 
_exptl_crystal_grow.temp_details    ? 
_exptl_crystal_grow.pH              7 
_exptl_crystal_grow.pdbx_details    
'0.2M Sodium nitrate and 20%(w/v) PEG3350, pH 7, VAPOR DIFFUSION, HANGING DROP, temperature 293K' 
_exptl_crystal_grow.pdbx_pH_range   ? 
# 
_diffrn.id                     1 
_diffrn.ambient_temp           100 
_diffrn.ambient_temp_details   ? 
_diffrn.crystal_id             1 
# 
_diffrn_detector.diffrn_id              1 
_diffrn_detector.detector               CCD 
_diffrn_detector.type                   'ADSC QUANTUM 315' 
_diffrn_detector.pdbx_collection_date   2013-10-02 
_diffrn_detector.details                ? 
# 
_diffrn_radiation.diffrn_id                        1 
_diffrn_radiation.wavelength_id                    1 
_diffrn_radiation.pdbx_monochromatic_or_laue_m_l   M 
_diffrn_radiation.monochromator                    'Si(111)' 
_diffrn_radiation.pdbx_diffrn_protocol             'SINGLE WAVELENGTH' 
_diffrn_radiation.pdbx_scattering_type             x-ray 
# 
_diffrn_radiation_wavelength.id           1 
_diffrn_radiation_wavelength.wavelength   1.029 
_diffrn_radiation_wavelength.wt           1.0 
# 
_diffrn_source.diffrn_id                   1 
_diffrn_source.source                      SYNCHROTRON 
_diffrn_source.type                        'NSLS BEAMLINE X29A' 
_diffrn_source.pdbx_synchrotron_site       NSLS 
_diffrn_source.pdbx_synchrotron_beamline   X29A 
_diffrn_source.pdbx_wavelength             ? 
_diffrn_source.pdbx_wavelength_list        1.029 
# 
_reflns.entry_id                     4QUC 
_reflns.observed_criterion_sigma_I   0 
_reflns.observed_criterion_sigma_F   0 
_reflns.d_resolution_low             50 
_reflns.d_resolution_high            1.5 
_reflns.number_obs                   9293 
_reflns.number_all                   9886 
_reflns.percent_possible_obs         94 
_reflns.pdbx_Rmerge_I_obs            0.058 
_reflns.pdbx_Rsym_value              0.058 
_reflns.pdbx_netI_over_sigmaI        61.9 
_reflns.B_iso_Wilson_estimate        ? 
_reflns.pdbx_redundancy              10.3 
_reflns.R_free_details               ? 
_reflns.limit_h_max                  ? 
_reflns.limit_h_min                  ? 
_reflns.limit_k_max                  ? 
_reflns.limit_k_min                  ? 
_reflns.limit_l_max                  ? 
_reflns.limit_l_min                  ? 
_reflns.observed_criterion_F_max     ? 
_reflns.observed_criterion_F_min     ? 
_reflns.pdbx_chi_squared             ? 
_reflns.pdbx_scaling_rejects         ? 
_reflns.pdbx_ordinal                 1 
_reflns.pdbx_diffrn_id               1 
# 
_reflns_shell.d_res_high             1.50 
_reflns_shell.d_res_low              1.55 
_reflns_shell.percent_possible_all   85 
_reflns_shell.Rmerge_I_obs           0.653 
_reflns_shell.pdbx_Rsym_value        0.653 
_reflns_shell.meanI_over_sigI_obs    3.1 
_reflns_shell.pdbx_redundancy        9.5 
_reflns_shell.percent_possible_obs   ? 
_reflns_shell.number_unique_all      811 
_reflns_shell.number_measured_all    ? 
_reflns_shell.number_measured_obs    ? 
_reflns_shell.number_unique_obs      ? 
_reflns_shell.pdbx_chi_squared       ? 
_reflns_shell.pdbx_ordinal           1 
_reflns_shell.pdbx_diffrn_id         1 
# 
_refine.entry_id                                 4QUC 
_refine.ls_number_reflns_obs                     9265 
_refine.ls_number_reflns_all                     9706 
_refine.pdbx_ls_sigma_I                          ? 
_refine.pdbx_ls_sigma_F                          1.36 
_refine.pdbx_data_cutoff_high_absF               ? 
_refine.pdbx_data_cutoff_low_absF                ? 
_refine.pdbx_data_cutoff_high_rms_absF           ? 
_refine.ls_d_res_low                             14.589 
_refine.ls_d_res_high                            1.502 
_refine.ls_percent_reflns_obs                    94.16 
_refine.ls_R_factor_obs                          0.2131 
_refine.ls_R_factor_all                          0.2131 
_refine.ls_R_factor_R_work                       0.2112 
_refine.ls_R_factor_R_free                       0.2527 
_refine.ls_R_factor_R_free_error                 ? 
_refine.ls_R_factor_R_free_error_details         ? 
_refine.ls_percent_reflns_R_free                 4.76 
_refine.ls_number_reflns_R_free                  441 
_refine.ls_number_parameters                     ? 
_refine.ls_number_restraints                     ? 
_refine.occupancy_min                            ? 
_refine.occupancy_max                            ? 
_refine.correlation_coeff_Fo_to_Fc               ? 
_refine.correlation_coeff_Fo_to_Fc_free          ? 
_refine.B_iso_mean                               ? 
_refine.aniso_B[1][1]                            ? 
_refine.aniso_B[2][2]                            ? 
_refine.aniso_B[3][3]                            ? 
_refine.aniso_B[1][2]                            ? 
_refine.aniso_B[1][3]                            ? 
_refine.aniso_B[2][3]                            ? 
_refine.solvent_model_details                    'FLAT BULK SOLVENT MODEL' 
_refine.solvent_model_param_ksol                 ? 
_refine.solvent_model_param_bsol                 ? 
_refine.pdbx_solvent_vdw_probe_radii             1.11 
_refine.pdbx_solvent_ion_probe_radii             ? 
_refine.pdbx_solvent_shrinkage_radii             0.90 
_refine.pdbx_ls_cross_valid_method               THROUGHOUT 
_refine.details                                  ? 
_refine.pdbx_starting_model                      'PDB ENTRY 1KNE' 
_refine.pdbx_method_to_determine_struct          'MOLECULAR REPLACEMENT' 
_refine.pdbx_isotropic_thermal_model             ? 
_refine.pdbx_stereochemistry_target_values       ML 
_refine.pdbx_stereochem_target_val_spec_case     ? 
_refine.pdbx_R_Free_selection_details            RANDOM 
_refine.pdbx_overall_ESU_R                       ? 
_refine.pdbx_overall_ESU_R_Free                  ? 
_refine.overall_SU_ML                            0.14 
_refine.pdbx_overall_phase_error                 39.92 
_refine.overall_SU_B                             ? 
_refine.overall_SU_R_Cruickshank_DPI             ? 
_refine.ls_redundancy_reflns_obs                 ? 
_refine.B_iso_min                                ? 
_refine.B_iso_max                                ? 
_refine.overall_SU_R_free                        ? 
_refine.ls_wR_factor_R_free                      ? 
_refine.ls_wR_factor_R_work                      ? 
_refine.overall_FOM_free_R_set                   ? 
_refine.overall_FOM_work_R_set                   ? 
_refine.pdbx_diffrn_id                           1 
_refine.pdbx_refine_id                           'X-RAY DIFFRACTION' 
_refine.pdbx_TLS_residual_ADP_flag               ? 
_refine.pdbx_overall_SU_R_free_Cruickshank_DPI   ? 
_refine.pdbx_overall_SU_R_Blow_DPI               ? 
_refine.pdbx_overall_SU_R_free_Blow_DPI          ? 
# 
_refine_hist.pdbx_refine_id                   'X-RAY DIFFRACTION' 
_refine_hist.cycle_id                         LAST 
_refine_hist.pdbx_number_atoms_protein        461 
_refine_hist.pdbx_number_atoms_nucleic_acid   0 
_refine_hist.pdbx_number_atoms_ligand         0 
_refine_hist.number_atoms_solvent             45 
_refine_hist.number_atoms_total               506 
_refine_hist.d_res_high                       1.502 
_refine_hist.d_res_low                        14.589 
# 
loop_
_refine_ls_restr.type 
_refine_ls_restr.dev_ideal 
_refine_ls_restr.dev_ideal_target 
_refine_ls_restr.weight 
_refine_ls_restr.number 
_refine_ls_restr.pdbx_restraint_function 
_refine_ls_restr.pdbx_refine_id 
f_bond_d           0.010  ? ? 472 ? 'X-RAY DIFFRACTION' 
f_angle_d          1.252  ? ? 638 ? 'X-RAY DIFFRACTION' 
f_dihedral_angle_d 13.451 ? ? 176 ? 'X-RAY DIFFRACTION' 
f_chiral_restr     0.080  ? ? 67  ? 'X-RAY DIFFRACTION' 
f_plane_restr      0.005  ? ? 83  ? 'X-RAY DIFFRACTION' 
# 
loop_
_refine_ls_shell.pdbx_total_number_of_bins_used 
_refine_ls_shell.d_res_high 
_refine_ls_shell.d_res_low 
_refine_ls_shell.number_reflns_R_work 
_refine_ls_shell.R_factor_R_work 
_refine_ls_shell.percent_reflns_obs 
_refine_ls_shell.R_factor_R_free 
_refine_ls_shell.R_factor_R_free_error 
_refine_ls_shell.percent_reflns_R_free 
_refine_ls_shell.number_reflns_R_free 
_refine_ls_shell.number_reflns_all 
_refine_ls_shell.R_factor_all 
_refine_ls_shell.number_reflns_obs 
_refine_ls_shell.redundancy_reflns_obs 
_refine_ls_shell.pdbx_refine_id 
. 1.5023 1.7194  2769 0.2439 91.00 0.3313 . . 138 . . . . 'X-RAY DIFFRACTION' 
. 1.7194 2.1651  2979 0.2496 97.00 0.2773 . . 157 . . . . 'X-RAY DIFFRACTION' 
. 2.1651 14.5902 3076 0.1996 95.00 0.2387 . . 146 . . . . 'X-RAY DIFFRACTION' 
# 
_struct.entry_id                  4QUC 
_struct.title                     'Crystal structure of chromodomain of Rhino' 
_struct.pdbx_model_details        ? 
_struct.pdbx_CASP_flag            ? 
_struct.pdbx_model_type_details   ? 
# 
_struct_keywords.entry_id        4QUC 
_struct_keywords.pdbx_keywords   'PROTEIN BINDING' 
_struct_keywords.text            'histone binding, protein binding' 
# 
loop_
_struct_asym.id 
_struct_asym.pdbx_blank_PDB_chainid_flag 
_struct_asym.pdbx_modified 
_struct_asym.entity_id 
_struct_asym.details 
A N N 1 ? 
B N N 2 ? 
# 
_struct_biol.id        1 
_struct_biol.details   ? 
# 
loop_
_struct_conf.conf_type_id 
_struct_conf.id 
_struct_conf.pdbx_PDB_helix_id 
_struct_conf.beg_label_comp_id 
_struct_conf.beg_label_asym_id 
_struct_conf.beg_label_seq_id 
_struct_conf.pdbx_beg_PDB_ins_code 
_struct_conf.end_label_comp_id 
_struct_conf.end_label_asym_id 
_struct_conf.end_label_seq_id 
_struct_conf.pdbx_end_PDB_ins_code 
_struct_conf.beg_auth_comp_id 
_struct_conf.beg_auth_asym_id 
_struct_conf.beg_auth_seq_id 
_struct_conf.end_auth_comp_id 
_struct_conf.end_auth_asym_id 
_struct_conf.end_auth_seq_id 
_struct_conf.pdbx_PDB_helix_class 
_struct_conf.details 
_struct_conf.pdbx_PDB_helix_length 
HELX_P HELX_P1 1 PRO A 32 ? ASN A 36 ? PRO A 49 ASN A 53 5 ? 5  
HELX_P HELX_P2 2 GLU A 42 ? VAL A 44 ? GLU A 59 VAL A 61 5 ? 3  
HELX_P HELX_P3 3 CYS A 47 ? LEU A 61 ? CYS A 64 LEU A 78 1 ? 15 
# 
_struct_conf_type.id          HELX_P 
_struct_conf_type.criteria    ? 
_struct_conf_type.reference   ? 
# 
_struct_sheet.id               A 
_struct_sheet.type             ? 
_struct_sheet.number_strands   3 
_struct_sheet.details          ? 
# 
loop_
_struct_sheet_order.sheet_id 
_struct_sheet_order.range_id_1 
_struct_sheet_order.range_id_2 
_struct_sheet_order.offset 
_struct_sheet_order.sense 
A 1 2 ? anti-parallel 
A 2 3 ? anti-parallel 
# 
loop_
_struct_sheet_range.sheet_id 
_struct_sheet_range.id 
_struct_sheet_range.beg_label_comp_id 
_struct_sheet_range.beg_label_asym_id 
_struct_sheet_range.beg_label_seq_id 
_struct_sheet_range.pdbx_beg_PDB_ins_code 
_struct_sheet_range.end_label_comp_id 
_struct_sheet_range.end_label_asym_id 
_struct_sheet_range.end_label_seq_id 
_struct_sheet_range.pdbx_end_PDB_ins_code 
_struct_sheet_range.beg_auth_comp_id 
_struct_sheet_range.beg_auth_asym_id 
_struct_sheet_range.beg_auth_seq_id 
_struct_sheet_range.end_auth_comp_id 
_struct_sheet_range.end_auth_asym_id 
_struct_sheet_range.end_auth_seq_id 
A 1 VAL A 9  ? VAL A 18 ? VAL A 26 VAL A 35 
A 2 ARG A 21 ? TRP A 28 ? ARG A 38 TRP A 45 
A 3 THR A 37 ? PRO A 40 ? THR A 54 PRO A 57 
# 
loop_
_pdbx_struct_sheet_hbond.sheet_id 
_pdbx_struct_sheet_hbond.range_id_1 
_pdbx_struct_sheet_hbond.range_id_2 
_pdbx_struct_sheet_hbond.range_1_label_atom_id 
_pdbx_struct_sheet_hbond.range_1_label_comp_id 
_pdbx_struct_sheet_hbond.range_1_label_asym_id 
_pdbx_struct_sheet_hbond.range_1_label_seq_id 
_pdbx_struct_sheet_hbond.range_1_PDB_ins_code 
_pdbx_struct_sheet_hbond.range_1_auth_atom_id 
_pdbx_struct_sheet_hbond.range_1_auth_comp_id 
_pdbx_struct_sheet_hbond.range_1_auth_asym_id 
_pdbx_struct_sheet_hbond.range_1_auth_seq_id 
_pdbx_struct_sheet_hbond.range_2_label_atom_id 
_pdbx_struct_sheet_hbond.range_2_label_comp_id 
_pdbx_struct_sheet_hbond.range_2_label_asym_id 
_pdbx_struct_sheet_hbond.range_2_label_seq_id 
_pdbx_struct_sheet_hbond.range_2_PDB_ins_code 
_pdbx_struct_sheet_hbond.range_2_auth_atom_id 
_pdbx_struct_sheet_hbond.range_2_auth_comp_id 
_pdbx_struct_sheet_hbond.range_2_auth_asym_id 
_pdbx_struct_sheet_hbond.range_2_auth_seq_id 
A 1 2 N LEU A 13 ? N LEU A 30 O LEU A 25 ? O LEU A 42 
A 2 3 N VAL A 26 ? N VAL A 43 O THR A 37 ? O THR A 54 
# 
_atom_sites.entry_id                    4QUC 
_atom_sites.fract_transf_matrix[1][1]   -0.02671195 
_atom_sites.fract_transf_matrix[1][2]   -0.00977149 
_atom_sites.fract_transf_matrix[1][3]   0.01388776 
_atom_sites.fract_transf_matrix[2][1]   -0.02327284 
_atom_sites.fract_transf_matrix[2][2]   0.02064591 
_atom_sites.fract_transf_matrix[2][3]   0.00583383 
_atom_sites.fract_transf_matrix[3][1]   -0.00520466 
_atom_sites.fract_transf_matrix[3][2]   -0.00253433 
_atom_sites.fract_transf_matrix[3][3]   -0.01179389 
_atom_sites.fract_transf_vector[1]      0.797078 
_atom_sites.fract_transf_vector[2]      2.290105 
_atom_sites.fract_transf_vector[3]      0.182283 
# 
loop_
_atom_type.symbol 
C 
N 
O 
S 
# 
loop_
_atom_site.group_PDB 
_atom_site.id 
_atom_site.type_symbol 
_atom_site.label_atom_id 
_atom_site.label_alt_id 
_atom_site.label_comp_id 
_atom_site.label_asym_id 
_atom_site.label_entity_id 
_atom_site.label_seq_id 
_atom_site.pdbx_PDB_ins_code 
_atom_site.Cartn_x 
_atom_site.Cartn_y 
_atom_site.Cartn_z 
_atom_site.occupancy 
_atom_site.B_iso_or_equiv 
_atom_site.pdbx_formal_charge 
_atom_site.auth_seq_id 
_atom_site.auth_comp_id 
_atom_site.auth_asym_id 
_atom_site.auth_atom_id 
_atom_site.pdbx_PDB_model_num 
ATOM   1   N N   . GLU A 1 6  ? 3.850   11.201  -10.111 1.00 86.58  ? 23  GLU A N   1 
ATOM   2   C CA  . GLU A 1 6  ? 2.588   10.836  -9.470  1.00 81.77  ? 23  GLU A CA  1 
ATOM   3   C C   . GLU A 1 6  ? 2.442   11.496  -8.087  1.00 74.70  ? 23  GLU A C   1 
ATOM   4   O O   . GLU A 1 6  ? 3.081   12.509  -7.808  1.00 77.51  ? 23  GLU A O   1 
ATOM   5   C CB  . GLU A 1 6  ? 2.465   9.313   -9.367  1.00 66.38  ? 23  GLU A CB  1 
ATOM   6   C CG  . GLU A 1 6  ? 3.604   8.640   -8.609  1.00 67.71  ? 23  GLU A CG  1 
ATOM   7   C CD  . GLU A 1 6  ? 3.098   7.526   -7.694  1.00 70.09  ? 23  GLU A CD  1 
ATOM   8   O OE1 . GLU A 1 6  ? 2.079   6.897   -8.054  1.00 73.11  ? 23  GLU A OE1 1 
ATOM   9   O OE2 . GLU A 1 6  ? 3.697   7.295   -6.610  1.00 66.68  ? 23  GLU A OE2 1 
ATOM   10  N N   . TYR A 1 7  ? 1.593   10.934  -7.231  1.00 50.77  ? 24  TYR A N   1 
ATOM   11  C CA  . TYR A 1 7  ? 1.449   11.447  -5.869  1.00 42.22  ? 24  TYR A CA  1 
ATOM   12  C C   . TYR A 1 7  ? 2.323   10.657  -4.873  1.00 40.30  ? 24  TYR A C   1 
ATOM   13  O O   . TYR A 1 7  ? 3.034   9.743   -5.266  1.00 40.37  ? 24  TYR A O   1 
ATOM   14  C CB  . TYR A 1 7  ? -0.036  11.529  -5.462  1.00 39.34  ? 24  TYR A CB  1 
ATOM   15  C CG  . TYR A 1 7  ? -0.797  12.589  -6.243  1.00 41.13  ? 24  TYR A CG  1 
ATOM   16  C CD1 . TYR A 1 7  ? -0.677  13.930  -5.929  1.00 40.10  ? 24  TYR A CD1 1 
ATOM   17  C CD2 . TYR A 1 7  ? -1.610  12.248  -7.312  1.00 44.58  ? 24  TYR A CD2 1 
ATOM   18  C CE1 . TYR A 1 7  ? -1.363  14.901  -6.649  1.00 46.29  ? 24  TYR A CE1 1 
ATOM   19  C CE2 . TYR A 1 7  ? -2.292  13.216  -8.043  1.00 45.07  ? 24  TYR A CE2 1 
ATOM   20  C CZ  . TYR A 1 7  ? -2.166  14.525  -7.706  1.00 44.69  ? 24  TYR A CZ  1 
ATOM   21  O OH  . TYR A 1 7  ? -2.849  15.470  -8.430  1.00 50.30  ? 24  TYR A OH  1 
ATOM   22  N N   . VAL A 1 8  ? 2.296   11.029  -3.597  1.00 30.65  ? 25  VAL A N   1 
ATOM   23  C CA  . VAL A 1 8  ? 3.236   10.475  -2.634  1.00 30.51  ? 25  VAL A CA  1 
ATOM   24  C C   . VAL A 1 8  ? 2.546   9.448   -1.712  1.00 28.66  ? 25  VAL A C   1 
ATOM   25  O O   . VAL A 1 8  ? 1.532   9.732   -1.093  1.00 30.15  ? 25  VAL A O   1 
ATOM   26  C CB  . VAL A 1 8  ? 3.906   11.600  -1.810  1.00 32.10  ? 25  VAL A CB  1 
ATOM   27  C CG1 . VAL A 1 8  ? 4.864   11.011  -0.806  1.00 32.34  ? 25  VAL A CG1 1 
ATOM   28  C CG2 . VAL A 1 8  ? 4.610   12.598  -2.738  1.00 34.45  ? 25  VAL A CG2 1 
ATOM   29  N N   . VAL A 1 9  ? 3.098   8.237   -1.627  1.00 28.15  ? 26  VAL A N   1 
ATOM   30  C CA  . VAL A 1 9  ? 2.583   7.213   -0.738  1.00 28.28  ? 26  VAL A CA  1 
ATOM   31  C C   . VAL A 1 9  ? 2.860   7.592   0.712   1.00 29.24  ? 26  VAL A C   1 
ATOM   32  O O   . VAL A 1 9  ? 3.996   7.879   1.070   1.00 33.10  ? 26  VAL A O   1 
ATOM   33  C CB  . VAL A 1 9  ? 3.272   5.895   -1.045  1.00 30.11  ? 26  VAL A CB  1 
ATOM   34  C CG1 . VAL A 1 9  ? 2.839   4.812   -0.052  1.00 34.77  ? 26  VAL A CG1 1 
ATOM   35  C CG2 . VAL A 1 9  ? 3.005   5.460   -2.499  1.00 28.91  ? 26  VAL A CG2 1 
ATOM   36  N N   . GLU A 1 10 ? 1.823   7.620   1.540   1.00 32.14  ? 27  GLU A N   1 
ATOM   37  C CA  . GLU A 1 10 ? 1.971   7.954   2.965   1.00 30.72  ? 27  GLU A CA  1 
ATOM   38  C C   . GLU A 1 10 ? 1.995   6.706   3.854   1.00 31.23  ? 27  GLU A C   1 
ATOM   39  O O   . GLU A 1 10 ? 2.754   6.636   4.822   1.00 32.68  ? 27  GLU A O   1 
ATOM   40  C CB  . GLU A 1 10 ? 0.852   8.904   3.434   1.00 33.66  ? 27  GLU A CB  1 
ATOM   41  C CG  . GLU A 1 10 ? 0.919   9.257   4.928   1.00 38.11  ? 27  GLU A CG  1 
ATOM   42  C CD  . GLU A 1 10 ? -0.340  9.948   5.458   1.00 41.06  ? 27  GLU A CD  1 
ATOM   43  O OE1 . GLU A 1 10 ? -0.587  9.862   6.671   1.00 48.36  ? 27  GLU A OE1 1 
ATOM   44  O OE2 . GLU A 1 10 ? -1.080  10.597  4.687   1.00 48.54  ? 27  GLU A OE2 1 
ATOM   45  N N   . LYS A 1 11 ? 1.137   5.741   3.543   1.00 31.02  ? 28  LYS A N   1 
ATOM   46  C CA  . LYS A 1 11 ? 0.992   4.551   4.370   1.00 33.26  ? 28  LYS A CA  1 
ATOM   47  C C   . LYS A 1 11 ? 0.357   3.451   3.517   1.00 31.62  ? 28  LYS A C   1 
ATOM   48  O O   . LYS A 1 11 ? -0.430  3.732   2.595   1.00 29.98  ? 28  LYS A O   1 
ATOM   49  C CB  . LYS A 1 11 ? 0.105   4.864   5.590   1.00 32.94  ? 28  LYS A CB  1 
ATOM   50  C CG  . LYS A 1 11 ? 0.016   3.728   6.643   1.00 35.16  ? 28  LYS A CG  1 
ATOM   51  C CD  . LYS A 1 11 ? -0.755  4.205   7.860   1.00 39.78  ? 28  LYS A CD  1 
ATOM   52  C CE  . LYS A 1 11 ? -0.900  3.122   8.907   1.00 41.05  ? 28  LYS A CE  1 
ATOM   53  N NZ  . LYS A 1 11 ? -0.062  3.424   10.089  1.00 46.31  ? 28  LYS A NZ  1 
ATOM   54  N N   . ILE A 1 12 ? 0.743   2.210   3.789   1.00 27.51  ? 29  ILE A N   1 
ATOM   55  C CA  . ILE A 1 12 ? 0.092   1.059   3.182   1.00 29.45  ? 29  ILE A CA  1 
ATOM   56  C C   . ILE A 1 12 ? -0.998  0.547   4.145   1.00 28.40  ? 29  ILE A C   1 
ATOM   57  O O   . ILE A 1 12 ? -0.717  0.271   5.317   1.00 30.71  ? 29  ILE A O   1 
ATOM   58  C CB  . ILE A 1 12 ? 1.130   -0.032  2.850   1.00 26.24  ? 29  ILE A CB  1 
ATOM   59  C CG1 . ILE A 1 12 ? 2.175   0.523   1.860   1.00 25.35  ? 29  ILE A CG1 1 
ATOM   60  C CG2 . ILE A 1 12 ? 0.452   -1.320  2.316   1.00 26.34  ? 29  ILE A CG2 1 
ATOM   61  C CD1 . ILE A 1 12 ? 1.617   0.924   0.537   1.00 26.92  ? 29  ILE A CD1 1 
ATOM   62  N N   . LEU A 1 13 ? -2.226  0.411   3.651   1.00 26.45  ? 30  LEU A N   1 
ATOM   63  C CA  . LEU A 1 13 ? -3.369  0.089   4.511   1.00 28.35  ? 30  LEU A CA  1 
ATOM   64  C C   . LEU A 1 13 ? -3.922  -1.299  4.288   1.00 31.13  ? 30  LEU A C   1 
ATOM   65  O O   . LEU A 1 13 ? -4.872  -1.683  4.950   1.00 30.49  ? 30  LEU A O   1 
ATOM   66  C CB  . LEU A 1 13 ? -4.494  1.057   4.254   1.00 29.32  ? 30  LEU A CB  1 
ATOM   67  C CG  . LEU A 1 13 ? -4.213  2.529   4.482   1.00 29.70  ? 30  LEU A CG  1 
ATOM   68  C CD1 . LEU A 1 13 ? -5.471  3.337   4.114   1.00 30.28  ? 30  LEU A CD1 1 
ATOM   69  C CD2 . LEU A 1 13 ? -3.798  2.788   5.921   1.00 32.96  ? 30  LEU A CD2 1 
ATOM   70  N N   . GLY A 1 14 ? -3.367  -2.045  3.342   1.00 26.98  ? 31  GLY A N   1 
ATOM   71  C CA  . GLY A 1 14 ? -3.930  -3.335  3.024   1.00 27.50  ? 31  GLY A CA  1 
ATOM   72  C C   . GLY A 1 14 ? -3.167  -4.021  1.913   1.00 24.36  ? 31  GLY A C   1 
ATOM   73  O O   . GLY A 1 14 ? -2.415  -3.368  1.175   1.00 26.83  ? 31  GLY A O   1 
ATOM   74  N N   . LYS A 1 15 ? -3.372  -5.325  1.786   1.00 26.64  ? 32  LYS A N   1 
ATOM   75  C CA  . LYS A 1 15 ? -2.808  -6.068  0.684   1.00 29.42  ? 32  LYS A CA  1 
ATOM   76  C C   . LYS A 1 15 ? -3.859  -7.002  0.132   1.00 25.84  ? 32  LYS A C   1 
ATOM   77  O O   . LYS A 1 15 ? -4.722  -7.475  0.875   1.00 27.16  ? 32  LYS A O   1 
ATOM   78  C CB  . LYS A 1 15 ? -1.572  -6.855  1.102   1.00 28.84  ? 32  LYS A CB  1 
ATOM   79  C CG  . LYS A 1 15 ? -0.937  -7.549  -0.113  1.00 33.49  ? 32  LYS A CG  1 
ATOM   80  C CD  . LYS A 1 15 ? 0.215   -8.475  0.221   1.00 40.55  ? 32  LYS A CD  1 
ATOM   81  C CE  . LYS A 1 15 ? 1.393   -7.687  0.666   1.00 41.73  ? 32  LYS A CE  1 
ATOM   82  N NZ  . LYS A 1 15 ? 2.494   -8.602  1.036   1.00 48.66  ? 32  LYS A NZ  1 
ATOM   83  N N   . ARG A 1 16 ? -3.793  -7.265  -1.175  1.00 26.18  ? 33  ARG A N   1 
ATOM   84  C CA  . ARG A 1 16 ? -4.653  -8.281  -1.791  1.00 26.57  ? 33  ARG A CA  1 
ATOM   85  C C   . ARG A 1 16 ? -3.973  -8.859  -3.013  1.00 29.19  ? 33  ARG A C   1 
ATOM   86  O O   . ARG A 1 16 ? -2.928  -8.353  -3.437  1.00 28.50  ? 33  ARG A O   1 
ATOM   87  C CB  . ARG A 1 16 ? -6.009  -7.693  -2.199  1.00 28.78  ? 33  ARG A CB  1 
ATOM   88  C CG  . ARG A 1 16 ? -5.917  -6.787  -3.418  1.00 26.14  ? 33  ARG A CG  1 
ATOM   89  C CD  . ARG A 1 16 ? -7.224  -6.091  -3.685  1.00 28.77  ? 33  ARG A CD  1 
ATOM   90  N NE  . ARG A 1 16 ? -7.144  -5.281  -4.895  1.00 28.15  ? 33  ARG A NE  1 
ATOM   91  C CZ  . ARG A 1 16 ? -8.164  -4.667  -5.460  1.00 29.52  ? 33  ARG A CZ  1 
ATOM   92  N NH1 . ARG A 1 16 ? -9.354  -4.678  -4.879  1.00 35.89  ? 33  ARG A NH1 1 
ATOM   93  N NH2 . ARG A 1 16 ? -7.969  -3.979  -6.589  1.00 29.53  ? 33  ARG A NH2 1 
ATOM   94  N N   . PHE A 1 17 ? -4.536  -9.936  -3.563  1.00 29.15  ? 34  PHE A N   1 
ATOM   95  C CA  . PHE A 1 17 ? -4.112  -10.474 -4.858  1.00 27.83  ? 34  PHE A CA  1 
ATOM   96  C C   . PHE A 1 17 ? -5.187  -10.316 -5.927  1.00 30.75  ? 34  PHE A C   1 
ATOM   97  O O   . PHE A 1 17 ? -6.370  -10.547 -5.689  1.00 29.48  ? 34  PHE A O   1 
ATOM   98  C CB  . PHE A 1 17 ? -3.652  -11.920 -4.749  1.00 28.97  ? 34  PHE A CB  1 
ATOM   99  C CG  . PHE A 1 17 ? -2.419  -12.069 -3.942  1.00 30.15  ? 34  PHE A CG  1 
ATOM   100 C CD1 . PHE A 1 17 ? -2.488  -12.030 -2.562  1.00 32.83  ? 34  PHE A CD1 1 
ATOM   101 C CD2 . PHE A 1 17 ? -1.170  -12.174 -4.553  1.00 31.58  ? 34  PHE A CD2 1 
ATOM   102 C CE1 . PHE A 1 17 ? -1.347  -12.121 -1.796  1.00 38.25  ? 34  PHE A CE1 1 
ATOM   103 C CE2 . PHE A 1 17 ? -0.031  -12.281 -3.792  1.00 37.58  ? 34  PHE A CE2 1 
ATOM   104 C CZ  . PHE A 1 17 ? -0.110  -12.251 -2.414  1.00 38.15  ? 34  PHE A CZ  1 
ATOM   105 N N   . VAL A 1 18 ? -4.772  -9.867  -7.101  1.00 26.29  ? 35  VAL A N   1 
ATOM   106 C CA  . VAL A 1 18 ? -5.642  -9.805  -8.254  1.00 27.65  ? 35  VAL A CA  1 
ATOM   107 C C   . VAL A 1 18 ? -5.000  -10.651 -9.325  1.00 28.93  ? 35  VAL A C   1 
ATOM   108 O O   . VAL A 1 18 ? -3.832  -10.435 -9.661  1.00 28.86  ? 35  VAL A O   1 
ATOM   109 C CB  . VAL A 1 18 ? -5.793  -8.374  -8.765  1.00 26.63  ? 35  VAL A CB  1 
ATOM   110 C CG1 . VAL A 1 18 ? -6.656  -8.347  -9.987  1.00 28.81  ? 35  VAL A CG1 1 
ATOM   111 C CG2 . VAL A 1 18 ? -6.367  -7.492  -7.680  1.00 25.67  ? 35  VAL A CG2 1 
ATOM   112 N N   . ASN A 1 19 ? -5.735  -11.633 -9.837  1.00 30.02  ? 36  ASN A N   1 
ATOM   113 C CA  . ASN A 1 19 ? -5.176  -12.606 -10.768 1.00 31.64  ? 36  ASN A CA  1 
ATOM   114 C C   . ASN A 1 19 ? -3.824  -13.117 -10.312 1.00 32.37  ? 36  ASN A C   1 
ATOM   115 O O   . ASN A 1 19 ? -2.918  -13.298 -11.119 1.00 32.99  ? 36  ASN A O   1 
ATOM   116 C CB  . ASN A 1 19 ? -5.140  -12.029 -12.174 1.00 33.09  ? 36  ASN A CB  1 
ATOM   117 C CG  . ASN A 1 19 ? -6.519  -11.666 -12.683 1.00 34.48  ? 36  ASN A CG  1 
ATOM   118 O OD1 . ASN A 1 19 ? -7.506  -12.355 -12.379 1.00 35.07  ? 36  ASN A OD1 1 
ATOM   119 N ND2 . ASN A 1 19 ? -6.605  -10.596 -13.469 1.00 35.58  ? 36  ASN A ND2 1 
ATOM   120 N N   . GLY A 1 20 ? -3.704  -13.317 -8.998  1.00 31.21  ? 37  GLY A N   1 
ATOM   121 C CA  . GLY A 1 20 ? -2.540  -13.926 -8.391  1.00 31.46  ? 37  GLY A CA  1 
ATOM   122 C C   . GLY A 1 20 ? -1.395  -12.953 -8.136  1.00 31.39  ? 37  GLY A C   1 
ATOM   123 O O   . GLY A 1 20 ? -0.356  -13.374 -7.629  1.00 35.27  ? 37  GLY A O   1 
ATOM   124 N N   . ARG A 1 21 ? -1.564  -11.675 -8.482  1.00 28.34  ? 38  ARG A N   1 
ATOM   125 C CA  . ARG A 1 21 ? -0.454  -10.701 -8.332  1.00 27.85  ? 38  ARG A CA  1 
ATOM   126 C C   . ARG A 1 21 ? -0.753  -9.755  -7.174  1.00 26.38  ? 38  ARG A C   1 
ATOM   127 O O   . ARG A 1 21 ? -1.890  -9.329  -7.021  1.00 25.14  ? 38  ARG A O   1 
ATOM   128 C CB  . ARG A 1 21 ? -0.244  -9.864  -9.608  1.00 29.70  ? 38  ARG A CB  1 
ATOM   129 C CG  . ARG A 1 21 ? 0.107   -10.637 -10.867 1.00 37.85  ? 38  ARG A CG  1 
ATOM   130 C CD  . ARG A 1 21 ? 1.468   -11.297 -10.789 1.00 47.75  ? 38  ARG A CD  1 
ATOM   131 N NE  . ARG A 1 21 ? 2.576   -10.355 -10.584 1.00 54.19  ? 38  ARG A NE  1 
ATOM   132 C CZ  . ARG A 1 21 ? 3.866   -10.692 -10.620 1.00 57.20  ? 38  ARG A CZ  1 
ATOM   133 N NH1 . ARG A 1 21 ? 4.806   -9.773  -10.424 1.00 55.10  ? 38  ARG A NH1 1 
ATOM   134 N NH2 . ARG A 1 21 ? 4.216   -11.946 -10.859 1.00 59.56  ? 38  ARG A NH2 1 
ATOM   135 N N   . PRO A 1 22 ? 0.278   -9.367  -6.398  1.00 27.67  ? 39  PRO A N   1 
ATOM   136 C CA  . PRO A 1 22 ? -0.037  -8.563  -5.216  1.00 25.88  ? 39  PRO A CA  1 
ATOM   137 C C   . PRO A 1 22 ? -0.265  -7.070  -5.476  1.00 24.52  ? 39  PRO A C   1 
ATOM   138 O O   . PRO A 1 22 ? 0.418   -6.421  -6.283  1.00 26.34  ? 39  PRO A O   1 
ATOM   139 C CB  . PRO A 1 22 ? 1.180   -8.746  -4.325  1.00 26.23  ? 39  PRO A CB  1 
ATOM   140 C CG  . PRO A 1 22 ? 2.289   -9.022  -5.266  1.00 29.46  ? 39  PRO A CG  1 
ATOM   141 C CD  . PRO A 1 22 ? 1.705   -9.700  -6.481  1.00 29.77  ? 39  PRO A CD  1 
ATOM   142 N N   . GLN A 1 23 ? -1.251  -6.539  -4.769  1.00 24.93  ? 40  GLN A N   1 
ATOM   143 C CA  . GLN A 1 23 ? -1.550  -5.123  -4.779  1.00 23.73  ? 40  GLN A CA  1 
ATOM   144 C C   . GLN A 1 23 ? -1.622  -4.624  -3.341  1.00 26.53  ? 40  GLN A C   1 
ATOM   145 O O   . GLN A 1 23 ? -1.939  -5.378  -2.427  1.00 27.38  ? 40  GLN A O   1 
ATOM   146 C CB  . GLN A 1 23 ? -2.853  -4.826  -5.517  1.00 27.63  ? 40  GLN A CB  1 
ATOM   147 C CG  . GLN A 1 23 ? -2.927  -5.390  -6.908  1.00 29.18  ? 40  GLN A CG  1 
ATOM   148 C CD  . GLN A 1 23 ? -4.163  -4.906  -7.634  1.00 29.57  ? 40  GLN A CD  1 
ATOM   149 O OE1 . GLN A 1 23 ? -5.139  -4.442  -6.998  1.00 27.26  ? 40  GLN A OE1 1 
ATOM   150 N NE2 . GLN A 1 23 ? -4.156  -5.014  -8.971  1.00 29.30  ? 40  GLN A NE2 1 
ATOM   151 N N   . VAL A 1 24 ? -1.298  -3.350  -3.156  1.00 26.13  ? 41  VAL A N   1 
ATOM   152 C CA  . VAL A 1 24 ? -1.388  -2.707  -1.865  1.00 24.86  ? 41  VAL A CA  1 
ATOM   153 C C   . VAL A 1 24 ? -2.402  -1.574  -1.911  1.00 23.03  ? 41  VAL A C   1 
ATOM   154 O O   . VAL A 1 24 ? -2.536  -0.846  -2.916  1.00 27.99  ? 41  VAL A O   1 
ATOM   155 C CB  . VAL A 1 24 ? -0.015  -2.212  -1.386  1.00 23.50  ? 41  VAL A CB  1 
ATOM   156 C CG1 . VAL A 1 24 ? 0.842   -3.371  -0.928  1.00 26.34  ? 41  VAL A CG1 1 
ATOM   157 C CG2 . VAL A 1 24 ? 0.686   -1.357  -2.451  1.00 27.64  ? 41  VAL A CG2 1 
ATOM   158 N N   . LEU A 1 25 ? -3.118  -1.401  -0.815  1.00 23.78  ? 42  LEU A N   1 
ATOM   159 C CA  . LEU A 1 25 ? -4.020  -0.259  -0.634  1.00 23.87  ? 42  LEU A CA  1 
ATOM   160 C C   . LEU A 1 25 ? -3.255  0.982   -0.109  1.00 27.42  ? 42  LEU A C   1 
ATOM   161 O O   . LEU A 1 25 ? -2.728  0.991   1.015   1.00 27.36  ? 42  LEU A O   1 
ATOM   162 C CB  . LEU A 1 25 ? -5.108  -0.670  0.356   1.00 27.26  ? 42  LEU A CB  1 
ATOM   163 C CG  . LEU A 1 25 ? -6.180  0.364   0.664   1.00 31.55  ? 42  LEU A CG  1 
ATOM   164 C CD1 . LEU A 1 25 ? -6.908  0.790   -0.612  1.00 30.32  ? 42  LEU A CD1 1 
ATOM   165 C CD2 . LEU A 1 25 ? -7.140  -0.201  1.676   1.00 29.70  ? 42  LEU A CD2 1 
ATOM   166 N N   . VAL A 1 26 ? -3.189  2.024   -0.921  1.00 27.84  ? 43  VAL A N   1 
ATOM   167 C CA  . VAL A 1 26 ? -2.347  3.157   -0.608  1.00 27.55  ? 43  VAL A CA  1 
ATOM   168 C C   . VAL A 1 26 ? -3.136  4.339   -0.053  1.00 27.94  ? 43  VAL A C   1 
ATOM   169 O O   . VAL A 1 26 ? -4.146  4.754   -0.623  1.00 29.20  ? 43  VAL A O   1 
ATOM   170 C CB  . VAL A 1 26 ? -1.615  3.621   -1.862  1.00 27.32  ? 43  VAL A CB  1 
ATOM   171 C CG1 . VAL A 1 26 ? -0.930  4.951   -1.610  1.00 28.16  ? 43  VAL A CG1 1 
ATOM   172 C CG2 . VAL A 1 26 ? -0.614  2.561   -2.324  1.00 29.43  ? 43  VAL A CG2 1 
ATOM   173 N N   . LYS A 1 27 ? -2.673  4.853   1.080   1.00 29.24  ? 44  LYS A N   1 
ATOM   174 C CA  . LYS A 1 27 ? -3.111  6.148   1.583   1.00 27.13  ? 44  LYS A CA  1 
ATOM   175 C C   . LYS A 1 27 ? -2.155  7.175   1.007   1.00 30.45  ? 44  LYS A C   1 
ATOM   176 O O   . LYS A 1 27 ? -0.937  7.090   1.205   1.00 28.60  ? 44  LYS A O   1 
ATOM   177 C CB  . LYS A 1 27 ? -3.056  6.143   3.111   1.00 32.92  ? 44  LYS A CB  1 
ATOM   178 C CG  . LYS A 1 27 ? -3.192  7.525   3.767   1.00 31.19  ? 44  LYS A CG  1 
ATOM   179 C CD  . LYS A 1 27 ? -4.546  8.190   3.544   1.00 34.08  ? 44  LYS A CD  1 
ATOM   180 C CE  . LYS A 1 27 ? -4.619  9.509   4.320   1.00 34.13  ? 44  LYS A CE  1 
ATOM   181 N NZ  . LYS A 1 27 ? -3.649  10.579  3.885   1.00 34.51  ? 44  LYS A NZ  1 
ATOM   182 N N   . TRP A 1 28 ? -2.668  8.147   0.257   1.00 25.56  ? 45  TRP A N   1 
ATOM   183 C CA  . TRP A 1 28 ? -1.785  9.139   -0.346  1.00 28.08  ? 45  TRP A CA  1 
ATOM   184 C C   . TRP A 1 28 ? -1.522  10.304  0.615   1.00 31.67  ? 45  TRP A C   1 
ATOM   185 O O   . TRP A 1 28 ? -2.433  10.800  1.286   1.00 31.47  ? 45  TRP A O   1 
ATOM   186 C CB  . TRP A 1 28 ? -2.333  9.611   -1.705  1.00 31.16  ? 45  TRP A CB  1 
ATOM   187 C CG  . TRP A 1 28 ? -2.523  8.471   -2.671  1.00 28.37  ? 45  TRP A CG  1 
ATOM   188 C CD1 . TRP A 1 28 ? -3.682  7.782   -2.915  1.00 34.25  ? 45  TRP A CD1 1 
ATOM   189 C CD2 . TRP A 1 28 ? -1.509  7.847   -3.483  1.00 29.95  ? 45  TRP A CD2 1 
ATOM   190 N NE1 . TRP A 1 28 ? -3.450  6.764   -3.830  1.00 31.85  ? 45  TRP A NE1 1 
ATOM   191 C CE2 . TRP A 1 28 ? -2.132  6.808   -4.214  1.00 30.07  ? 45  TRP A CE2 1 
ATOM   192 C CE3 . TRP A 1 28 ? -0.143  8.089   -3.682  1.00 32.64  ? 45  TRP A CE3 1 
ATOM   193 C CZ2 . TRP A 1 28 ? -1.432  5.986   -5.102  1.00 31.86  ? 45  TRP A CZ2 1 
ATOM   194 C CZ3 . TRP A 1 28 ? 0.549   7.278   -4.577  1.00 37.27  ? 45  TRP A CZ3 1 
ATOM   195 C CH2 . TRP A 1 28 ? -0.100  6.248   -5.276  1.00 34.50  ? 45  TRP A CH2 1 
ATOM   196 N N   . SER A 1 29 ? -0.279  10.742  0.689   1.00 28.03  ? 46  SER A N   1 
ATOM   197 C CA  . SER A 1 29 ? 0.061   11.872  1.532   1.00 27.73  ? 46  SER A CA  1 
ATOM   198 C C   . SER A 1 29 ? -0.746  13.089  1.121   1.00 32.13  ? 46  SER A C   1 
ATOM   199 O O   . SER A 1 29 ? -0.757  13.460  -0.041  1.00 30.91  ? 46  SER A O   1 
ATOM   200 C CB  . SER A 1 29 ? 1.542   12.170  1.414   1.00 30.62  ? 46  SER A CB  1 
ATOM   201 O OG  . SER A 1 29 ? 1.954   13.225  2.252   1.00 37.91  ? 46  SER A OG  1 
ATOM   202 N N   . GLY A 1 30 ? -1.426  13.701  2.081   1.00 29.97  ? 47  GLY A N   1 
ATOM   203 C CA  . GLY A 1 30 ? -2.134  14.941  1.813   1.00 32.50  ? 47  GLY A CA  1 
ATOM   204 C C   . GLY A 1 30 ? -3.412  14.742  1.027   1.00 33.65  ? 47  GLY A C   1 
ATOM   205 O O   . GLY A 1 30 ? -3.935  15.727  0.496   1.00 36.25  ? 47  GLY A O   1 
ATOM   206 N N   . PHE A 1 31 ? -3.893  13.499  0.931   1.00 33.64  ? 48  PHE A N   1 
ATOM   207 C CA  . PHE A 1 31 ? -5.227  13.176  0.419   1.00 36.08  ? 48  PHE A CA  1 
ATOM   208 C C   . PHE A 1 31 ? -6.042  12.527  1.516   1.00 39.45  ? 48  PHE A C   1 
ATOM   209 O O   . PHE A 1 31 ? -5.494  11.827  2.360   1.00 41.04  ? 48  PHE A O   1 
ATOM   210 C CB  . PHE A 1 31 ? -5.171  12.225  -0.777  1.00 35.04  ? 48  PHE A CB  1 
ATOM   211 C CG  . PHE A 1 31 ? -4.810  12.892  -2.052  1.00 36.01  ? 48  PHE A CG  1 
ATOM   212 C CD1 . PHE A 1 31 ? -3.486  13.210  -2.337  1.00 38.64  ? 48  PHE A CD1 1 
ATOM   213 C CD2 . PHE A 1 31 ? -5.785  13.250  -2.971  1.00 44.67  ? 48  PHE A CD2 1 
ATOM   214 C CE1 . PHE A 1 31 ? -3.145  13.835  -3.515  1.00 42.94  ? 48  PHE A CE1 1 
ATOM   215 C CE2 . PHE A 1 31 ? -5.442  13.887  -4.156  1.00 51.23  ? 48  PHE A CE2 1 
ATOM   216 C CZ  . PHE A 1 31 ? -4.122  14.190  -4.424  1.00 49.06  ? 48  PHE A CZ  1 
ATOM   217 N N   . PRO A 1 32 ? -7.364  12.738  1.488   1.00 40.71  ? 49  PRO A N   1 
ATOM   218 C CA  . PRO A 1 32 ? -8.313  12.025  2.340   1.00 44.31  ? 49  PRO A CA  1 
ATOM   219 C C   . PRO A 1 32 ? -8.424  10.548  1.985   1.00 40.56  ? 49  PRO A C   1 
ATOM   220 O O   . PRO A 1 32 ? -7.995  10.046  0.930   1.00 39.11  ? 49  PRO A O   1 
ATOM   221 C CB  . PRO A 1 32 ? -9.641  12.714  2.018   1.00 42.06  ? 49  PRO A CB  1 
ATOM   222 C CG  . PRO A 1 32 ? -9.268  14.020  1.390   1.00 50.37  ? 49  PRO A CG  1 
ATOM   223 C CD  . PRO A 1 32 ? -8.053  13.684  0.604   1.00 40.93  ? 49  PRO A CD  1 
ATOM   224 N N   . ASN A 1 33 ? -9.045  9.810   2.889   1.00 47.20  ? 50  ASN A N   1 
ATOM   225 C CA  . ASN A 1 33 ? -9.231  8.397   2.663   1.00 40.38  ? 50  ASN A CA  1 
ATOM   226 C C   . ASN A 1 33 ? -10.053 8.029   1.434   1.00 39.58  ? 50  ASN A C   1 
ATOM   227 O O   . ASN A 1 33 ? -9.795  6.995   0.837   1.00 41.16  ? 50  ASN A O   1 
ATOM   228 C CB  . ASN A 1 33 ? -9.787  7.721   3.910   1.00 45.85  ? 50  ASN A CB  1 
ATOM   229 C CG  . ASN A 1 33 ? -8.720  7.504   4.963   1.00 57.61  ? 50  ASN A CG  1 
ATOM   230 O OD1 . ASN A 1 33 ? -7.829  6.641   4.817   1.00 50.51  ? 50  ASN A OD1 1 
ATOM   231 N ND2 . ASN A 1 33 ? -8.785  8.303   6.027   1.00 68.89  ? 50  ASN A ND2 1 
ATOM   232 N N   . GLU A 1 34 ? -11.005 8.864   1.028   1.00 50.28  ? 51  GLU A N   1 
ATOM   233 C CA  . GLU A 1 34 ? -11.800 8.531   -0.162  1.00 56.25  ? 51  GLU A CA  1 
ATOM   234 C C   . GLU A 1 34 ? -10.940 8.508   -1.427  1.00 48.95  ? 51  GLU A C   1 
ATOM   235 O O   . GLU A 1 34 ? -11.375 8.010   -2.475  1.00 51.24  ? 51  GLU A O   1 
ATOM   236 C CB  . GLU A 1 34 ? -13.017 9.447   -0.342  1.00 63.66  ? 51  GLU A CB  1 
ATOM   237 C CG  . GLU A 1 34 ? -12.950 10.737  0.443   1.00 74.86  ? 51  GLU A CG  1 
ATOM   238 C CD  . GLU A 1 34 ? -13.151 10.548  1.930   1.00 77.03  ? 51  GLU A CD  1 
ATOM   239 O OE1 . GLU A 1 34 ? -14.283 10.776  2.390   1.00 84.89  ? 51  GLU A OE1 1 
ATOM   240 O OE2 . GLU A 1 34 ? -12.177 10.173  2.628   1.00 74.29  ? 51  GLU A OE2 1 
ATOM   241 N N   . ASN A 1 35 ? -9.707  9.007   -1.308  1.00 42.57  ? 52  ASN A N   1 
ATOM   242 C CA  . ASN A 1 35 ? -8.745  8.951   -2.395  1.00 39.71  ? 52  ASN A CA  1 
ATOM   243 C C   . ASN A 1 35 ? -7.787  7.749   -2.374  1.00 39.32  ? 52  ASN A C   1 
ATOM   244 O O   . ASN A 1 35 ? -6.959  7.616   -3.287  1.00 38.68  ? 52  ASN A O   1 
ATOM   245 C CB  . ASN A 1 35 ? -7.965  10.251  -2.437  1.00 38.38  ? 52  ASN A CB  1 
ATOM   246 C CG  . ASN A 1 35 ? -8.846  11.432  -2.769  1.00 51.51  ? 52  ASN A CG  1 
ATOM   247 O OD1 . ASN A 1 35 ? -9.580  11.945  -1.908  1.00 54.69  ? 52  ASN A OD1 1 
ATOM   248 N ND2 . ASN A 1 35 ? -8.797  11.870  -4.025  1.00 52.53  ? 52  ASN A ND2 1 
ATOM   249 N N   . ASN A 1 36 ? -7.887  6.880   -1.363  1.00 35.83  ? 53  ASN A N   1 
ATOM   250 C CA  . ASN A 1 36 ? -7.095  5.647   -1.349  1.00 35.25  ? 53  ASN A CA  1 
ATOM   251 C C   . ASN A 1 36 ? -7.328  4.798   -2.583  1.00 35.45  ? 53  ASN A C   1 
ATOM   252 O O   . ASN A 1 36 ? -8.453  4.670   -3.047  1.00 40.51  ? 53  ASN A O   1 
ATOM   253 C CB  . ASN A 1 36 ? -7.435  4.764   -0.157  1.00 34.54  ? 53  ASN A CB  1 
ATOM   254 C CG  . ASN A 1 36 ? -7.171  5.432   1.166   1.00 32.34  ? 53  ASN A CG  1 
ATOM   255 O OD1 . ASN A 1 36 ? -6.505  6.472   1.248   1.00 34.36  ? 53  ASN A OD1 1 
ATOM   256 N ND2 . ASN A 1 36 ? -7.688  4.812   2.236   1.00 35.90  ? 53  ASN A ND2 1 
ATOM   257 N N   . THR A 1 37 ? -6.264  4.198   -3.099  1.00 33.94  ? 54  THR A N   1 
ATOM   258 C CA  . THR A 1 37 ? -6.368  3.344   -4.282  1.00 33.20  ? 54  THR A CA  1 
ATOM   259 C C   . THR A 1 37 ? -5.538  2.067   -4.147  1.00 32.63  ? 54  THR A C   1 
ATOM   260 O O   . THR A 1 37 ? -4.540  2.023   -3.425  1.00 30.71  ? 54  THR A O   1 
ATOM   261 C CB  . THR A 1 37 ? -5.876  4.053   -5.537  1.00 32.87  ? 54  THR A CB  1 
ATOM   262 O OG1 . THR A 1 37 ? -4.529  4.478   -5.329  1.00 33.07  ? 54  THR A OG1 1 
ATOM   263 C CG2 . THR A 1 37 ? -6.751  5.243   -5.860  1.00 35.60  ? 54  THR A CG2 1 
ATOM   264 N N   . TRP A 1 38 ? -5.966  1.015   -4.839  1.00 30.59  ? 55  TRP A N   1 
ATOM   265 C CA  . TRP A 1 38 ? -5.225  -0.212  -4.899  1.00 28.26  ? 55  TRP A CA  1 
ATOM   266 C C   . TRP A 1 38 ? -4.230  -0.071  -6.026  1.00 28.80  ? 55  TRP A C   1 
ATOM   267 O O   . TRP A 1 38 ? -4.586  0.354   -7.123  1.00 34.48  ? 55  TRP A O   1 
ATOM   268 C CB  . TRP A 1 38 ? -6.168  -1.384  -5.167  1.00 30.13  ? 55  TRP A CB  1 
ATOM   269 C CG  . TRP A 1 38 ? -7.001  -1.794  -3.974  1.00 30.09  ? 55  TRP A CG  1 
ATOM   270 C CD1 . TRP A 1 38 ? -8.305  -1.471  -3.706  1.00 32.38  ? 55  TRP A CD1 1 
ATOM   271 C CD2 . TRP A 1 38 ? -6.559  -2.591  -2.886  1.00 26.57  ? 55  TRP A CD2 1 
ATOM   272 N NE1 . TRP A 1 38 ? -8.703  -2.042  -2.520  1.00 32.39  ? 55  TRP A NE1 1 
ATOM   273 C CE2 . TRP A 1 38 ? -7.652  -2.733  -2.002  1.00 28.88  ? 55  TRP A CE2 1 
ATOM   274 C CE3 . TRP A 1 38 ? -5.361  -3.227  -2.594  1.00 26.36  ? 55  TRP A CE3 1 
ATOM   275 C CZ2 . TRP A 1 38 ? -7.559  -3.503  -0.836  1.00 30.52  ? 55  TRP A CZ2 1 
ATOM   276 C CZ3 . TRP A 1 38 ? -5.272  -3.972  -1.417  1.00 26.19  ? 55  TRP A CZ3 1 
ATOM   277 C CH2 . TRP A 1 38 ? -6.357  -4.097  -0.561  1.00 30.42  ? 55  TRP A CH2 1 
ATOM   278 N N   . GLU A 1 39 ? -2.969  -0.384  -5.738  1.00 27.45  ? 56  GLU A N   1 
ATOM   279 C CA  . GLU A 1 39 ? -1.876  -0.244  -6.709  1.00 32.56  ? 56  GLU A CA  1 
ATOM   280 C C   . GLU A 1 39 ? -1.097  -1.546  -6.774  1.00 33.05  ? 56  GLU A C   1 
ATOM   281 O O   . GLU A 1 39 ? -0.857  -2.159  -5.743  1.00 28.74  ? 56  GLU A O   1 
ATOM   282 C CB  . GLU A 1 39 ? -0.898  0.872   -6.298  1.00 30.46  ? 56  GLU A CB  1 
ATOM   283 C CG  . GLU A 1 39 ? -1.541  2.231   -6.185  1.00 34.45  ? 56  GLU A CG  1 
ATOM   284 C CD  . GLU A 1 39 ? -2.123  2.730   -7.505  1.00 41.17  ? 56  GLU A CD  1 
ATOM   285 O OE1 . GLU A 1 39 ? -1.609  2.359   -8.583  1.00 41.88  ? 56  GLU A OE1 1 
ATOM   286 O OE2 . GLU A 1 39 ? -3.102  3.513   -7.463  1.00 47.02  ? 56  GLU A OE2 1 
ATOM   287 N N   . PRO A 1 40 ? -0.649  -1.950  -7.975  1.00 32.52  ? 57  PRO A N   1 
ATOM   288 C CA  . PRO A 1 40 ? 0.257   -3.104  -8.056  1.00 28.16  ? 57  PRO A CA  1 
ATOM   289 C C   . PRO A 1 40 ? 1.470   -2.871  -7.204  1.00 28.69  ? 57  PRO A C   1 
ATOM   290 O O   . PRO A 1 40 ? 1.999   -1.763  -7.192  1.00 30.40  ? 57  PRO A O   1 
ATOM   291 C CB  . PRO A 1 40 ? 0.669   -3.109  -9.515  1.00 29.93  ? 57  PRO A CB  1 
ATOM   292 C CG  . PRO A 1 40 ? -0.538  -2.545  -10.209 1.00 34.57  ? 57  PRO A CG  1 
ATOM   293 C CD  . PRO A 1 40 ? -0.999  -1.432  -9.305  1.00 33.01  ? 57  PRO A CD  1 
ATOM   294 N N   . LEU A 1 41 ? 1.905   -3.900  -6.490  1.00 31.52  ? 58  LEU A N   1 
ATOM   295 C CA  . LEU A 1 41 ? 3.058   -3.791  -5.623  1.00 31.04  ? 58  LEU A CA  1 
ATOM   296 C C   . LEU A 1 41 ? 4.273   -3.292  -6.404  1.00 35.85  ? 58  LEU A C   1 
ATOM   297 O O   . LEU A 1 41 ? 5.077   -2.512  -5.905  1.00 40.32  ? 58  LEU A O   1 
ATOM   298 C CB  . LEU A 1 41 ? 3.327   -5.146  -4.984  1.00 29.13  ? 58  LEU A CB  1 
ATOM   299 C CG  . LEU A 1 41 ? 4.428   -5.212  -3.949  1.00 32.00  ? 58  LEU A CG  1 
ATOM   300 C CD1 . LEU A 1 41 ? 4.175   -4.219  -2.828  1.00 34.89  ? 58  LEU A CD1 1 
ATOM   301 C CD2 . LEU A 1 41 ? 4.528   -6.629  -3.421  1.00 36.23  ? 58  LEU A CD2 1 
ATOM   302 N N   . GLU A 1 42 ? 4.391   -3.715  -7.655  1.00 39.47  ? 59  GLU A N   1 
ATOM   303 C CA  . GLU A 1 42 ? 5.570   -3.358  -8.440  1.00 44.24  ? 59  GLU A CA  1 
ATOM   304 C C   . GLU A 1 42 ? 5.520   -1.913  -8.909  1.00 47.81  ? 59  GLU A C   1 
ATOM   305 O O   . GLU A 1 42 ? 6.533   -1.354  -9.312  1.00 60.10  ? 59  GLU A O   1 
ATOM   306 C CB  . GLU A 1 42 ? 5.797   -4.330  -9.613  1.00 46.97  ? 59  GLU A CB  1 
ATOM   307 C CG  . GLU A 1 42 ? 4.631   -4.521  -10.555 1.00 51.15  ? 59  GLU A CG  1 
ATOM   308 C CD  . GLU A 1 42 ? 3.492   -5.335  -9.943  1.00 60.30  ? 59  GLU A CD  1 
ATOM   309 O OE1 . GLU A 1 42 ? 3.438   -5.501  -8.706  1.00 55.05  ? 59  GLU A OE1 1 
ATOM   310 O OE2 . GLU A 1 42 ? 2.635   -5.815  -10.707 1.00 75.21  ? 59  GLU A OE2 1 
ATOM   311 N N   . ASN A 1 43 ? 4.352   -1.300  -8.839  1.00 49.94  ? 60  ASN A N   1 
ATOM   312 C CA  . ASN A 1 43 ? 4.185   0.053   -9.352  1.00 52.68  ? 60  ASN A CA  1 
ATOM   313 C C   . ASN A 1 43 ? 4.084   1.059   -8.232  1.00 56.32  ? 60  ASN A C   1 
ATOM   314 O O   . ASN A 1 43 ? 3.494   2.129   -8.411  1.00 67.15  ? 60  ASN A O   1 
ATOM   315 C CB  . ASN A 1 43 ? 2.905   0.172   -10.190 1.00 47.25  ? 60  ASN A CB  1 
ATOM   316 C CG  . ASN A 1 43 ? 2.934   -0.677  -11.438 1.00 59.55  ? 60  ASN A CG  1 
ATOM   317 O OD1 . ASN A 1 43 ? 3.855   -1.463  -11.652 1.00 65.88  ? 60  ASN A OD1 1 
ATOM   318 N ND2 . ASN A 1 43 ? 1.911   -0.531  -12.272 1.00 64.53  ? 60  ASN A ND2 1 
ATOM   319 N N   . VAL A 1 44 ? 4.622   0.736   -7.068  1.00 37.89  ? 61  VAL A N   1 
ATOM   320 C CA  . VAL A 1 44 ? 4.347   1.608   -5.941  1.00 41.37  ? 61  VAL A CA  1 
ATOM   321 C C   . VAL A 1 44 ? 5.584   2.416   -5.622  1.00 48.08  ? 61  VAL A C   1 
ATOM   322 O O   . VAL A 1 44 ? 5.541   3.367   -4.843  1.00 48.72  ? 61  VAL A O   1 
ATOM   323 C CB  . VAL A 1 44 ? 3.829   0.811   -4.731  1.00 40.91  ? 61  VAL A CB  1 
ATOM   324 C CG1 . VAL A 1 44 ? 4.985   0.208   -3.966  1.00 48.83  ? 61  VAL A CG1 1 
ATOM   325 C CG2 . VAL A 1 44 ? 2.990   1.685   -3.840  1.00 45.76  ? 61  VAL A CG2 1 
ATOM   326 N N   . GLY A 1 45 ? 6.687   2.051   -6.262  1.00 65.53  ? 62  GLY A N   1 
ATOM   327 C CA  . GLY A 1 45 ? 7.935   2.768   -6.084  1.00 66.13  ? 62  GLY A CA  1 
ATOM   328 C C   . GLY A 1 45 ? 8.701   2.186   -4.920  1.00 67.21  ? 62  GLY A C   1 
ATOM   329 O O   . GLY A 1 45 ? 8.347   1.116   -4.408  1.00 72.44  ? 62  GLY A O   1 
ATOM   330 N N   . ASN A 1 46 ? 9.748   2.881   -4.495  1.00 43.84  ? 63  ASN A N   1 
ATOM   331 C CA  . ASN A 1 46 ? 10.481  2.441   -3.327  1.00 58.21  ? 63  ASN A CA  1 
ATOM   332 C C   . ASN A 1 46 ? 9.914   3.068   -2.064  1.00 55.68  ? 63  ASN A C   1 
ATOM   333 O O   . ASN A 1 46 ? 10.328  4.146   -1.638  1.00 57.41  ? 63  ASN A O   1 
ATOM   334 C CB  . ASN A 1 46 ? 11.972  2.739   -3.441  1.00 109.38 ? 63  ASN A CB  1 
ATOM   335 C CG  . ASN A 1 46 ? 12.779  2.131   -2.297  1.00 127.43 ? 63  ASN A CG  1 
ATOM   336 O OD1 . ASN A 1 46 ? 12.223  1.622   -1.318  1.00 129.87 ? 63  ASN A OD1 1 
ATOM   337 N ND2 . ASN A 1 46 ? 14.099  2.191   -2.414  1.00 135.40 ? 63  ASN A ND2 1 
ATOM   338 N N   . CYS A 1 47 ? 8.957   2.367   -1.478  1.00 55.36  ? 64  CYS A N   1 
ATOM   339 C CA  . CYS A 1 47 ? 8.438   2.683   -0.167  1.00 49.32  ? 64  CYS A CA  1 
ATOM   340 C C   . CYS A 1 47 ? 8.454   1.358   0.594   1.00 43.89  ? 64  CYS A C   1 
ATOM   341 O O   . CYS A 1 47 ? 7.478   0.970   1.253   1.00 46.14  ? 64  CYS A O   1 
ATOM   342 C CB  . CYS A 1 47 ? 7.030   3.233   -0.302  1.00 43.63  ? 64  CYS A CB  1 
ATOM   343 S SG  . CYS A 1 47 ? 5.970   2.259   -1.396  1.00 54.03  ? 64  CYS A SG  1 
ATOM   344 N N   . MET A 1 48 ? 9.577   0.659   0.474   1.00 35.84  ? 65  MET A N   1 
ATOM   345 C CA  . MET A 1 48 ? 9.705   -0.668  1.008   1.00 36.15  ? 65  MET A CA  1 
ATOM   346 C C   . MET A 1 48 ? 9.563   -0.641  2.506   1.00 38.22  ? 65  MET A C   1 
ATOM   347 O O   . MET A 1 48 ? 9.099   -1.612  3.094   1.00 34.70  ? 65  MET A O   1 
ATOM   348 C CB  . MET A 1 48 ? 11.026  -1.313  0.584   1.00 53.18  ? 65  MET A CB  1 
ATOM   349 C CG  . MET A 1 48 ? 11.081  -1.676  -0.899  1.00 54.02  ? 65  MET A CG  1 
ATOM   350 S SD  . MET A 1 48 ? 10.752  -3.419  -1.239  1.00 73.51  ? 65  MET A SD  1 
ATOM   351 C CE  . MET A 1 48 ? 9.381   -3.776  -0.150  1.00 57.77  ? 65  MET A CE  1 
ATOM   352 N N   . LYS A 1 49 ? 9.932   0.478   3.116   1.00 36.41  ? 66  LYS A N   1 
ATOM   353 C CA  . LYS A 1 49 ? 9.786   0.652   4.557   1.00 35.40  ? 66  LYS A CA  1 
ATOM   354 C C   . LYS A 1 49 ? 8.315   0.640   4.936   1.00 34.77  ? 66  LYS A C   1 
ATOM   355 O O   . LYS A 1 49 ? 7.911   0.011   5.925   1.00 31.37  ? 66  LYS A O   1 
ATOM   356 C CB  . LYS A 1 49 ? 10.414  1.975   4.997   1.00 47.86  ? 66  LYS A CB  1 
ATOM   357 C CG  . LYS A 1 49 ? 10.287  2.275   6.477   1.00 56.40  ? 66  LYS A CG  1 
ATOM   358 C CD  . LYS A 1 49 ? 10.790  1.091   7.294   1.00 69.13  ? 66  LYS A CD  1 
ATOM   359 C CE  . LYS A 1 49 ? 11.061  1.471   8.745   1.00 78.20  ? 66  LYS A CE  1 
ATOM   360 N NZ  . LYS A 1 49 ? 11.504  0.286   9.559   1.00 81.59  ? 66  LYS A NZ  1 
ATOM   361 N N   . LEU A 1 50 ? 7.515   1.311   4.126   1.00 32.72  ? 67  LEU A N   1 
ATOM   362 C CA  . LEU A 1 50 ? 6.084   1.378   4.353   1.00 31.27  ? 67  LEU A CA  1 
ATOM   363 C C   . LEU A 1 50 ? 5.433   -0.005  4.181   1.00 29.53  ? 67  LEU A C   1 
ATOM   364 O O   . LEU A 1 50 ? 4.541   -0.393  4.974   1.00 30.33  ? 67  LEU A O   1 
ATOM   365 C CB  . LEU A 1 50 ? 5.453   2.445   3.439   1.00 30.08  ? 67  LEU A CB  1 
ATOM   366 C CG  . LEU A 1 50 ? 5.869   3.876   3.796   1.00 30.25  ? 67  LEU A CG  1 
ATOM   367 C CD1 . LEU A 1 50 ? 5.198   4.895   2.868   1.00 30.74  ? 67  LEU A CD1 1 
ATOM   368 C CD2 . LEU A 1 50 ? 5.558   4.195   5.254   1.00 35.90  ? 67  LEU A CD2 1 
ATOM   369 N N   . VAL A 1 51 ? 5.881   -0.744  3.163   1.00 31.22  ? 68  VAL A N   1 
ATOM   370 C CA  . VAL A 1 51 ? 5.408   -2.105  2.930   1.00 30.85  ? 68  VAL A CA  1 
ATOM   371 C C   . VAL A 1 51 ? 5.759   -2.999  4.119   1.00 32.14  ? 68  VAL A C   1 
ATOM   372 O O   . VAL A 1 51 ? 4.897   -3.737  4.651   1.00 29.87  ? 68  VAL A O   1 
ATOM   373 C CB  . VAL A 1 51 ? 5.928   -2.681  1.595   1.00 31.89  ? 68  VAL A CB  1 
ATOM   374 C CG1 . VAL A 1 51 ? 5.598   -4.152  1.465   1.00 37.00  ? 68  VAL A CG1 1 
ATOM   375 C CG2 . VAL A 1 51 ? 5.273   -1.917  0.469   1.00 33.82  ? 68  VAL A CG2 1 
ATOM   376 N N   . SER A 1 52 ? 6.999   -2.871  4.576   1.00 30.56  ? 69  SER A N   1 
ATOM   377 C CA  . SER A 1 52 ? 7.476   -3.598  5.741   1.00 30.40  ? 69  SER A CA  1 
ATOM   378 C C   . SER A 1 52 ? 6.634   -3.309  6.997   1.00 29.01  ? 69  SER A C   1 
ATOM   379 O O   . SER A 1 52 ? 6.261   -4.223  7.740   1.00 29.94  ? 69  SER A O   1 
ATOM   380 C CB  . SER A 1 52 ? 8.942   -3.273  5.989   1.00 29.44  ? 69  SER A CB  1 
ATOM   381 O OG  . SER A 1 52 ? 9.375   -3.974  7.148   1.00 35.64  ? 69  SER A OG  1 
ATOM   382 N N   . ASP A 1 53 ? 6.321   -2.042  7.230   1.00 28.40  ? 70  ASP A N   1 
ATOM   383 C CA  . ASP A 1 53 ? 5.437   -1.692  8.338   1.00 29.79  ? 70  ASP A CA  1 
ATOM   384 C C   . ASP A 1 53 ? 4.103   -2.422  8.265   1.00 31.36  ? 70  ASP A C   1 
ATOM   385 O O   . ASP A 1 53 ? 3.614   -3.002  9.265   1.00 32.20  ? 70  ASP A O   1 
ATOM   386 C CB  . ASP A 1 53 ? 5.166   -0.189  8.304   1.00 32.91  ? 70  ASP A CB  1 
ATOM   387 C CG  . ASP A 1 53 ? 6.397   0.628   8.619   1.00 44.08  ? 70  ASP A CG  1 
ATOM   388 O OD1 . ASP A 1 53 ? 7.354   0.076   9.219   1.00 47.88  ? 70  ASP A OD1 1 
ATOM   389 O OD2 . ASP A 1 53 ? 6.390   1.834   8.282   1.00 44.05  ? 70  ASP A OD2 1 
ATOM   390 N N   . PHE A 1 54 ? 3.487   -2.354  7.089   1.00 29.16  ? 71  PHE A N   1 
ATOM   391 C CA  . PHE A 1 54 ? 2.208   -3.004  6.935   1.00 29.98  ? 71  PHE A CA  1 
ATOM   392 C C   . PHE A 1 54 ? 2.305   -4.504  7.240   1.00 29.09  ? 71  PHE A C   1 
ATOM   393 O O   . PHE A 1 54 ? 1.529   -5.061  8.052   1.00 31.93  ? 71  PHE A O   1 
ATOM   394 C CB  . PHE A 1 54 ? 1.638   -2.796  5.533   1.00 31.67  ? 71  PHE A CB  1 
ATOM   395 C CG  . PHE A 1 54 ? 0.472   -3.685  5.242   1.00 33.57  ? 71  PHE A CG  1 
ATOM   396 C CD1 . PHE A 1 54 ? -0.780  -3.381  5.741   1.00 35.25  ? 71  PHE A CD1 1 
ATOM   397 C CD2 . PHE A 1 54 ? 0.636   -4.825  4.476   1.00 35.82  ? 71  PHE A CD2 1 
ATOM   398 C CE1 . PHE A 1 54 ? -1.838  -4.206  5.483   1.00 37.35  ? 71  PHE A CE1 1 
ATOM   399 C CE2 . PHE A 1 54 ? -0.425  -5.655  4.210   1.00 40.87  ? 71  PHE A CE2 1 
ATOM   400 C CZ  . PHE A 1 54 ? -1.647  -5.352  4.709   1.00 33.70  ? 71  PHE A CZ  1 
ATOM   401 N N   . GLU A 1 55 ? 3.254   -5.164  6.589   1.00 28.16  ? 72  GLU A N   1 
ATOM   402 C CA  . GLU A 1 55 ? 3.366   -6.602  6.743   1.00 29.14  ? 72  GLU A CA  1 
ATOM   403 C C   . GLU A 1 55 ? 3.588   -6.997  8.181   1.00 34.70  ? 72  GLU A C   1 
ATOM   404 O O   . GLU A 1 55 ? 3.087   -8.055  8.625   1.00 33.84  ? 72  GLU A O   1 
ATOM   405 C CB  . GLU A 1 55 ? 4.441   -7.156  5.827   1.00 29.10  ? 72  GLU A CB  1 
ATOM   406 C CG  . GLU A 1 55 ? 4.003   -6.988  4.402   1.00 31.53  ? 72  GLU A CG  1 
ATOM   407 C CD  . GLU A 1 55 ? 4.742   -7.895  3.450   1.00 38.11  ? 72  GLU A CD  1 
ATOM   408 O OE1 . GLU A 1 55 ? 5.429   -8.829  3.924   1.00 46.69  ? 72  GLU A OE1 1 
ATOM   409 O OE2 . GLU A 1 55 ? 4.633   -7.673  2.222   1.00 37.76  ? 72  GLU A OE2 1 
ATOM   410 N N   . SER A 1 56 ? 4.336   -6.161  8.905   1.00 31.50  ? 73  SER A N   1 
ATOM   411 C CA  . SER A 1 56 ? 4.570   -6.405  10.334  1.00 33.14  ? 73  SER A CA  1 
ATOM   412 C C   . SER A 1 56 ? 3.279   -6.332  11.125  1.00 37.82  ? 73  SER A C   1 
ATOM   413 O O   . SER A 1 56 ? 3.064   -7.140  12.042  1.00 41.22  ? 73  SER A O   1 
ATOM   414 C CB  . SER A 1 56 ? 5.572   -5.417  10.917  1.00 35.84  ? 73  SER A CB  1 
ATOM   415 O OG  . SER A 1 56 ? 6.829   -5.588  10.312  1.00 39.59  ? 73  SER A OG  1 
ATOM   416 N N   . GLU A 1 57 ? 2.425   -5.366  10.776  1.00 35.40  ? 74  GLU A N   1 
ATOM   417 C CA  . GLU A 1 57 ? 1.148   -5.232  11.454  1.00 40.74  ? 74  GLU A CA  1 
ATOM   418 C C   . GLU A 1 57 ? 0.248   -6.440  11.169  1.00 37.03  ? 74  GLU A C   1 
ATOM   419 O O   . GLU A 1 57 ? -0.429  -6.926  12.068  1.00 42.62  ? 74  GLU A O   1 
ATOM   420 C CB  . GLU A 1 57 ? 0.472   -3.890  11.107  1.00 37.12  ? 74  GLU A CB  1 
ATOM   421 C CG  . GLU A 1 57 ? -0.966  -3.730  11.589  1.00 48.57  ? 74  GLU A CG  1 
ATOM   422 C CD  . GLU A 1 57 ? -1.090  -3.692  13.109  1.00 62.02  ? 74  GLU A CD  1 
ATOM   423 O OE1 . GLU A 1 57 ? -0.032  -3.631  13.792  1.00 65.38  ? 74  GLU A OE1 1 
ATOM   424 O OE2 . GLU A 1 57 ? -2.251  -3.715  13.609  1.00 62.55  ? 74  GLU A OE2 1 
ATOM   425 N N   . VAL A 1 58 ? 0.247   -6.938  9.937   1.00 37.58  ? 75  VAL A N   1 
ATOM   426 C CA  . VAL A 1 58 ? -0.532  -8.148  9.642   1.00 41.95  ? 75  VAL A CA  1 
ATOM   427 C C   . VAL A 1 58 ? -0.039  -9.327  10.474  1.00 42.71  ? 75  VAL A C   1 
ATOM   428 O O   . VAL A 1 58 ? -0.799  -9.930  11.247  1.00 48.53  ? 75  VAL A O   1 
ATOM   429 C CB  . VAL A 1 58 ? -0.459  -8.522  8.154   1.00 43.73  ? 75  VAL A CB  1 
ATOM   430 C CG1 . VAL A 1 58 ? -1.344  -9.712  7.872   1.00 42.52  ? 75  VAL A CG1 1 
ATOM   431 C CG2 . VAL A 1 58 ? -0.881  -7.345  7.306   1.00 44.44  ? 75  VAL A CG2 1 
ATOM   432 N N   . PHE A 1 59 ? 1.250   -9.631  10.326  1.00 41.75  ? 76  PHE A N   1 
ATOM   433 C CA  . PHE A 1 59 ? 1.865   -10.755 11.023  1.00 40.28  ? 76  PHE A CA  1 
ATOM   434 C C   . PHE A 1 59 ? 1.665   -10.717 12.559  1.00 45.45  ? 76  PHE A C   1 
ATOM   435 O O   . PHE A 1 59 ? 1.493   -11.763 13.221  1.00 45.46  ? 76  PHE A O   1 
ATOM   436 C CB  . PHE A 1 59 ? 3.356   -10.841 10.668  1.00 37.83  ? 76  PHE A CB  1 
ATOM   437 C CG  . PHE A 1 59 ? 4.007   -12.179 11.041  1.00 39.96  ? 76  PHE A CG  1 
ATOM   438 C CD1 . PHE A 1 59 ? 3.735   -13.338 10.303  1.00 41.53  ? 76  PHE A CD1 1 
ATOM   439 C CD2 . PHE A 1 59 ? 4.904   -12.275 12.111  1.00 41.27  ? 76  PHE A CD2 1 
ATOM   440 C CE1 . PHE A 1 59 ? 4.354   -14.564 10.620  1.00 46.14  ? 76  PHE A CE1 1 
ATOM   441 C CE2 . PHE A 1 59 ? 5.518   -13.505 12.439  1.00 43.53  ? 76  PHE A CE2 1 
ATOM   442 C CZ  . PHE A 1 59 ? 5.237   -14.645 11.696  1.00 44.58  ? 76  PHE A CZ  1 
ATOM   443 N N   . ARG A 1 60 ? 1.684   -9.502  13.110  1.00 53.68  ? 77  ARG A N   1 
ATOM   444 C CA  . ARG A 1 60 ? 1.395   -9.256  14.528  1.00 58.28  ? 77  ARG A CA  1 
ATOM   445 C C   . ARG A 1 60 ? 0.131   -10.014 15.001  1.00 65.48  ? 77  ARG A C   1 
ATOM   446 O O   . ARG A 1 60 ? 0.189   -10.764 15.978  1.00 63.56  ? 77  ARG A O   1 
ATOM   447 C CB  . ARG A 1 60 ? 1.279   -7.739  14.798  1.00 57.54  ? 77  ARG A CB  1 
ATOM   448 C CG  . ARG A 1 60 ? 1.571   -7.298  16.234  1.00 64.07  ? 77  ARG A CG  1 
ATOM   449 C CD  . ARG A 1 60 ? 1.212   -5.825  16.485  1.00 70.14  ? 77  ARG A CD  1 
ATOM   450 N NE  . ARG A 1 60 ? -0.229  -5.587  16.383  1.00 83.00  ? 77  ARG A NE  1 
ATOM   451 C CZ  . ARG A 1 60 ? -0.897  -4.646  17.053  1.00 91.68  ? 77  ARG A CZ  1 
ATOM   452 N NH1 . ARG A 1 60 ? -0.256  -3.832  17.888  1.00 96.37  ? 77  ARG A NH1 1 
ATOM   453 N NH2 . ARG A 1 60 ? -2.214  -4.518  16.891  1.00 89.95  ? 77  ARG A NH2 1 
ATOM   454 N N   . LEU A 1 61 ? -0.990  -9.841  14.297  1.00 67.89  ? 78  LEU A N   1 
ATOM   455 C CA  . LEU A 1 61 ? -2.227  -10.516 14.665  1.00 73.30  ? 78  LEU A CA  1 
ATOM   456 C C   . LEU A 1 61 ? -2.579  -11.593 13.643  1.00 76.89  ? 78  LEU A C   1 
ATOM   457 O O   . LEU A 1 61 ? -3.088  -12.659 13.994  1.00 82.37  ? 78  LEU A O   1 
ATOM   458 C CB  . LEU A 1 61 ? -3.365  -9.511  14.813  1.00 68.59  ? 78  LEU A CB  1 
ATOM   459 C CG  . LEU A 1 61 ? -2.915  -8.104  15.207  1.00 69.68  ? 78  LEU A CG  1 
ATOM   460 C CD1 . LEU A 1 61 ? -3.714  -7.059  14.446  1.00 70.48  ? 78  LEU A CD1 1 
ATOM   461 C CD2 . LEU A 1 61 ? -3.021  -7.854  16.706  1.00 73.38  ? 78  LEU A CD2 1 
HETATM 462 O O   . HOH B 2 .  ? -7.509  -1.347  5.609   1.00 27.36  ? 101 HOH A O   1 
HETATM 463 O O   . HOH B 2 .  ? -1.761  -6.194  -10.485 1.00 29.86  ? 102 HOH A O   1 
HETATM 464 O O   . HOH B 2 .  ? 2.718   1.424   5.798   1.00 30.07  ? 103 HOH A O   1 
HETATM 465 O O   . HOH B 2 .  ? -3.179  -8.450  -11.686 1.00 34.95  ? 104 HOH A O   1 
HETATM 466 O O   . HOH B 2 .  ? -8.768  1.426   -6.153  1.00 34.15  ? 105 HOH A O   1 
HETATM 467 O O   . HOH B 2 .  ? -5.480  8.626   0.045   1.00 31.49  ? 106 HOH A O   1 
HETATM 468 O O   . HOH B 2 .  ? -6.295  16.686  2.009   1.00 31.52  ? 107 HOH A O   1 
HETATM 469 O O   . HOH B 2 .  ? -8.846  -10.107 -15.511 1.00 30.05  ? 108 HOH A O   1 
HETATM 470 O O   . HOH B 2 .  ? -4.505  13.068  4.987   1.00 39.92  ? 109 HOH A O   1 
HETATM 471 O O   . HOH B 2 .  ? -10.365 -5.699  -2.684  1.00 33.16  ? 110 HOH A O   1 
HETATM 472 O O   . HOH B 2 .  ? 6.539   7.510   0.191   1.00 41.23  ? 111 HOH A O   1 
HETATM 473 O O   . HOH B 2 .  ? 3.240   5.763   7.209   1.00 38.97  ? 112 HOH A O   1 
HETATM 474 O O   . HOH B 2 .  ? 1.938   12.846  4.994   1.00 46.34  ? 113 HOH A O   1 
HETATM 475 O O   . HOH B 2 .  ? 0.546   0.026   7.736   1.00 43.71  ? 114 HOH A O   1 
HETATM 476 O O   . HOH B 2 .  ? -7.866  -7.723  -13.729 1.00 35.64  ? 115 HOH A O   1 
HETATM 477 O O   . HOH B 2 .  ? 3.599   3.059   8.158   1.00 45.42  ? 116 HOH A O   1 
HETATM 478 O O   . HOH B 2 .  ? -6.250  -4.256  -10.817 1.00 41.19  ? 117 HOH A O   1 
HETATM 479 O O   . HOH B 2 .  ? 0.392   -6.863  -9.185  1.00 43.40  ? 118 HOH A O   1 
HETATM 480 O O   . HOH B 2 .  ? -2.683  -17.352 -7.591  1.00 44.30  ? 119 HOH A O   1 
HETATM 481 O O   . HOH B 2 .  ? -10.514 6.088   -4.504  1.00 47.70  ? 120 HOH A O   1 
HETATM 482 O O   . HOH B 2 .  ? 8.502   3.698   8.798   1.00 56.81  ? 121 HOH A O   1 
HETATM 483 O O   . HOH B 2 .  ? -1.212  13.282  4.972   1.00 58.51  ? 122 HOH A O   1 
HETATM 484 O O   . HOH B 2 .  ? -8.308  18.240  1.444   1.00 45.40  ? 123 HOH A O   1 
HETATM 485 O O   . HOH B 2 .  ? 4.937   8.500   5.438   1.00 48.33  ? 124 HOH A O   1 
HETATM 486 O O   . HOH B 2 .  ? -6.284  -13.671 -7.097  0.50 20.49  ? 125 HOH A O   1 
HETATM 487 O O   . HOH B 2 .  ? -5.088  -16.748 -6.963  0.50 73.14  ? 126 HOH A O   1 
HETATM 488 O O   . HOH B 2 .  ? -8.367  20.235  -0.409  1.00 39.12  ? 127 HOH A O   1 
HETATM 489 O O   . HOH B 2 .  ? -7.944  -12.745 -17.325 1.00 39.61  ? 128 HOH A O   1 
HETATM 490 O O   . HOH B 2 .  ? 6.077   -7.258  0.202   0.50 52.74  ? 129 HOH A O   1 
HETATM 491 O O   . HOH B 2 .  ? 9.136   0.791   10.984  1.00 62.55  ? 130 HOH A O   1 
HETATM 492 O O   . HOH B 2 .  ? 11.822  2.491   2.043   1.00 43.28  ? 131 HOH A O   1 
HETATM 493 O O   . HOH B 2 .  ? -11.616 -2.125  -1.286  1.00 52.57  ? 132 HOH A O   1 
HETATM 494 O O   . HOH B 2 .  ? 3.516   11.238  7.028   1.00 54.96  ? 133 HOH A O   1 
HETATM 495 O O   . HOH B 2 .  ? -6.206  8.729   -5.786  1.00 49.38  ? 134 HOH A O   1 
HETATM 496 O O   . HOH B 2 .  ? -2.358  14.521  -11.020 1.00 60.80  ? 135 HOH A O   1 
HETATM 497 O O   . HOH B 2 .  ? 1.441   -3.750  -12.748 1.00 55.45  ? 136 HOH A O   1 
HETATM 498 O O   . HOH B 2 .  ? 5.787   7.776   -2.808  1.00 35.48  ? 137 HOH A O   1 
HETATM 499 O O   . HOH B 2 .  ? -8.354  -14.029 -14.691 1.00 41.91  ? 138 HOH A O   1 
HETATM 500 O O   . HOH B 2 .  ? 9.133   4.008   2.866   1.00 40.93  ? 139 HOH A O   1 
HETATM 501 O O   . HOH B 2 .  ? -10.506 -0.587  0.635   1.00 55.48  ? 140 HOH A O   1 
HETATM 502 O O   . HOH B 2 .  ? -9.693  -2.336  -8.602  1.00 50.99  ? 141 HOH A O   1 
HETATM 503 O O   . HOH B 2 .  ? -6.610  19.040  3.888   1.00 48.09  ? 142 HOH A O   1 
HETATM 504 O O   . HOH B 2 .  ? 5.485   6.490   8.449   1.00 60.30  ? 143 HOH A O   1 
HETATM 505 O O   . HOH B 2 .  ? -4.944  -7.466  -13.356 1.00 54.52  ? 144 HOH A O   1 
HETATM 506 O O   . HOH B 2 .  ? -16.336 14.978  -1.716  1.00 53.25  ? 145 HOH A O   1 
# 
loop_
_atom_site_anisotrop.id 
_atom_site_anisotrop.type_symbol 
_atom_site_anisotrop.pdbx_label_atom_id 
_atom_site_anisotrop.pdbx_label_alt_id 
_atom_site_anisotrop.pdbx_label_comp_id 
_atom_site_anisotrop.pdbx_label_asym_id 
_atom_site_anisotrop.pdbx_label_seq_id 
_atom_site_anisotrop.pdbx_PDB_ins_code 
_atom_site_anisotrop.U[1][1] 
_atom_site_anisotrop.U[2][2] 
_atom_site_anisotrop.U[3][3] 
_atom_site_anisotrop.U[1][2] 
_atom_site_anisotrop.U[1][3] 
_atom_site_anisotrop.U[2][3] 
_atom_site_anisotrop.pdbx_auth_seq_id 
_atom_site_anisotrop.pdbx_auth_comp_id 
_atom_site_anisotrop.pdbx_auth_asym_id 
_atom_site_anisotrop.pdbx_auth_atom_id 
1   N N   . GLU A 6  ? 1.2187 1.0235 1.0475 0.0509  -0.0003 0.1004  23 GLU A N   
2   C CA  . GLU A 6  ? 1.1645 0.9644 0.9778 0.0626  -0.0281 0.0642  23 GLU A CA  
3   C C   . GLU A 6  ? 1.0713 0.8531 0.9137 0.0439  -0.0522 0.0542  23 GLU A C   
4   O O   . GLU A 6  ? 1.1074 0.8664 0.9713 0.0261  -0.0563 0.0732  23 GLU A O   
5   C CB  . GLU A 6  ? 0.9512 0.7928 0.7780 0.0723  -0.0257 0.0405  23 GLU A CB  
6   C CG  . GLU A 6  ? 0.9377 0.8127 0.8224 0.0501  -0.0180 0.0443  23 GLU A CG  
7   C CD  . GLU A 6  ? 0.9518 0.8514 0.8600 0.0510  -0.0337 0.0167  23 GLU A CD  
8   O OE1 . GLU A 6  ? 0.9946 0.8998 0.8833 0.0727  -0.0409 -0.0032 23 GLU A OE1 
9   O OE2 . GLU A 6  ? 0.8917 0.8021 0.8395 0.0309  -0.0411 0.0164  23 GLU A OE2 
10  N N   . TYR A 7  ? 0.7650 0.5554 0.6088 0.0499  -0.0683 0.0245  24 TYR A N   
11  C CA  . TYR A 7  ? 0.6569 0.4315 0.5160 0.0379  -0.0884 0.0119  24 TYR A CA  
12  C C   . TYR A 7  ? 0.6108 0.4125 0.5078 0.0208  -0.0892 0.0092  24 TYR A C   
13  O O   . TYR A 7  ? 0.5935 0.4273 0.5130 0.0167  -0.0741 0.0174  24 TYR A O   
14  C CB  . TYR A 7  ? 0.6323 0.3948 0.4677 0.0563  -0.1023 -0.0150 24 TYR A CB  
15  C CG  . TYR A 7  ? 0.6773 0.4027 0.4824 0.0699  -0.1109 -0.0126 24 TYR A CG  
16  C CD1 . TYR A 7  ? 0.6778 0.3643 0.4817 0.0618  -0.1260 -0.0065 24 TYR A CD1 
17  C CD2 . TYR A 7  ? 0.7295 0.4553 0.5092 0.0920  -0.1088 -0.0173 24 TYR A CD2 
18  C CE1 . TYR A 7  ? 0.7764 0.4264 0.5560 0.0739  -0.1368 -0.0026 24 TYR A CE1 
19  C CE2 . TYR A 7  ? 0.7586 0.4460 0.5081 0.1054  -0.1211 -0.0141 24 TYR A CE2 
20  C CZ  . TYR A 7  ? 0.7657 0.4164 0.5160 0.0954  -0.1337 -0.0055 24 TYR A CZ  
21  O OH  . TYR A 7  ? 0.8588 0.4698 0.5826 0.1086  -0.1484 -0.0011 24 TYR A OH  
22  N N   . VAL A 8  ? 0.4926 0.2783 0.3937 0.0130  -0.1086 -0.0030 25 VAL A N   
23  C CA  . VAL A 8  ? 0.4758 0.2759 0.4074 -0.0031 -0.1163 -0.0030 25 VAL A CA  
24  C C   . VAL A 8  ? 0.4498 0.2700 0.3690 0.0056  -0.1183 -0.0222 25 VAL A C   
25  O O   . VAL A 8  ? 0.4836 0.2894 0.3727 0.0184  -0.1241 -0.0387 25 VAL A O   
26  C CB  . VAL A 8  ? 0.5041 0.2672 0.4483 -0.0169 -0.1420 -0.0015 25 VAL A CB  
27  C CG1 . VAL A 8  ? 0.4945 0.2670 0.4671 -0.0310 -0.1567 -0.0038 25 VAL A CG1 
28  C CG2 . VAL A 8  ? 0.5309 0.2757 0.5022 -0.0278 -0.1379 0.0242  25 VAL A CG2 
29  N N   . VAL A 9  ? 0.4226 0.2773 0.3697 -0.0008 -0.1113 -0.0182 26 VAL A N   
30  C CA  . VAL A 9  ? 0.4190 0.2930 0.3626 0.0046  -0.1126 -0.0289 26 VAL A CA  
31  C C   . VAL A 9  ? 0.4458 0.2951 0.3700 -0.0013 -0.1331 -0.0350 26 VAL A C   
32  O O   . VAL A 9  ? 0.4925 0.3294 0.4358 -0.0166 -0.1501 -0.0288 26 VAL A O   
33  C CB  . VAL A 9  ? 0.4153 0.3280 0.4006 -0.0025 -0.1051 -0.0214 26 VAL A CB  
34  C CG1 . VAL A 9  ? 0.4672 0.3980 0.4560 0.0003  -0.1084 -0.0264 26 VAL A CG1 
35  C CG2 . VAL A 9  ? 0.3892 0.3243 0.3851 0.0092  -0.0873 -0.0202 26 VAL A CG2 
36  N N   . GLU A 10 ? 0.4977 0.3387 0.3848 0.0133  -0.1323 -0.0479 27 GLU A N   
37  C CA  . GLU A 10 ? 0.5007 0.3152 0.3513 0.0150  -0.1507 -0.0564 27 GLU A CA  
38  C C   . GLU A 10 ? 0.5010 0.3372 0.3484 0.0153  -0.1471 -0.0509 27 GLU A C   
39  O O   . GLU A 10 ? 0.5304 0.3496 0.3618 0.0095  -0.1685 -0.0503 27 GLU A O   
40  C CB  . GLU A 10 ? 0.5629 0.3501 0.3659 0.0347  -0.1496 -0.0744 27 GLU A CB  
41  C CG  . GLU A 10 ? 0.6470 0.4041 0.3971 0.0439  -0.1673 -0.0874 27 GLU A CG  
42  C CD  . GLU A 10 ? 0.7061 0.4457 0.4085 0.0689  -0.1572 -0.1069 27 GLU A CD  
43  O OE1 . GLU A 10 ? 0.8197 0.5472 0.4706 0.0836  -0.1576 -0.1157 27 GLU A OE1 
44  O OE2 . GLU A 10 ? 0.7980 0.5345 0.5119 0.0759  -0.1491 -0.1139 27 GLU A OE2 
45  N N   . LYS A 11 ? 0.4811 0.3516 0.3457 0.0231  -0.1236 -0.0463 28 LYS A N   
46  C CA  . LYS A 11 ? 0.5018 0.3933 0.3687 0.0243  -0.1171 -0.0363 28 LYS A CA  
47  C C   . LYS A 11 ? 0.4492 0.3827 0.3694 0.0269  -0.0977 -0.0295 28 LYS A C   
48  O O   . LYS A 11 ? 0.4217 0.3618 0.3555 0.0367  -0.0865 -0.0375 28 LYS A O   
49  C CB  . LYS A 11 ? 0.5236 0.3969 0.3309 0.0423  -0.1084 -0.0418 28 LYS A CB  
50  C CG  . LYS A 11 ? 0.5506 0.4385 0.3468 0.0446  -0.1004 -0.0250 28 LYS A CG  
51  C CD  . LYS A 11 ? 0.6409 0.5063 0.3642 0.0660  -0.0881 -0.0299 28 LYS A CD  
52  C CE  . LYS A 11 ? 0.6595 0.5369 0.3632 0.0705  -0.0750 -0.0073 28 LYS A CE  
53  N NZ  . LYS A 11 ? 0.7649 0.6018 0.3929 0.0744  -0.1021 -0.0097 28 LYS A NZ  
54  N N   . ILE A 12 ? 0.3776 0.3363 0.3313 0.0191  -0.0990 -0.0161 29 ILE A N   
55  C CA  . ILE A 12 ? 0.3707 0.3674 0.3809 0.0235  -0.0859 -0.0109 29 ILE A CA  
56  C C   . ILE A 12 ? 0.3564 0.3618 0.3606 0.0347  -0.0678 0.0000  29 ILE A C   
57  O O   . ILE A 12 ? 0.3991 0.3955 0.3723 0.0320  -0.0693 0.0135  29 ILE A O   
58  C CB  . ILE A 12 ? 0.3046 0.3252 0.3672 0.0093  -0.0989 -0.0027 29 ILE A CB  
59  C CG1 . ILE A 12 ? 0.2917 0.3074 0.3640 0.0006  -0.1080 -0.0108 29 ILE A CG1 
60  C CG2 . ILE A 12 ? 0.2716 0.3297 0.3995 0.0157  -0.0918 0.0007  29 ILE A CG2 
61  C CD1 . ILE A 12 ? 0.3081 0.3287 0.3860 0.0125  -0.0973 -0.0225 29 ILE A CD1 
62  N N   . LEU A 13 ? 0.3159 0.3379 0.3512 0.0484  -0.0507 -0.0043 30 LEU A N   
63  C CA  . LEU A 13 ? 0.3357 0.3677 0.3740 0.0606  -0.0262 0.0077  30 LEU A CA  
64  C C   . LEU A 13 ? 0.3301 0.4001 0.4525 0.0605  -0.0191 0.0230  30 LEU A C   
65  O O   . LEU A 13 ? 0.3110 0.3944 0.4531 0.0692  0.0047  0.0388  30 LEU A O   
66  C CB  . LEU A 13 ? 0.3560 0.3775 0.3806 0.0779  -0.0116 -0.0084 30 LEU A CB  
67  C CG  . LEU A 13 ? 0.3989 0.3810 0.3485 0.0818  -0.0188 -0.0257 30 LEU A CG  
68  C CD1 . LEU A 13 ? 0.4068 0.3830 0.3606 0.1003  -0.0054 -0.0421 30 LEU A CD1 
69  C CD2 . LEU A 13 ? 0.4709 0.4309 0.3505 0.0833  -0.0162 -0.0183 30 LEU A CD2 
70  N N   . GLY A 14 ? 0.3715 0.3113 0.3421 -0.0003 0.0231  0.0448  31 GLY A N   
71  C CA  . GLY A 14 ? 0.3743 0.3091 0.3616 0.0006  0.0285  0.0449  31 GLY A CA  
72  C C   . GLY A 14 ? 0.3204 0.2799 0.3254 0.0119  0.0050  0.0471  31 GLY A C   
73  O O   . GLY A 14 ? 0.3399 0.3260 0.3535 0.0164  -0.0105 0.0456  31 GLY A O   
74  N N   . LYS A 15 ? 0.3522 0.2991 0.3610 0.0135  0.0068  0.0480  32 LYS A N   
75  C CA  . LYS A 15 ? 0.3725 0.3410 0.4041 0.0224  -0.0092 0.0445  32 LYS A CA  
76  C C   . LYS A 15 ? 0.3185 0.2845 0.3787 0.0185  0.0007  0.0380  32 LYS A C   
77  O O   . LYS A 15 ? 0.3462 0.2845 0.4012 0.0097  0.0200  0.0389  32 LYS A O   
78  C CB  . LYS A 15 ? 0.3770 0.3309 0.3880 0.0325  -0.0256 0.0497  32 LYS A CB  
79  C CG  . LYS A 15 ? 0.4154 0.3965 0.4606 0.0409  -0.0359 0.0386  32 LYS A CG  
80  C CD  . LYS A 15 ? 0.5078 0.4773 0.5555 0.0551  -0.0539 0.0383  32 LYS A CD  
81  C CE  . LYS A 15 ? 0.5184 0.5037 0.5634 0.0604  -0.0705 0.0378  32 LYS A CE  
82  N NZ  . LYS A 15 ? 0.6042 0.5790 0.6655 0.0777  -0.0957 0.0352  32 LYS A NZ  
83  N N   . ARG A 16 ? 0.3055 0.2972 0.3922 0.0212  -0.0101 0.0293  33 ARG A N   
84  C CA  . ARG A 16 ? 0.3023 0.2916 0.4158 0.0172  -0.0056 0.0208  33 ARG A CA  
85  C C   . ARG A 16 ? 0.3282 0.3332 0.4477 0.0209  -0.0182 0.0114  33 ARG A C   
86  O O   . ARG A 16 ? 0.3180 0.3390 0.4258 0.0244  -0.0263 0.0097  33 ARG A O   
87  C CB  . ARG A 16 ? 0.3129 0.3172 0.4635 0.0094  -0.0033 0.0129  33 ARG A CB  
88  C CG  . ARG A 16 ? 0.2696 0.2977 0.4259 0.0104  -0.0259 0.0096  33 ARG A CG  
89  C CD  . ARG A 16 ? 0.2854 0.3236 0.4843 0.0076  -0.0339 0.0033  33 ARG A CD  
90  N NE  . ARG A 16 ? 0.2783 0.3236 0.4675 0.0075  -0.0632 0.0040  33 ARG A NE  
91  C CZ  . ARG A 16 ? 0.2826 0.3324 0.5066 0.0081  -0.0862 -0.0006 33 ARG A CZ  
92  N NH1 . ARG A 16 ? 0.3387 0.3979 0.6271 0.0098  -0.0783 -0.0112 33 ARG A NH1 
93  N NH2 . ARG A 16 ? 0.2962 0.3366 0.4893 0.0056  -0.1175 0.0044  33 ARG A NH2 
94  N N   . PHE A 17 ? 0.3236 0.3222 0.4616 0.0173  -0.0156 0.0022  34 PHE A N   
95  C CA  . PHE A 17 ? 0.3016 0.3123 0.4435 0.0159  -0.0235 -0.0122 34 PHE A CA  
96  C C   . PHE A 17 ? 0.3305 0.3512 0.4866 0.0044  -0.0335 -0.0219 34 PHE A C   
97  O O   . PHE A 17 ? 0.3059 0.3232 0.4908 -0.0007 -0.0315 -0.0238 34 PHE A O   
98  C CB  . PHE A 17 ? 0.3206 0.3111 0.4691 0.0221  -0.0176 -0.0184 34 PHE A CB  
99  C CG  . PHE A 17 ? 0.3419 0.3228 0.4809 0.0367  -0.0204 -0.0115 34 PHE A CG  
100 C CD1 . PHE A 17 ? 0.3921 0.3439 0.5113 0.0409  -0.0198 0.0067  34 PHE A CD1 
101 C CD2 . PHE A 17 ? 0.3500 0.3500 0.4999 0.0442  -0.0243 -0.0255 34 PHE A CD2 
102 C CE1 . PHE A 17 ? 0.4690 0.4078 0.5764 0.0550  -0.0327 0.0141  34 PHE A CE1 
103 C CE2 . PHE A 17 ? 0.4250 0.4212 0.5818 0.0599  -0.0336 -0.0220 34 PHE A CE2 
104 C CZ  . PHE A 17 ? 0.4503 0.4149 0.5843 0.0667  -0.0428 -0.0006 34 PHE A CZ  
105 N N   . VAL A 18 ? 0.2780 0.3087 0.4123 -0.0020 -0.0455 -0.0292 35 VAL A N   
106 C CA  . VAL A 18 ? 0.2960 0.3260 0.4285 -0.0141 -0.0643 -0.0382 35 VAL A CA  
107 C C   . VAL A 18 ? 0.3228 0.3460 0.4306 -0.0231 -0.0604 -0.0559 35 VAL A C   
108 O O   . VAL A 18 ? 0.3305 0.3563 0.4099 -0.0252 -0.0499 -0.0608 35 VAL A O   
109 C CB  . VAL A 18 ? 0.2912 0.3219 0.3985 -0.0191 -0.0856 -0.0295 35 VAL A CB  
110 C CG1 . VAL A 18 ? 0.3262 0.3460 0.4226 -0.0312 -0.1155 -0.0370 35 VAL A CG1 
111 C CG2 . VAL A 18 ? 0.2665 0.3043 0.4044 -0.0094 -0.0855 -0.0165 35 VAL A CG2 
112 N N   . ASN A 19 ? 0.3341 0.3492 0.4572 -0.0300 -0.0649 -0.0693 36 ASN A N   
113 C CA  . ASN A 19 ? 0.3648 0.3695 0.4680 -0.0391 -0.0559 -0.0907 36 ASN A CA  
114 C C   . ASN A 19 ? 0.3708 0.3786 0.4804 -0.0276 -0.0305 -0.0963 36 ASN A C   
115 O O   . ASN A 19 ? 0.3860 0.3938 0.4737 -0.0354 -0.0181 -0.1151 36 ASN A O   
116 C CB  . ASN A 19 ? 0.4062 0.3996 0.4515 -0.0596 -0.0724 -0.0995 36 ASN A CB  
117 C CG  . ASN A 19 ? 0.4261 0.4118 0.4722 -0.0682 -0.1095 -0.0957 36 ASN A CG  
118 O OD1 . ASN A 19 ? 0.4149 0.4061 0.5115 -0.0653 -0.1160 -0.1007 36 ASN A OD1 
119 N ND2 . ASN A 19 ? 0.4635 0.4329 0.4557 -0.0799 -0.1358 -0.0880 36 ASN A ND2 
120 N N   . GLY A 20 ? 0.3459 0.3538 0.4861 -0.0101 -0.0238 -0.0817 37 GLY A N   
121 C CA  . GLY A 20 ? 0.3444 0.3495 0.5014 0.0058  -0.0110 -0.0851 37 GLY A CA  
122 C C   . GLY A 20 ? 0.3393 0.3649 0.4885 0.0119  -0.0091 -0.0809 37 GLY A C   
123 O O   . GLY A 20 ? 0.3794 0.4079 0.5529 0.0270  -0.0047 -0.0860 37 GLY A O   
124 N N   . ARG A 21 ? 0.3064 0.3441 0.4263 0.0006  -0.0152 -0.0730 38 ARG A N   
125 C CA  . ARG A 21 ? 0.2968 0.3532 0.4082 0.0014  -0.0103 -0.0720 38 ARG A CA  
126 C C   . ARG A 21 ? 0.2786 0.3359 0.3879 0.0098  -0.0207 -0.0468 38 ARG A C   
127 O O   . ARG A 21 ? 0.2684 0.3168 0.3699 0.0061  -0.0300 -0.0338 38 ARG A O   
128 C CB  . ARG A 21 ? 0.3345 0.3930 0.4012 -0.0224 -0.0057 -0.0823 38 ARG A CB  
129 C CG  . ARG A 21 ? 0.4450 0.4969 0.4962 -0.0387 0.0105  -0.1114 38 ARG A CG  
130 C CD  . ARG A 21 ? 0.5492 0.6211 0.6440 -0.0307 0.0349  -0.1373 38 ARG A CD  
131 N NE  . ARG A 21 ? 0.6209 0.7163 0.7218 -0.0340 0.0466  -0.1411 38 ARG A NE  
132 C CZ  . ARG A 21 ? 0.6342 0.7554 0.7838 -0.0302 0.0685  -0.1695 38 ARG A CZ  
133 N NH1 . ARG A 21 ? 0.5956 0.7412 0.7567 -0.0361 0.0785  -0.1746 38 ARG A NH1 
134 N NH2 . ARG A 21 ? 0.6482 0.7718 0.8430 -0.0208 0.0802  -0.1959 38 ARG A NH2 
135 N N   . PRO A 22 ? 0.2871 0.3566 0.4074 0.0198  -0.0194 -0.0437 39 PRO A N   
136 C CA  . PRO A 22 ? 0.2694 0.3329 0.3809 0.0260  -0.0278 -0.0217 39 PRO A CA  
137 C C   . PRO A 22 ? 0.2586 0.3288 0.3441 0.0140  -0.0305 -0.0138 39 PRO A C   
138 O O   . PRO A 22 ? 0.2831 0.3648 0.3528 0.0018  -0.0257 -0.0229 39 PRO A O   
139 C CB  . PRO A 22 ? 0.2656 0.3354 0.3958 0.0405  -0.0324 -0.0227 39 PRO A CB  
140 C CG  . PRO A 22 ? 0.2897 0.3846 0.4452 0.0378  -0.0230 -0.0486 39 PRO A CG  
141 C CD  . PRO A 22 ? 0.2980 0.3866 0.4466 0.0264  -0.0117 -0.0626 39 PRO A CD  
142 N N   . GLN A 23 ? 0.2693 0.3275 0.3504 0.0157  -0.0355 0.0016  40 GLN A N   
143 C CA  . GLN A 23 ? 0.2596 0.3180 0.3240 0.0089  -0.0408 0.0103  40 GLN A CA  
144 C C   . GLN A 23 ? 0.2973 0.3484 0.3623 0.0161  -0.0377 0.0216  40 GLN A C   
145 O O   . GLN A 23 ? 0.3107 0.3478 0.3817 0.0225  -0.0322 0.0255  40 GLN A O   
146 C CB  . GLN A 23 ? 0.3115 0.3607 0.3778 0.0027  -0.0524 0.0121  40 GLN A CB  
147 C CG  . GLN A 23 ? 0.3368 0.3829 0.3891 -0.0076 -0.0594 0.0012  40 GLN A CG  
148 C CD  . GLN A 23 ? 0.3464 0.3795 0.3976 -0.0131 -0.0830 0.0045  40 GLN A CD  
149 O OE1 . GLN A 23 ? 0.3059 0.3395 0.3904 -0.0054 -0.0904 0.0107  40 GLN A OE1 
150 N NE2 . GLN A 23 ? 0.3601 0.3787 0.3744 -0.0275 -0.0964 -0.0021 40 GLN A NE2 
151 N N   . VAL A 24 ? 0.2965 0.3499 0.3465 0.0117  -0.0397 0.0263  41 VAL A N   
152 C CA  . VAL A 24 ? 0.2862 0.3292 0.3291 0.0147  -0.0356 0.0340  41 VAL A CA  
153 C C   . VAL A 24 ? 0.2642 0.2988 0.3121 0.0109  -0.0363 0.0374  41 VAL A C   
154 O O   . VAL A 24 ? 0.3283 0.3633 0.3720 0.0055  -0.0474 0.0378  41 VAL A O   
155 C CB  . VAL A 24 ? 0.2707 0.3227 0.2994 0.0141  -0.0386 0.0329  41 VAL A CB  
156 C CG1 . VAL A 24 ? 0.3031 0.3579 0.3399 0.0238  -0.0439 0.0294  41 VAL A CG1 
157 C CG2 . VAL A 24 ? 0.3204 0.3875 0.3426 0.0026  -0.0397 0.0266  41 VAL A CG2 
158 N N   . LEU A 25 ? 0.2759 0.2973 0.3304 0.0126  -0.0244 0.0387  42 LEU A N   
159 C CA  . LEU A 25 ? 0.2732 0.2879 0.3458 0.0115  -0.0219 0.0368  42 LEU A CA  
160 C C   . LEU A 25 ? 0.3296 0.3372 0.3751 0.0077  -0.0214 0.0396  42 LEU A C   
161 O O   . LEU A 25 ? 0.3407 0.3384 0.3605 0.0051  -0.0108 0.0400  42 LEU A O   
162 C CB  . LEU A 25 ? 0.3122 0.3157 0.4078 0.0104  0.0008  0.0299  42 LEU A CB  
163 C CG  . LEU A 25 ? 0.3545 0.3547 0.4896 0.0106  0.0099  0.0198  42 LEU A CG  
164 C CD1 . LEU A 25 ? 0.3192 0.3322 0.5005 0.0179  -0.0171 0.0173  42 LEU A CD1 
165 C CD2 . LEU A 25 ? 0.3273 0.3172 0.4839 0.0034  0.0433  0.0074  42 LEU A CD2 
166 N N   . VAL A 26 ? 0.3358 0.3416 0.3804 0.0055  -0.0353 0.0419  43 VAL A N   
167 C CA  . VAL A 26 ? 0.3437 0.3418 0.3614 -0.0012 -0.0351 0.0438  43 VAL A CA  
168 C C   . VAL A 26 ? 0.3496 0.3288 0.3832 0.0005  -0.0302 0.0404  43 VAL A C   
169 O O   . VAL A 26 ? 0.3572 0.3283 0.4239 0.0068  -0.0412 0.0393  43 VAL A O   
170 C CB  . VAL A 26 ? 0.3485 0.3461 0.3432 -0.0104 -0.0491 0.0482  43 VAL A CB  
171 C CG1 . VAL A 26 ? 0.3713 0.3556 0.3430 -0.0204 -0.0476 0.0492  43 VAL A CG1 
172 C CG2 . VAL A 26 ? 0.3711 0.3908 0.3562 -0.0143 -0.0466 0.0443  43 VAL A CG2 
173 N N   . LYS A 27 ? 0.3757 0.3463 0.3889 -0.0046 -0.0159 0.0363  44 LYS A N   
174 C CA  . LYS A 27 ? 0.3531 0.3031 0.3747 -0.0059 -0.0088 0.0298  44 LYS A CA  
175 C C   . LYS A 27 ? 0.4073 0.3486 0.4011 -0.0145 -0.0226 0.0361  44 LYS A C   
176 O O   . LYS A 27 ? 0.3911 0.3424 0.3532 -0.0242 -0.0223 0.0371  44 LYS A O   
177 C CB  . LYS A 27 ? 0.4377 0.3753 0.4376 -0.0124 0.0160  0.0202  44 LYS A CB  
178 C CG  . LYS A 27 ? 0.4244 0.3388 0.4220 -0.0178 0.0274  0.0096  44 LYS A CG  
179 C CD  . LYS A 27 ? 0.4434 0.3489 0.5024 -0.0079 0.0338  -0.0020 44 LYS A CD  
180 C CE  . LYS A 27 ? 0.4535 0.3324 0.5109 -0.0133 0.0494  -0.0164 44 LYS A CE  
181 N NZ  . LYS A 27 ? 0.4734 0.3380 0.4999 -0.0190 0.0299  -0.0071 44 LYS A NZ  
182 N N   . TRP A 28 ? 0.3482 0.2679 0.3550 -0.0122 -0.0368 0.0399  45 TRP A N   
183 C CA  . TRP A 28 ? 0.3989 0.2992 0.3691 -0.0254 -0.0469 0.0472  45 TRP A CA  
184 C C   . TRP A 28 ? 0.4536 0.3340 0.4156 -0.0318 -0.0345 0.0388  45 TRP A C   
185 O O   . TRP A 28 ? 0.4455 0.3115 0.4387 -0.0224 -0.0261 0.0290  45 TRP A O   
186 C CB  . TRP A 28 ? 0.4489 0.3192 0.4157 -0.0237 -0.0741 0.0595  45 TRP A CB  
187 C CG  . TRP A 28 ? 0.4090 0.2952 0.3738 -0.0216 -0.0865 0.0653  45 TRP A CG  
188 C CD1 . TRP A 28 ? 0.4664 0.3611 0.4739 -0.0060 -0.0989 0.0635  45 TRP A CD1 
189 C CD2 . TRP A 28 ? 0.4394 0.3365 0.3622 -0.0375 -0.0839 0.0689  45 TRP A CD2 
190 N NE1 . TRP A 28 ? 0.4386 0.3457 0.4258 -0.0114 -0.1067 0.0678  45 TRP A NE1 
191 C CE2 . TRP A 28 ? 0.4337 0.3407 0.3680 -0.0307 -0.0963 0.0705  45 TRP A CE2 
192 C CE3 . TRP A 28 ? 0.4853 0.3862 0.3688 -0.0588 -0.0700 0.0667  45 TRP A CE3 
193 C CZ2 . TRP A 28 ? 0.4637 0.3809 0.3659 -0.0437 -0.0928 0.0697  45 TRP A CZ2 
194 C CZ3 . TRP A 28 ? 0.5467 0.4621 0.4072 -0.0718 -0.0645 0.0638  45 TRP A CZ3 
195 C CH2 . TRP A 28 ? 0.5077 0.4287 0.3743 -0.0640 -0.0752 0.0655  45 TRP A CH2 
196 N N   . SER A 29 ? 0.4193 0.3005 0.3453 -0.0491 -0.0310 0.0385  46 SER A N   
197 C CA  . SER A 29 ? 0.4265 0.2870 0.3403 -0.0584 -0.0211 0.0294  46 SER A CA  
198 C C   . SER A 29 ? 0.4932 0.3083 0.4193 -0.0536 -0.0299 0.0325  46 SER A C   
199 O O   . SER A 29 ? 0.4911 0.2812 0.4023 -0.0572 -0.0486 0.0466  46 SER A O   
200 C CB  . SER A 29 ? 0.4702 0.3408 0.3523 -0.0802 -0.0198 0.0274  46 SER A CB  
201 O OG  . SER A 29 ? 0.5732 0.4250 0.4421 -0.0920 -0.0116 0.0166  46 SER A OG  
202 N N   . GLY A 30 ? 0.4630 0.2620 0.4138 -0.0463 -0.0168 0.0183  47 GLY A N   
203 C CA  . GLY A 30 ? 0.5028 0.2561 0.4758 -0.0392 -0.0264 0.0173  47 GLY A CA  
204 C C   . GLY A 30 ? 0.5031 0.2481 0.5273 -0.0164 -0.0491 0.0233  47 GLY A C   
205 O O   . GLY A 30 ? 0.5449 0.2458 0.5866 -0.0080 -0.0711 0.0280  47 GLY A O   
206 N N   . PHE A 31 ? 0.4822 0.2650 0.5311 -0.0068 -0.0480 0.0230  48 PHE A N   
207 C CA  . PHE A 31 ? 0.4902 0.2759 0.6049 0.0151  -0.0666 0.0208  48 PHE A CA  
208 C C   . PHE A 31 ? 0.5038 0.3213 0.6737 0.0227  -0.0335 -0.0035 48 PHE A C   
209 O O   . PHE A 31 ? 0.5282 0.3673 0.6641 0.0103  -0.0047 -0.0087 48 PHE A O   
210 C CB  . PHE A 31 ? 0.4791 0.2778 0.5747 0.0155  -0.0931 0.0394  48 PHE A CB  
211 C CG  . PHE A 31 ? 0.5228 0.2759 0.5695 0.0083  -0.1291 0.0615  48 PHE A CG  
212 C CD1 . PHE A 31 ? 0.5865 0.3248 0.5569 -0.0167 -0.1210 0.0725  48 PHE A CD1 
213 C CD2 . PHE A 31 ? 0.6348 0.3534 0.7089 0.0240  -0.1723 0.0705  48 PHE A CD2 
214 C CE1 . PHE A 31 ? 0.6781 0.3640 0.5895 -0.0304 -0.1473 0.0923  48 PHE A CE1 
215 C CE2 . PHE A 31 ? 0.7600 0.4194 0.7672 0.0128  -0.2080 0.0943  48 PHE A CE2 
216 C CZ  . PHE A 31 ? 0.7682 0.4079 0.6880 -0.0166 -0.1916 0.1054  48 PHE A CZ  
217 N N   . PRO A 32 ? 0.4912 0.3083 0.7474 0.0419  -0.0386 -0.0196 49 PRO A N   
218 C CA  . PRO A 32 ? 0.5055 0.3534 0.8249 0.0460  -0.0037 -0.0462 49 PRO A CA  
219 C C   . PRO A 32 ? 0.4477 0.3303 0.7631 0.0442  -0.0051 -0.0381 49 PRO A C   
220 O O   . PRO A 32 ? 0.4393 0.3258 0.7211 0.0447  -0.0379 -0.0150 49 PRO A O   
221 C CB  . PRO A 32 ? 0.4428 0.2836 0.8715 0.0695  -0.0217 -0.0650 49 PRO A CB  
222 C CG  . PRO A 32 ? 0.5712 0.3640 0.9786 0.0760  -0.0589 -0.0494 49 PRO A CG  
223 C CD  . PRO A 32 ? 0.4897 0.2729 0.7928 0.0602  -0.0807 -0.0149 49 PRO A CD  
224 N N   . ASN A 33 ? 0.5139 0.4177 0.8618 0.0391  0.0350  -0.0600 50 ASN A N   
225 C CA  . ASN A 33 ? 0.4184 0.3498 0.7660 0.0359  0.0381  -0.0551 50 ASN A CA  
226 C C   . ASN A 33 ? 0.3803 0.3292 0.7943 0.0526  -0.0018 -0.0514 50 ASN A C   
227 O O   . ASN A 33 ? 0.4048 0.3681 0.7911 0.0494  -0.0152 -0.0370 50 ASN A O   
228 C CB  . ASN A 33 ? 0.4806 0.4193 0.8419 0.0220  0.0930  -0.0798 50 ASN A CB  
229 C CG  . ASN A 33 ? 0.6712 0.5883 0.9293 0.0013  0.1199  -0.0722 50 ASN A CG  
230 O OD1 . ASN A 33 ? 0.6025 0.5221 0.7944 -0.0046 0.1074  -0.0504 50 ASN A OD1 
231 N ND2 . ASN A 33 ? 0.8263 0.7195 1.0718 -0.0096 0.1539  -0.0923 50 ASN A ND2 
232 N N   . GLU A 34 ? 0.4887 0.4331 0.9889 0.0706  -0.0252 -0.0649 51 GLU A N   
233 C CA  . GLU A 34 ? 0.5400 0.4965 1.1007 0.0865  -0.0737 -0.0613 51 GLU A CA  
234 C C   . GLU A 34 ? 0.4842 0.4164 0.9592 0.0848  -0.1231 -0.0253 51 GLU A C   
235 O O   . GLU A 34 ? 0.5089 0.4465 0.9915 0.0878  -0.1612 -0.0178 51 GLU A O   
236 C CB  . GLU A 34 ? 0.6060 0.5672 1.2454 0.0935  -0.0936 -0.0802 51 GLU A CB  
237 C CG  . GLU A 34 ? 0.7506 0.6911 1.4024 0.0961  -0.0736 -0.0927 51 GLU A CG  
238 C CD  . GLU A 34 ? 0.7643 0.7213 1.4413 0.0829  -0.0033 -0.1233 51 GLU A CD  
239 O OE1 . GLU A 34 ? 0.8284 0.8081 1.5890 0.0793  0.0156  -0.1533 51 GLU A OE1 
240 O OE2 . GLU A 34 ? 0.7579 0.6992 1.3656 0.0726  0.0329  -0.1186 51 GLU A OE2 
241 N N   . ASN A 35 ? 0.4432 0.3499 0.8245 0.0721  -0.1158 -0.0066 52 ASN A N   
242 C CA  . ASN A 35 ? 0.4443 0.3281 0.7363 0.0623  -0.1470 0.0224  52 ASN A CA  
243 C C   . ASN A 35 ? 0.4527 0.3608 0.6806 0.0458  -0.1245 0.0308  52 ASN A C   
244 O O   . ASN A 35 ? 0.4721 0.3659 0.6316 0.0347  -0.1425 0.0489  52 ASN A O   
245 C CB  . ASN A 35 ? 0.4601 0.3005 0.6976 0.0559  -0.1542 0.0348  52 ASN A CB  
246 C CG  . ASN A 35 ? 0.6207 0.4234 0.9130 0.0743  -0.1905 0.0322  52 ASN A CG  
247 O OD1 . ASN A 35 ? 0.6320 0.4426 1.0035 0.0873  -0.1724 0.0082  52 ASN A OD1 
248 N ND2 . ASN A 35 ? 0.6631 0.4260 0.9068 0.0713  -0.2374 0.0532  52 ASN A ND2 
249 N N   . ASN A 36 ? 0.3915 0.3308 0.6391 0.0426  -0.0853 0.0166  53 ASN A N   
250 C CA  . ASN A 36 ? 0.3939 0.3524 0.5931 0.0317  -0.0708 0.0237  53 ASN A CA  
251 C C   . ASN A 36 ? 0.3941 0.3599 0.5931 0.0331  -0.0991 0.0310  53 ASN A C   
252 O O   . ASN A 36 ? 0.4367 0.4072 0.6953 0.0432  -0.1197 0.0234  53 ASN A O   
253 C CB  . ASN A 36 ? 0.3716 0.3487 0.5919 0.0284  -0.0313 0.0090  53 ASN A CB  
254 C CG  . ASN A 36 ? 0.3538 0.3178 0.5571 0.0217  0.0008  -0.0002 53 ASN A CG  
255 O OD1 . ASN A 36 ? 0.3957 0.3424 0.5676 0.0191  -0.0052 0.0051  53 ASN A OD1 
256 N ND2 . ASN A 36 ? 0.3937 0.3602 0.6101 0.0151  0.0377  -0.0152 53 ASN A ND2 
257 N N   . THR A 37 ? 0.3946 0.3628 0.5322 0.0222  -0.0997 0.0421  54 THR A N   
258 C CA  . THR A 37 ? 0.3886 0.3593 0.5137 0.0193  -0.1215 0.0462  54 THR A CA  
259 C C   . THR A 37 ? 0.3833 0.3752 0.4815 0.0122  -0.0995 0.0445  54 THR A C   
260 O O   . THR A 37 ? 0.3655 0.3641 0.4372 0.0078  -0.0780 0.0453  54 THR A O   
261 C CB  . THR A 37 ? 0.4155 0.3523 0.4812 0.0094  -0.1515 0.0603  54 THR A CB  
262 O OG1 . THR A 37 ? 0.4381 0.3698 0.4485 -0.0043 -0.1315 0.0654  54 THR A OG1 
263 C CG2 . THR A 37 ? 0.4533 0.3572 0.5422 0.0191  -0.1859 0.0652  54 THR A CG2 
264 N N   . TRP A 38 ? 0.3506 0.3512 0.4604 0.0120  -0.1090 0.0405  55 TRP A N   
265 C CA  . TRP A 38 ? 0.3233 0.3382 0.4123 0.0069  -0.0930 0.0375  55 TRP A CA  
266 C C   . TRP A 38 ? 0.3530 0.3568 0.3845 -0.0064 -0.1019 0.0414  55 TRP A C   
267 O O   . TRP A 38 ? 0.4410 0.4216 0.4476 -0.0135 -0.1277 0.0457  55 TRP A O   
268 C CB  . TRP A 38 ? 0.3305 0.3559 0.4583 0.0100  -0.0963 0.0284  55 TRP A CB  
269 C CG  . TRP A 38 ? 0.3094 0.3449 0.4889 0.0160  -0.0738 0.0203  55 TRP A CG  
270 C CD1 . TRP A 38 ? 0.3155 0.3563 0.5584 0.0209  -0.0760 0.0101  55 TRP A CD1 
271 C CD2 . TRP A 38 ? 0.2684 0.3041 0.4373 0.0147  -0.0439 0.0198  55 TRP A CD2 
272 N NE1 . TRP A 38 ? 0.3058 0.3506 0.5740 0.0182  -0.0407 0.0013  55 TRP A NE1 
273 C CE2 . TRP A 38 ? 0.2827 0.3180 0.4966 0.0141  -0.0233 0.0100  55 TRP A CE2 
274 C CE3 . TRP A 38 ? 0.2804 0.3130 0.4082 0.0138  -0.0348 0.0253  55 TRP A CE3 
275 C CZ2 . TRP A 38 ? 0.3135 0.3347 0.5114 0.0083  0.0074  0.0095  55 TRP A CZ2 
276 C CZ3 . TRP A 38 ? 0.2852 0.3051 0.4049 0.0136  -0.0134 0.0265  55 TRP A CZ3 
277 C CH2 . TRP A 38 ? 0.3341 0.3432 0.4784 0.0088  0.0078  0.0206  55 TRP A CH2 
278 N N   . GLU A 39 ? 0.3390 0.3553 0.3485 -0.0115 -0.0812 0.0384  56 GLU A N   
279 C CA  . GLU A 39 ? 0.4214 0.4319 0.3838 -0.0286 -0.0775 0.0350  56 GLU A CA  
280 C C   . GLU A 39 ? 0.4162 0.4499 0.3895 -0.0283 -0.0598 0.0210  56 GLU A C   
281 O O   . GLU A 39 ? 0.3452 0.3967 0.3502 -0.0152 -0.0503 0.0189  56 GLU A O   
282 C CB  . GLU A 39 ? 0.4024 0.4110 0.3441 -0.0368 -0.0674 0.0378  56 GLU A CB  
283 C CG  . GLU A 39 ? 0.4658 0.4460 0.3971 -0.0365 -0.0834 0.0505  56 GLU A CG  
284 C CD  . GLU A 39 ? 0.5786 0.5180 0.4678 -0.0477 -0.1098 0.0592  56 GLU A CD  
285 O OE1 . GLU A 39 ? 0.6077 0.5341 0.4493 -0.0664 -0.1071 0.0551  56 GLU A OE1 
286 O OE2 . GLU A 39 ? 0.6563 0.5717 0.5585 -0.0384 -0.1347 0.0688  56 GLU A OE2 
287 N N   . PRO A 40 ? 0.4217 0.4495 0.3643 -0.0443 -0.0556 0.0104  57 PRO A N   
288 C CA  . PRO A 40 ? 0.3521 0.4033 0.3146 -0.0435 -0.0353 -0.0084 57 PRO A CA  
289 C C   . PRO A 40 ? 0.3421 0.4186 0.3294 -0.0388 -0.0210 -0.0144 57 PRO A C   
290 O O   . PRO A 40 ? 0.3715 0.4453 0.3385 -0.0505 -0.0170 -0.0118 57 PRO A O   
291 C CB  . PRO A 40 ? 0.3967 0.4309 0.3093 -0.0695 -0.0262 -0.0217 57 PRO A CB  
292 C CG  . PRO A 40 ? 0.4826 0.4785 0.3524 -0.0767 -0.0551 -0.0059 57 PRO A CG  
293 C CD  . PRO A 40 ? 0.4590 0.4512 0.3440 -0.0643 -0.0701 0.0136  57 PRO A CD  
294 N N   . LEU A 41 ? 0.3566 0.4535 0.3874 -0.0218 -0.0172 -0.0224 58 LEU A N   
295 C CA  . LEU A 41 ? 0.3325 0.4528 0.3941 -0.0139 -0.0140 -0.0290 58 LEU A CA  
296 C C   . LEU A 41 ? 0.3866 0.5263 0.4494 -0.0339 0.0057  -0.0507 58 LEU A C   
297 O O   . LEU A 41 ? 0.4341 0.5893 0.5086 -0.0379 0.0077  -0.0539 58 LEU A O   
298 C CB  . LEU A 41 ? 0.2916 0.4199 0.3954 0.0073  -0.0197 -0.0352 58 LEU A CB  
299 C CG  . LEU A 41 ? 0.3101 0.4559 0.4498 0.0212  -0.0301 -0.0400 58 LEU A CG  
300 C CD1 . LEU A 41 ? 0.3597 0.4925 0.4735 0.0224  -0.0424 -0.0201 58 LEU A CD1 
301 C CD2 . LEU A 41 ? 0.3563 0.4932 0.5272 0.0431  -0.0429 -0.0418 58 LEU A CD2 
302 N N   . GLU A 42 ? 0.4389 0.5750 0.4859 -0.0508 0.0232  -0.0679 59 GLU A N   
303 C CA  . GLU A 42 ? 0.4933 0.6458 0.5416 -0.0757 0.0524  -0.0948 59 GLU A CA  
304 C C   . GLU A 42 ? 0.5687 0.6947 0.5532 -0.1035 0.0585  -0.0837 59 GLU A C   
305 O O   . GLU A 42 ? 0.7213 0.8579 0.7043 -0.1278 0.0849  -0.1033 59 GLU A O   
306 C CB  . GLU A 42 ? 0.5288 0.6808 0.5752 -0.0894 0.0768  -0.1225 59 GLU A CB  
307 C CG  . GLU A 42 ? 0.6193 0.7280 0.5963 -0.1016 0.0690  -0.1105 59 GLU A CG  
308 C CD  . GLU A 42 ? 0.7306 0.8327 0.7278 -0.0733 0.0401  -0.0915 59 GLU A CD  
309 O OE1 . GLU A 42 ? 0.6438 0.7618 0.6864 -0.0471 0.0247  -0.0790 59 GLU A OE1 
310 O OE2 . GLU A 42 ? 0.9394 1.0160 0.9024 -0.0804 0.0331  -0.0901 59 GLU A OE2 
311 N N   . ASN A 43 ? 0.6236 0.7131 0.5607 -0.1005 0.0344  -0.0543 60 ASN A N   
312 C CA  . ASN A 43 ? 0.6933 0.7441 0.5642 -0.1250 0.0332  -0.0405 60 ASN A CA  
313 C C   . ASN A 43 ? 0.7338 0.7866 0.6194 -0.1128 0.0185  -0.0230 60 ASN A C   
314 O O   . ASN A 43 ? 0.8999 0.9129 0.7386 -0.1213 0.0049  -0.0038 60 ASN A O   
315 C CB  . ASN A 43 ? 0.6622 0.6626 0.4704 -0.1303 0.0093  -0.0213 60 ASN A CB  
316 C CG  . ASN A 43 ? 0.8359 0.8203 0.6064 -0.1496 0.0221  -0.0382 60 ASN A CG  
317 O OD1 . ASN A 43 ? 0.8960 0.9107 0.6964 -0.1562 0.0531  -0.0666 60 ASN A OD1 
318 N ND2 . ASN A 43 ? 0.9366 0.8716 0.6437 -0.1584 -0.0040 -0.0230 60 ASN A ND2 
319 N N   . VAL A 44 ? 0.4670 0.5591 0.4137 -0.0927 0.0175  -0.0294 61 VAL A N   
320 C CA  . VAL A 44 ? 0.5111 0.5980 0.4626 -0.0814 0.0022  -0.0130 61 VAL A CA  
321 C C   . VAL A 44 ? 0.5854 0.6913 0.5503 -0.0968 0.0159  -0.0265 61 VAL A C   
322 O O   . VAL A 44 ? 0.5984 0.6953 0.5572 -0.0959 0.0077  -0.0167 61 VAL A O   
323 C CB  . VAL A 44 ? 0.4884 0.5883 0.4778 -0.0514 -0.0141 -0.0053 61 VAL A CB  
324 C CG1 . VAL A 44 ? 0.5605 0.6966 0.5983 -0.0415 -0.0134 -0.0212 61 VAL A CG1 
325 C CG2 . VAL A 44 ? 0.5619 0.6394 0.5373 -0.0437 -0.0265 0.0131  61 VAL A CG2 
326 N N   . GLY A 45 ? 0.7900 0.9228 0.7772 -0.1134 0.0398  -0.0530 62 GLY A N   
327 C CA  . GLY A 45 ? 0.7806 0.9384 0.7935 -0.1325 0.0572  -0.0731 62 GLY A CA  
328 C C   . GLY A 45 ? 0.7519 0.9583 0.8437 -0.1085 0.0419  -0.0870 62 GLY A C   
329 O O   . GLY A 45 ? 0.8063 1.0211 0.9248 -0.0801 0.0225  -0.0819 62 GLY A O   
330 N N   . ASN A 46 ? 0.4355 0.6684 0.5619 -0.1210 0.0472  -0.1043 63 ASN A N   
331 C CA  . ASN A 46 ? 0.5809 0.8535 0.7776 -0.0980 0.0215  -0.1159 63 ASN A CA  
332 C C   . ASN A 46 ? 0.5687 0.8151 0.7318 -0.0847 -0.0083 -0.0902 63 ASN A C   
333 O O   . ASN A 46 ? 0.5929 0.8386 0.7496 -0.0998 -0.0085 -0.0932 63 ASN A O   
334 C CB  . ASN A 46 ? 1.1876 1.5109 1.4576 -0.1164 0.0376  -0.1546 63 ASN A CB  
335 C CG  . ASN A 46 ? 1.3746 1.7394 1.7279 -0.0886 -0.0003 -0.1691 63 ASN A CG  
336 O OD1 . ASN A 46 ? 1.4182 1.7623 1.7541 -0.0593 -0.0386 -0.1455 63 ASN A OD1 
337 N ND2 . ASN A 46 ? 1.4283 1.8465 1.8697 -0.0993 0.0092  -0.2086 63 ASN A ND2 
338 N N   . CYS A 47 ? 0.5803 0.8026 0.7205 -0.0594 -0.0294 -0.0676 64 CYS A N   
339 C CA  . CYS A 47 ? 0.5226 0.7188 0.6325 -0.0464 -0.0541 -0.0481 64 CYS A CA  
340 C C   . CYS A 47 ? 0.4462 0.6436 0.5776 -0.0190 -0.0811 -0.0445 64 CYS A C   
341 O O   . CYS A 47 ? 0.5006 0.6614 0.5910 -0.0066 -0.0908 -0.0232 64 CYS A O   
342 C CB  . CYS A 47 ? 0.4858 0.6370 0.5349 -0.0490 -0.0450 -0.0238 64 CYS A CB  
343 S SG  . CYS A 47 ? 0.6253 0.7638 0.6637 -0.0416 -0.0346 -0.0145 64 CYS A SG  
344 N N   . MET A 48 ? 0.4471 0.4301 0.4845 0.0220  -0.0600 0.0524  65 MET A N   
345 C CA  . MET A 48 ? 0.4333 0.4468 0.4934 0.0336  -0.0583 0.0532  65 MET A CA  
346 C C   . MET A 48 ? 0.4540 0.4787 0.5195 0.0279  -0.0755 0.0491  65 MET A C   
347 O O   . MET A 48 ? 0.4052 0.4394 0.4736 0.0384  -0.0769 0.0480  65 MET A O   
348 C CB  . MET A 48 ? 0.6248 0.6770 0.7186 0.0361  -0.0444 0.0680  65 MET A CB  
349 C CG  . MET A 48 ? 0.6427 0.6873 0.7224 0.0533  -0.0241 0.0706  65 MET A CG  
350 S SD  . MET A 48 ? 0.8905 0.9338 0.9686 0.0848  -0.0217 0.0623  65 MET A SD  
351 C CE  . MET A 48 ? 0.7018 0.7212 0.7720 0.0806  -0.0423 0.0504  65 MET A CE  
352 N N   . LYS A 49 ? 0.4337 0.4531 0.4967 0.0116  -0.0902 0.0472  66 LYS A N   
353 C CA  . LYS A 49 ? 0.4214 0.4464 0.4774 0.0110  -0.1096 0.0399  66 LYS A CA  
354 C C   . LYS A 49 ? 0.4312 0.4369 0.4529 0.0261  -0.1109 0.0266  66 LYS A C   
355 O O   . LYS A 49 ? 0.3837 0.4068 0.4013 0.0356  -0.1131 0.0268  66 LYS A O   
356 C CB  . LYS A 49 ? 0.5841 0.5954 0.6388 -0.0079 -0.1310 0.0360  66 LYS A CB  
357 C CG  . LYS A 49 ? 0.6988 0.7092 0.7350 -0.0034 -0.1558 0.0238  66 LYS A CG  
358 C CD  . LYS A 49 ? 0.8393 0.8913 0.8961 0.0053  -0.1549 0.0328  66 LYS A CD  
359 C CE  . LYS A 49 ? 0.9591 1.0136 0.9984 0.0087  -0.1833 0.0231  66 LYS A CE  
360 N NZ  . LYS A 49 ? 0.9861 1.0764 1.0373 0.0206  -0.1832 0.0340  66 LYS A NZ  
361 N N   . LEU A 50 ? 0.4237 0.3974 0.4221 0.0293  -0.1084 0.0173  67 LEU A N   
362 C CA  . LEU A 50 ? 0.4171 0.3804 0.3905 0.0451  -0.1093 0.0039  67 LEU A CA  
363 C C   . LEU A 50 ? 0.3817 0.3669 0.3734 0.0545  -0.0951 0.0101  67 LEU A C   
364 O O   . LEU A 50 ? 0.3869 0.3893 0.3761 0.0628  -0.0940 0.0085  67 LEU A O   
365 C CB  . LEU A 50 ? 0.4254 0.3471 0.3703 0.0487  -0.1136 -0.0080 67 LEU A CB  
366 C CG  . LEU A 50 ? 0.4467 0.3348 0.3680 0.0398  -0.1338 -0.0158 67 LEU A CG  
367 C CD1 . LEU A 50 ? 0.4807 0.3191 0.3683 0.0461  -0.1397 -0.0256 67 LEU A CD1 
368 C CD2 . LEU A 50 ? 0.5216 0.4176 0.4249 0.0497  -0.1502 -0.0289 67 LEU A CD2 
369 N N   . VAL A 51 ? 0.3975 0.3817 0.4069 0.0536  -0.0849 0.0181  68 VAL A N   
370 C CA  . VAL A 51 ? 0.3836 0.3775 0.4111 0.0610  -0.0778 0.0231  68 VAL A CA  
371 C C   . VAL A 51 ? 0.3851 0.4062 0.4299 0.0588  -0.0783 0.0364  68 VAL A C   
372 O O   . VAL A 51 ? 0.3507 0.3818 0.4025 0.0611  -0.0765 0.0415  68 VAL A O   
373 C CB  . VAL A 51 ? 0.3988 0.3801 0.4325 0.0668  -0.0704 0.0252  68 VAL A CB  
374 C CG1 . VAL A 51 ? 0.4570 0.4399 0.5090 0.0747  -0.0702 0.0289  68 VAL A CG1 
375 C CG2 . VAL A 51 ? 0.4423 0.3927 0.4499 0.0732  -0.0708 0.0128  68 VAL A CG2 
376 N N   . SER A 52 ? 0.3579 0.3928 0.4105 0.0533  -0.0818 0.0438  69 SER A N   
377 C CA  . SER A 52 ? 0.3451 0.4026 0.4072 0.0542  -0.0861 0.0562  69 SER A CA  
378 C C   . SER A 52 ? 0.3322 0.3982 0.3720 0.0570  -0.0902 0.0553  69 SER A C   
379 O O   . SER A 52 ? 0.3391 0.4176 0.3811 0.0608  -0.0863 0.0688  69 SER A O   
380 C CB  . SER A 52 ? 0.3226 0.3970 0.3990 0.0485  -0.0940 0.0604  69 SER A CB  
381 O OG  . SER A 52 ? 0.3934 0.4872 0.4737 0.0533  -0.1018 0.0710  69 SER A OG  
382 N N   . ASP A 53 ? 0.3354 0.3927 0.3508 0.0571  -0.0975 0.0405  70 ASP A N   
383 C CA  . ASP A 53 ? 0.3590 0.4265 0.3466 0.0673  -0.0991 0.0361  70 ASP A CA  
384 C C   . ASP A 53 ? 0.3713 0.4524 0.3676 0.0722  -0.0835 0.0428  70 ASP A C   
385 O O   . ASP A 53 ? 0.3754 0.4812 0.3668 0.0775  -0.0758 0.0567  70 ASP A O   
386 C CB  . ASP A 53 ? 0.4155 0.4612 0.3734 0.0714  -0.1115 0.0141  70 ASP A CB  
387 C CG  . ASP A 53 ? 0.5638 0.5958 0.5152 0.0626  -0.1323 0.0082  70 ASP A CG  
388 O OD1 . ASP A 53 ? 0.6012 0.6517 0.5665 0.0584  -0.1382 0.0192  70 ASP A OD1 
389 O OD2 . ASP A 53 ? 0.5796 0.5807 0.5133 0.0596  -0.1455 -0.0073 70 ASP A OD2 
390 N N   . PHE A 54 ? 0.3441 0.4106 0.3533 0.0704  -0.0796 0.0343  71 PHE A N   
391 C CA  . PHE A 54 ? 0.3433 0.4251 0.3707 0.0721  -0.0694 0.0390  71 PHE A CA  
392 C C   . PHE A 54 ? 0.3191 0.4122 0.3739 0.0635  -0.0627 0.0635  71 PHE A C   
393 O O   . PHE A 54 ? 0.3432 0.4633 0.4065 0.0622  -0.0529 0.0797  71 PHE A O   
394 C CB  . PHE A 54 ? 0.3688 0.4285 0.4059 0.0729  -0.0722 0.0244  71 PHE A CB  
395 C CG  . PHE A 54 ? 0.3771 0.4520 0.4463 0.0701  -0.0675 0.0300  71 PHE A CG  
396 C CD1 . PHE A 54 ? 0.3851 0.4931 0.4611 0.0762  -0.0618 0.0273  71 PHE A CD1 
397 C CD2 . PHE A 54 ? 0.4027 0.4605 0.4979 0.0623  -0.0708 0.0373  71 PHE A CD2 
398 C CE1 . PHE A 54 ? 0.3910 0.5198 0.5084 0.0688  -0.0590 0.0348  71 PHE A CE1 
399 C CE2 . PHE A 54 ? 0.4520 0.5190 0.5821 0.0558  -0.0724 0.0421  71 PHE A CE2 
400 C CZ  . PHE A 54 ? 0.3433 0.4481 0.4891 0.0561  -0.0665 0.0424  71 PHE A CZ  
401 N N   . GLU A 55 ? 0.3100 0.3820 0.3777 0.0591  -0.0676 0.0678  72 GLU A N   
402 C CA  . GLU A 55 ? 0.3159 0.3853 0.4062 0.0537  -0.0663 0.0884  72 GLU A CA  
403 C C   . GLU A 55 ? 0.3829 0.4731 0.4625 0.0537  -0.0625 0.1100  72 GLU A C   
404 O O   . GLU A 55 ? 0.3656 0.4595 0.4604 0.0469  -0.0574 0.1329  72 GLU A O   
405 C CB  . GLU A 55 ? 0.3208 0.3650 0.4199 0.0570  -0.0732 0.0855  72 GLU A CB  
406 C CG  . GLU A 55 ? 0.3578 0.3790 0.4612 0.0602  -0.0757 0.0676  72 GLU A CG  
407 C CD  . GLU A 55 ? 0.4471 0.4427 0.5583 0.0689  -0.0811 0.0660  72 GLU A CD  
408 O OE1 . GLU A 55 ? 0.5532 0.5474 0.6732 0.0714  -0.0842 0.0802  72 GLU A OE1 
409 O OE2 . GLU A 55 ? 0.4517 0.4271 0.5558 0.0770  -0.0831 0.0499  72 GLU A OE2 
410 N N   . SER A 56 ? 0.3482 0.4484 0.4003 0.0609  -0.0671 0.1041  73 SER A N   
411 C CA  . SER A 56 ? 0.3702 0.4887 0.4000 0.0666  -0.0663 0.1217  73 SER A CA  
412 C C   . SER A 56 ? 0.4245 0.5701 0.4425 0.0693  -0.0510 0.1320  73 SER A C   
413 O O   . SER A 56 ? 0.4650 0.6242 0.4770 0.0691  -0.0420 0.1594  73 SER A O   
414 C CB  . SER A 56 ? 0.4128 0.5341 0.4148 0.0750  -0.0808 0.1078  73 SER A CB  
415 O OG  . SER A 56 ? 0.4574 0.5675 0.4793 0.0715  -0.0922 0.1043  73 SER A OG  
416 N N   . GLU A 57 ? 0.3919 0.5471 0.4058 0.0735  -0.0468 0.1121  74 GLU A N   
417 C CA  . GLU A 57 ? 0.4490 0.6416 0.4574 0.0800  -0.0296 0.1199  74 GLU A CA  
418 C C   . GLU A 57 ? 0.3820 0.5882 0.4368 0.0626  -0.0160 0.1454  74 GLU A C   
419 O O   . GLU A 57 ? 0.4407 0.6814 0.4973 0.0612  0.0019  0.1718  74 GLU A O   
420 C CB  . GLU A 57 ? 0.4062 0.6045 0.3996 0.0937  -0.0319 0.0896  74 GLU A CB  
421 C CG  . GLU A 57 ? 0.5335 0.7802 0.5317 0.1042  -0.0125 0.0941  74 GLU A CG  
422 C CD  . GLU A 57 ? 0.7055 0.9875 0.6635 0.1220  0.0014  0.1098  74 GLU A CD  
423 O OE1 . GLU A 57 ? 0.7676 1.0294 0.6874 0.1285  -0.0103 0.1111  74 GLU A OE1 
424 O OE2 . GLU A 57 ? 0.6925 1.0265 0.6576 0.1316  0.0238  0.1206  74 GLU A OE2 
425 N N   . VAL A 58 ? 0.3861 0.5643 0.4775 0.0490  -0.0253 0.1389  75 VAL A N   
426 C CA  . VAL A 58 ? 0.4249 0.6057 0.5632 0.0296  -0.0207 0.1615  75 VAL A CA  
427 C C   . VAL A 58 ? 0.4381 0.6099 0.5748 0.0208  -0.0174 0.1971  75 VAL A C   
428 O O   . VAL A 58 ? 0.4976 0.6977 0.6485 0.0101  -0.0013 0.2288  75 VAL A O   
429 C CB  . VAL A 58 ? 0.4513 0.5919 0.6184 0.0222  -0.0381 0.1440  75 VAL A CB  
430 C CG1 . VAL A 58 ? 0.4199 0.5584 0.6373 0.0009  -0.0402 0.1638  75 VAL A CG1 
431 C CG2 . VAL A 58 ? 0.4618 0.6043 0.6223 0.0332  -0.0429 0.1108  75 VAL A CG2 
432 N N   . PHE A 59 ? 0.4441 0.5788 0.5633 0.0266  -0.0321 0.1937  76 PHE A N   
433 C CA  . PHE A 59 ? 0.4338 0.5500 0.5466 0.0232  -0.0349 0.2243  76 PHE A CA  
434 C C   . PHE A 59 ? 0.4992 0.6490 0.5787 0.0290  -0.0181 0.2525  76 PHE A C   
435 O O   . PHE A 59 ? 0.5003 0.6444 0.5825 0.0191  -0.0117 0.2901  76 PHE A O   
436 C CB  . PHE A 59 ? 0.4188 0.5024 0.5164 0.0361  -0.0534 0.2104  76 PHE A CB  
437 C CG  . PHE A 59 ? 0.4563 0.5080 0.5541 0.0358  -0.0631 0.2373  76 PHE A CG  
438 C CD1 . PHE A 59 ? 0.4791 0.4907 0.6083 0.0245  -0.0730 0.2464  76 PHE A CD1 
439 C CD2 . PHE A 59 ? 0.4829 0.5386 0.5463 0.0496  -0.0671 0.2514  76 PHE A CD2 
440 C CE1 . PHE A 59 ? 0.5520 0.5242 0.6770 0.0276  -0.0861 0.2697  76 PHE A CE1 
441 C CE2 . PHE A 59 ? 0.5242 0.5457 0.5840 0.0534  -0.0789 0.2759  76 PHE A CE2 
442 C CZ  . PHE A 59 ? 0.5419 0.5200 0.6319 0.0425  -0.0879 0.2855  76 PHE A CZ  
443 N N   . ARG A 60 ? 0.6055 0.7853 0.6487 0.0467  -0.0126 0.2341  77 ARG A N   
444 C CA  . ARG A 60 ? 0.6663 0.8816 0.6665 0.0604  0.0038  0.2535  77 ARG A CA  
445 C C   . ARG A 60 ? 0.7381 0.9873 0.7628 0.0451  0.0307  0.2926  77 ARG A C   
446 O O   . ARG A 60 ? 0.7194 0.9726 0.7230 0.0443  0.0416  0.3307  77 ARG A O   
447 C CB  . ARG A 60 ? 0.6611 0.9004 0.6244 0.0829  0.0033  0.2200  77 ARG A CB  
448 C CG  . ARG A 60 ? 0.7594 1.0177 0.6573 0.1086  0.0063  0.2259  77 ARG A CG  
449 C CD  . ARG A 60 ? 0.8422 1.1199 0.7030 0.1331  0.0044  0.1912  77 ARG A CD  
450 N NE  . ARG A 60 ? 0.9836 1.3060 0.8640 0.1351  0.0302  0.1940  77 ARG A NE  
451 C CZ  . ARG A 60 ? 1.0953 1.4527 0.9354 0.1641  0.0407  0.1793  77 ARG A CZ  
452 N NH1 . ARG A 60 ? 1.1819 1.5259 0.9537 0.1933  0.0242  0.1589  77 ARG A NH1 
453 N NH2 . ARG A 60 ? 1.0474 1.4542 0.9164 0.1662  0.0652  0.1833  77 ARG A NH2 
454 N N   . LEU A 61 ? 0.7445 1.0190 0.8159 0.0319  0.0405  0.2855  78 LEU A N   
455 C CA  . LEU A 61 ? 0.7860 1.1030 0.8961 0.0127  0.0659  0.3231  78 LEU A CA  
456 C C   . LEU A 61 ? 0.8194 1.1045 0.9976 -0.0206 0.0532  0.3343  78 LEU A C   
457 O O   . LEU A 61 ? 0.8770 1.1657 1.0871 -0.0456 0.0632  0.3771  78 LEU A O   
458 C CB  . LEU A 61 ? 0.7019 1.0856 0.8185 0.0259  0.0868  0.3089  78 LEU A CB  
459 C CG  . LEU A 61 ? 0.7352 1.1255 0.7869 0.0635  0.0819  0.2713  78 LEU A CG  
460 C CD1 . LEU A 61 ? 0.7303 1.1448 0.8028 0.0738  0.0800  0.2343  78 LEU A CD1 
461 C CD2 . LEU A 61 ? 0.7883 1.2198 0.7800 0.0893  0.1048  0.2914  78 LEU A CD2 
# 
loop_
_pdbx_poly_seq_scheme.asym_id 
_pdbx_poly_seq_scheme.entity_id 
_pdbx_poly_seq_scheme.seq_id 
_pdbx_poly_seq_scheme.mon_id 
_pdbx_poly_seq_scheme.ndb_seq_num 
_pdbx_poly_seq_scheme.pdb_seq_num 
_pdbx_poly_seq_scheme.auth_seq_num 
_pdbx_poly_seq_scheme.pdb_mon_id 
_pdbx_poly_seq_scheme.auth_mon_id 
_pdbx_poly_seq_scheme.pdb_strand_id 
_pdbx_poly_seq_scheme.pdb_ins_code 
_pdbx_poly_seq_scheme.hetero 
A 1 1  SER 1  18 ?  ?   ?   A . n 
A 1 2  ASP 2  19 ?  ?   ?   A . n 
A 1 3  HIS 3  20 ?  ?   ?   A . n 
A 1 4  VAL 4  21 ?  ?   ?   A . n 
A 1 5  GLU 5  22 ?  ?   ?   A . n 
A 1 6  GLU 6  23 23 GLU GLU A . n 
A 1 7  TYR 7  24 24 TYR TYR A . n 
A 1 8  VAL 8  25 25 VAL VAL A . n 
A 1 9  VAL 9  26 26 VAL VAL A . n 
A 1 10 GLU 10 27 27 GLU GLU A . n 
A 1 11 LYS 11 28 28 LYS LYS A . n 
A 1 12 ILE 12 29 29 ILE ILE A . n 
A 1 13 LEU 13 30 30 LEU LEU A . n 
A 1 14 GLY 14 31 31 GLY GLY A . n 
A 1 15 LYS 15 32 32 LYS LYS A . n 
A 1 16 ARG 16 33 33 ARG ARG A . n 
A 1 17 PHE 17 34 34 PHE PHE A . n 
A 1 18 VAL 18 35 35 VAL VAL A . n 
A 1 19 ASN 19 36 36 ASN ASN A . n 
A 1 20 GLY 20 37 37 GLY GLY A . n 
A 1 21 ARG 21 38 38 ARG ARG A . n 
A 1 22 PRO 22 39 39 PRO PRO A . n 
A 1 23 GLN 23 40 40 GLN GLN A . n 
A 1 24 VAL 24 41 41 VAL VAL A . n 
A 1 25 LEU 25 42 42 LEU LEU A . n 
A 1 26 VAL 26 43 43 VAL VAL A . n 
A 1 27 LYS 27 44 44 LYS LYS A . n 
A 1 28 TRP 28 45 45 TRP TRP A . n 
A 1 29 SER 29 46 46 SER SER A . n 
A 1 30 GLY 30 47 47 GLY GLY A . n 
A 1 31 PHE 31 48 48 PHE PHE A . n 
A 1 32 PRO 32 49 49 PRO PRO A . n 
A 1 33 ASN 33 50 50 ASN ASN A . n 
A 1 34 GLU 34 51 51 GLU GLU A . n 
A 1 35 ASN 35 52 52 ASN ASN A . n 
A 1 36 ASN 36 53 53 ASN ASN A . n 
A 1 37 THR 37 54 54 THR THR A . n 
A 1 38 TRP 38 55 55 TRP TRP A . n 
A 1 39 GLU 39 56 56 GLU GLU A . n 
A 1 40 PRO 40 57 57 PRO PRO A . n 
A 1 41 LEU 41 58 58 LEU LEU A . n 
A 1 42 GLU 42 59 59 GLU GLU A . n 
A 1 43 ASN 43 60 60 ASN ASN A . n 
A 1 44 VAL 44 61 61 VAL VAL A . n 
A 1 45 GLY 45 62 62 GLY GLY A . n 
A 1 46 ASN 46 63 63 ASN ASN A . n 
A 1 47 CYS 47 64 64 CYS CYS A . n 
A 1 48 MET 48 65 65 MET MET A . n 
A 1 49 LYS 49 66 66 LYS LYS A . n 
A 1 50 LEU 50 67 67 LEU LEU A . n 
A 1 51 VAL 51 68 68 VAL VAL A . n 
A 1 52 SER 52 69 69 SER SER A . n 
A 1 53 ASP 53 70 70 ASP ASP A . n 
A 1 54 PHE 54 71 71 PHE PHE A . n 
A 1 55 GLU 55 72 72 GLU GLU A . n 
A 1 56 SER 56 73 73 SER SER A . n 
A 1 57 GLU 57 74 74 GLU GLU A . n 
A 1 58 VAL 58 75 75 VAL VAL A . n 
A 1 59 PHE 59 76 76 PHE PHE A . n 
A 1 60 ARG 60 77 77 ARG ARG A . n 
A 1 61 LEU 61 78 78 LEU LEU A . n 
A 1 62 HIS 62 79 ?  ?   ?   A . n 
A 1 63 ARG 63 80 ?  ?   ?   A . n 
A 1 64 LYS 64 81 ?  ?   ?   A . n 
A 1 65 ALA 65 82 ?  ?   ?   A . n 
A 1 66 ALA 66 83 ?  ?   ?   A . n 
A 1 67 ALA 67 84 ?  ?   ?   A . n 
A 1 68 LYS 68 85 ?  ?   ?   A . n 
# 
loop_
_pdbx_nonpoly_scheme.asym_id 
_pdbx_nonpoly_scheme.entity_id 
_pdbx_nonpoly_scheme.mon_id 
_pdbx_nonpoly_scheme.ndb_seq_num 
_pdbx_nonpoly_scheme.pdb_seq_num 
_pdbx_nonpoly_scheme.auth_seq_num 
_pdbx_nonpoly_scheme.pdb_mon_id 
_pdbx_nonpoly_scheme.auth_mon_id 
_pdbx_nonpoly_scheme.pdb_strand_id 
_pdbx_nonpoly_scheme.pdb_ins_code 
B 2 HOH 1  101 1  HOH HOH A . 
B 2 HOH 2  102 2  HOH HOH A . 
B 2 HOH 3  103 3  HOH HOH A . 
B 2 HOH 4  104 4  HOH HOH A . 
B 2 HOH 5  105 5  HOH HOH A . 
B 2 HOH 6  106 6  HOH HOH A . 
B 2 HOH 7  107 7  HOH HOH A . 
B 2 HOH 8  108 8  HOH HOH A . 
B 2 HOH 9  109 9  HOH HOH A . 
B 2 HOH 10 110 10 HOH HOH A . 
B 2 HOH 11 111 11 HOH HOH A . 
B 2 HOH 12 112 12 HOH HOH A . 
B 2 HOH 13 113 13 HOH HOH A . 
B 2 HOH 14 114 14 HOH HOH A . 
B 2 HOH 15 115 15 HOH HOH A . 
B 2 HOH 16 116 16 HOH HOH A . 
B 2 HOH 17 117 17 HOH HOH A . 
B 2 HOH 18 118 18 HOH HOH A . 
B 2 HOH 19 119 19 HOH HOH A . 
B 2 HOH 20 120 20 HOH HOH A . 
B 2 HOH 21 121 21 HOH HOH A . 
B 2 HOH 22 122 22 HOH HOH A . 
B 2 HOH 23 123 23 HOH HOH A . 
B 2 HOH 24 124 24 HOH HOH A . 
B 2 HOH 25 125 25 HOH HOH A . 
B 2 HOH 26 126 26 HOH HOH A . 
B 2 HOH 27 127 27 HOH HOH A . 
B 2 HOH 28 128 28 HOH HOH A . 
B 2 HOH 29 129 29 HOH HOH A . 
B 2 HOH 30 130 30 HOH HOH A . 
B 2 HOH 31 131 31 HOH HOH A . 
B 2 HOH 32 132 32 HOH HOH A . 
B 2 HOH 33 133 33 HOH HOH A . 
B 2 HOH 34 134 34 HOH HOH A . 
B 2 HOH 35 135 35 HOH HOH A . 
B 2 HOH 36 136 36 HOH HOH A . 
B 2 HOH 37 137 37 HOH HOH A . 
B 2 HOH 38 138 38 HOH HOH A . 
B 2 HOH 39 139 39 HOH HOH A . 
B 2 HOH 40 140 40 HOH HOH A . 
B 2 HOH 41 141 41 HOH HOH A . 
B 2 HOH 42 142 42 HOH HOH A . 
B 2 HOH 43 143 43 HOH HOH A . 
B 2 HOH 44 144 44 HOH HOH A . 
B 2 HOH 45 145 45 HOH HOH A . 
# 
_pdbx_struct_assembly.id                   1 
_pdbx_struct_assembly.details              author_and_software_defined_assembly 
_pdbx_struct_assembly.method_details       PISA 
_pdbx_struct_assembly.oligomeric_details   monomeric 
_pdbx_struct_assembly.oligomeric_count     1 
# 
_pdbx_struct_assembly_gen.assembly_id       1 
_pdbx_struct_assembly_gen.oper_expression   1 
_pdbx_struct_assembly_gen.asym_id_list      A,B 
# 
_pdbx_struct_oper_list.id                   1 
_pdbx_struct_oper_list.type                 'identity operation' 
_pdbx_struct_oper_list.name                 1_555 
_pdbx_struct_oper_list.symmetry_operation   x,y,z 
_pdbx_struct_oper_list.matrix[1][1]         1.0000000000 
_pdbx_struct_oper_list.matrix[1][2]         0.0000000000 
_pdbx_struct_oper_list.matrix[1][3]         0.0000000000 
_pdbx_struct_oper_list.vector[1]            0.0000000000 
_pdbx_struct_oper_list.matrix[2][1]         0.0000000000 
_pdbx_struct_oper_list.matrix[2][2]         1.0000000000 
_pdbx_struct_oper_list.matrix[2][3]         0.0000000000 
_pdbx_struct_oper_list.vector[2]            0.0000000000 
_pdbx_struct_oper_list.matrix[3][1]         0.0000000000 
_pdbx_struct_oper_list.matrix[3][2]         0.0000000000 
_pdbx_struct_oper_list.matrix[3][3]         1.0000000000 
_pdbx_struct_oper_list.vector[3]            0.0000000000 
# 
loop_
_pdbx_struct_special_symmetry.id 
_pdbx_struct_special_symmetry.PDB_model_num 
_pdbx_struct_special_symmetry.auth_asym_id 
_pdbx_struct_special_symmetry.auth_comp_id 
_pdbx_struct_special_symmetry.auth_seq_id 
_pdbx_struct_special_symmetry.PDB_ins_code 
_pdbx_struct_special_symmetry.label_asym_id 
_pdbx_struct_special_symmetry.label_comp_id 
_pdbx_struct_special_symmetry.label_seq_id 
1 1 A HOH 125 ? B HOH . 
2 1 A HOH 126 ? B HOH . 
3 1 A HOH 129 ? B HOH . 
# 
loop_
_pdbx_audit_revision_history.ordinal 
_pdbx_audit_revision_history.data_content_type 
_pdbx_audit_revision_history.major_revision 
_pdbx_audit_revision_history.minor_revision 
_pdbx_audit_revision_history.revision_date 
1 'Structure model' 1 0 2014-08-20 
2 'Structure model' 1 1 2023-09-20 
# 
_pdbx_audit_revision_details.ordinal             1 
_pdbx_audit_revision_details.revision_ordinal    1 
_pdbx_audit_revision_details.data_content_type   'Structure model' 
_pdbx_audit_revision_details.provider            repository 
_pdbx_audit_revision_details.type                'Initial release' 
_pdbx_audit_revision_details.description         ? 
_pdbx_audit_revision_details.details             ? 
# 
loop_
_pdbx_audit_revision_group.ordinal 
_pdbx_audit_revision_group.revision_ordinal 
_pdbx_audit_revision_group.data_content_type 
_pdbx_audit_revision_group.group 
1 2 'Structure model' 'Data collection'        
2 2 'Structure model' 'Database references'    
3 2 'Structure model' 'Refinement description' 
# 
loop_
_pdbx_audit_revision_category.ordinal 
_pdbx_audit_revision_category.revision_ordinal 
_pdbx_audit_revision_category.data_content_type 
_pdbx_audit_revision_category.category 
1 2 'Structure model' chem_comp_atom                
2 2 'Structure model' chem_comp_bond                
3 2 'Structure model' database_2                    
4 2 'Structure model' pdbx_initial_refinement_model 
5 2 'Structure model' struct_ref_seq_dif            
# 
loop_
_pdbx_audit_revision_item.ordinal 
_pdbx_audit_revision_item.revision_ordinal 
_pdbx_audit_revision_item.data_content_type 
_pdbx_audit_revision_item.item 
1 2 'Structure model' '_database_2.pdbx_DOI'                
2 2 'Structure model' '_database_2.pdbx_database_accession' 
3 2 'Structure model' '_struct_ref_seq_dif.details'         
# 
loop_
_pdbx_refine_tls.pdbx_refine_id 
_pdbx_refine_tls.id 
_pdbx_refine_tls.details 
_pdbx_refine_tls.method 
_pdbx_refine_tls.origin_x 
_pdbx_refine_tls.origin_y 
_pdbx_refine_tls.origin_z 
_pdbx_refine_tls.T[1][1] 
_pdbx_refine_tls.T[2][2] 
_pdbx_refine_tls.T[3][3] 
_pdbx_refine_tls.T[1][2] 
_pdbx_refine_tls.T[1][3] 
_pdbx_refine_tls.T[2][3] 
_pdbx_refine_tls.L[1][1] 
_pdbx_refine_tls.L[2][2] 
_pdbx_refine_tls.L[3][3] 
_pdbx_refine_tls.L[1][2] 
_pdbx_refine_tls.L[1][3] 
_pdbx_refine_tls.L[2][3] 
_pdbx_refine_tls.S[1][1] 
_pdbx_refine_tls.S[1][2] 
_pdbx_refine_tls.S[1][3] 
_pdbx_refine_tls.S[2][1] 
_pdbx_refine_tls.S[2][2] 
_pdbx_refine_tls.S[2][3] 
_pdbx_refine_tls.S[3][1] 
_pdbx_refine_tls.S[3][2] 
_pdbx_refine_tls.S[3][3] 
'X-RAY DIFFRACTION' 1 ? refined 0.7257  7.0650  -0.3223 0.3892 0.2631 0.2999 0.0286  -0.1050 -0.0469 5.3465 7.5349 0.9573 -2.4881 2.1206 -0.0871 -0.0796 -0.1377 0.2073  0.3419  -0.2016 -0.3480 -0.7542 -0.0034 0.3240 
'X-RAY DIFFRACTION' 2 ? refined -2.1735 0.3555  -3.4778 0.2392 0.2670 0.2611 -0.0025 -0.0559 0.0412  3.4308 9.6152 3.7049 2.6257  0.3431 3.0738  -0.1767 0.2212  0.0026  -0.2937 0.1363  0.5336  -0.2624 0.2073  0.0800 
'X-RAY DIFFRACTION' 3 ? refined 3.7538  -4.8380 8.3043  0.3132 0.4103 0.3539 0.0638  -0.0678 0.0787  4.3941 5.2289 5.8488 -2.5681 2.4231 -0.3657 -0.1265 -0.8584 -0.4585 0.4041  0.0626  0.0972  -0.0038 -0.2346 0.1281 
# 
loop_
_pdbx_refine_tls_group.pdbx_refine_id 
_pdbx_refine_tls_group.id 
_pdbx_refine_tls_group.refine_tls_id 
_pdbx_refine_tls_group.beg_auth_asym_id 
_pdbx_refine_tls_group.beg_auth_seq_id 
_pdbx_refine_tls_group.beg_label_asym_id 
_pdbx_refine_tls_group.beg_label_seq_id 
_pdbx_refine_tls_group.end_auth_asym_id 
_pdbx_refine_tls_group.end_auth_seq_id 
_pdbx_refine_tls_group.end_label_asym_id 
_pdbx_refine_tls_group.end_label_seq_id 
_pdbx_refine_tls_group.selection 
_pdbx_refine_tls_group.selection_details 
'X-RAY DIFFRACTION' 1 1 ? ? ? ? ? ? ? ? ? 
;chain 'A' and (resid 23 through 30 )
;
'X-RAY DIFFRACTION' 2 2 ? ? ? ? ? ? ? ? ? 
;chain 'A' and (resid 31 through 64 )
;
'X-RAY DIFFRACTION' 3 3 ? ? ? ? ? ? ? ? ? 
;chain 'A' and (resid 65 through 78 )
;
# 
loop_
_software.name 
_software.classification 
_software.version 
_software.citation_id 
_software.pdbx_ordinal 
ADSC     'data collection' Quantum                       ? 1 
PHASER   phasing           .                             ? 2 
PHENIX   refinement        '(phenix.refine: 1.8.2_1309)' ? 3 
HKL-2000 'data reduction'  .                             ? 4 
HKL-2000 'data scaling'    .                             ? 5 
# 
loop_
_pdbx_unobs_or_zero_occ_residues.id 
_pdbx_unobs_or_zero_occ_residues.PDB_model_num 
_pdbx_unobs_or_zero_occ_residues.polymer_flag 
_pdbx_unobs_or_zero_occ_residues.occupancy_flag 
_pdbx_unobs_or_zero_occ_residues.auth_asym_id 
_pdbx_unobs_or_zero_occ_residues.auth_comp_id 
_pdbx_unobs_or_zero_occ_residues.auth_seq_id 
_pdbx_unobs_or_zero_occ_residues.PDB_ins_code 
_pdbx_unobs_or_zero_occ_residues.label_asym_id 
_pdbx_unobs_or_zero_occ_residues.label_comp_id 
_pdbx_unobs_or_zero_occ_residues.label_seq_id 
1  1 Y 1 A SER 18 ? A SER 1  
2  1 Y 1 A ASP 19 ? A ASP 2  
3  1 Y 1 A HIS 20 ? A HIS 3  
4  1 Y 1 A VAL 21 ? A VAL 4  
5  1 Y 1 A GLU 22 ? A GLU 5  
6  1 Y 1 A HIS 79 ? A HIS 62 
7  1 Y 1 A ARG 80 ? A ARG 63 
8  1 Y 1 A LYS 81 ? A LYS 64 
9  1 Y 1 A ALA 82 ? A ALA 65 
10 1 Y 1 A ALA 83 ? A ALA 66 
11 1 Y 1 A ALA 84 ? A ALA 67 
12 1 Y 1 A LYS 85 ? A LYS 68 
# 
loop_
_chem_comp_atom.comp_id 
_chem_comp_atom.atom_id 
_chem_comp_atom.type_symbol 
_chem_comp_atom.pdbx_aromatic_flag 
_chem_comp_atom.pdbx_stereo_config 
_chem_comp_atom.pdbx_ordinal 
ALA N    N N N 1   
ALA CA   C N S 2   
ALA C    C N N 3   
ALA O    O N N 4   
ALA CB   C N N 5   
ALA OXT  O N N 6   
ALA H    H N N 7   
ALA H2   H N N 8   
ALA HA   H N N 9   
ALA HB1  H N N 10  
ALA HB2  H N N 11  
ALA HB3  H N N 12  
ALA HXT  H N N 13  
ARG N    N N N 14  
ARG CA   C N S 15  
ARG C    C N N 16  
ARG O    O N N 17  
ARG CB   C N N 18  
ARG CG   C N N 19  
ARG CD   C N N 20  
ARG NE   N N N 21  
ARG CZ   C N N 22  
ARG NH1  N N N 23  
ARG NH2  N N N 24  
ARG OXT  O N N 25  
ARG H    H N N 26  
ARG H2   H N N 27  
ARG HA   H N N 28  
ARG HB2  H N N 29  
ARG HB3  H N N 30  
ARG HG2  H N N 31  
ARG HG3  H N N 32  
ARG HD2  H N N 33  
ARG HD3  H N N 34  
ARG HE   H N N 35  
ARG HH11 H N N 36  
ARG HH12 H N N 37  
ARG HH21 H N N 38  
ARG HH22 H N N 39  
ARG HXT  H N N 40  
ASN N    N N N 41  
ASN CA   C N S 42  
ASN C    C N N 43  
ASN O    O N N 44  
ASN CB   C N N 45  
ASN CG   C N N 46  
ASN OD1  O N N 47  
ASN ND2  N N N 48  
ASN OXT  O N N 49  
ASN H    H N N 50  
ASN H2   H N N 51  
ASN HA   H N N 52  
ASN HB2  H N N 53  
ASN HB3  H N N 54  
ASN HD21 H N N 55  
ASN HD22 H N N 56  
ASN HXT  H N N 57  
ASP N    N N N 58  
ASP CA   C N S 59  
ASP C    C N N 60  
ASP O    O N N 61  
ASP CB   C N N 62  
ASP CG   C N N 63  
ASP OD1  O N N 64  
ASP OD2  O N N 65  
ASP OXT  O N N 66  
ASP H    H N N 67  
ASP H2   H N N 68  
ASP HA   H N N 69  
ASP HB2  H N N 70  
ASP HB3  H N N 71  
ASP HD2  H N N 72  
ASP HXT  H N N 73  
CYS N    N N N 74  
CYS CA   C N R 75  
CYS C    C N N 76  
CYS O    O N N 77  
CYS CB   C N N 78  
CYS SG   S N N 79  
CYS OXT  O N N 80  
CYS H    H N N 81  
CYS H2   H N N 82  
CYS HA   H N N 83  
CYS HB2  H N N 84  
CYS HB3  H N N 85  
CYS HG   H N N 86  
CYS HXT  H N N 87  
GLN N    N N N 88  
GLN CA   C N S 89  
GLN C    C N N 90  
GLN O    O N N 91  
GLN CB   C N N 92  
GLN CG   C N N 93  
GLN CD   C N N 94  
GLN OE1  O N N 95  
GLN NE2  N N N 96  
GLN OXT  O N N 97  
GLN H    H N N 98  
GLN H2   H N N 99  
GLN HA   H N N 100 
GLN HB2  H N N 101 
GLN HB3  H N N 102 
GLN HG2  H N N 103 
GLN HG3  H N N 104 
GLN HE21 H N N 105 
GLN HE22 H N N 106 
GLN HXT  H N N 107 
GLU N    N N N 108 
GLU CA   C N S 109 
GLU C    C N N 110 
GLU O    O N N 111 
GLU CB   C N N 112 
GLU CG   C N N 113 
GLU CD   C N N 114 
GLU OE1  O N N 115 
GLU OE2  O N N 116 
GLU OXT  O N N 117 
GLU H    H N N 118 
GLU H2   H N N 119 
GLU HA   H N N 120 
GLU HB2  H N N 121 
GLU HB3  H N N 122 
GLU HG2  H N N 123 
GLU HG3  H N N 124 
GLU HE2  H N N 125 
GLU HXT  H N N 126 
GLY N    N N N 127 
GLY CA   C N N 128 
GLY C    C N N 129 
GLY O    O N N 130 
GLY OXT  O N N 131 
GLY H    H N N 132 
GLY H2   H N N 133 
GLY HA2  H N N 134 
GLY HA3  H N N 135 
GLY HXT  H N N 136 
HIS N    N N N 137 
HIS CA   C N S 138 
HIS C    C N N 139 
HIS O    O N N 140 
HIS CB   C N N 141 
HIS CG   C Y N 142 
HIS ND1  N Y N 143 
HIS CD2  C Y N 144 
HIS CE1  C Y N 145 
HIS NE2  N Y N 146 
HIS OXT  O N N 147 
HIS H    H N N 148 
HIS H2   H N N 149 
HIS HA   H N N 150 
HIS HB2  H N N 151 
HIS HB3  H N N 152 
HIS HD1  H N N 153 
HIS HD2  H N N 154 
HIS HE1  H N N 155 
HIS HE2  H N N 156 
HIS HXT  H N N 157 
HOH O    O N N 158 
HOH H1   H N N 159 
HOH H2   H N N 160 
ILE N    N N N 161 
ILE CA   C N S 162 
ILE C    C N N 163 
ILE O    O N N 164 
ILE CB   C N S 165 
ILE CG1  C N N 166 
ILE CG2  C N N 167 
ILE CD1  C N N 168 
ILE OXT  O N N 169 
ILE H    H N N 170 
ILE H2   H N N 171 
ILE HA   H N N 172 
ILE HB   H N N 173 
ILE HG12 H N N 174 
ILE HG13 H N N 175 
ILE HG21 H N N 176 
ILE HG22 H N N 177 
ILE HG23 H N N 178 
ILE HD11 H N N 179 
ILE HD12 H N N 180 
ILE HD13 H N N 181 
ILE HXT  H N N 182 
LEU N    N N N 183 
LEU CA   C N S 184 
LEU C    C N N 185 
LEU O    O N N 186 
LEU CB   C N N 187 
LEU CG   C N N 188 
LEU CD1  C N N 189 
LEU CD2  C N N 190 
LEU OXT  O N N 191 
LEU H    H N N 192 
LEU H2   H N N 193 
LEU HA   H N N 194 
LEU HB2  H N N 195 
LEU HB3  H N N 196 
LEU HG   H N N 197 
LEU HD11 H N N 198 
LEU HD12 H N N 199 
LEU HD13 H N N 200 
LEU HD21 H N N 201 
LEU HD22 H N N 202 
LEU HD23 H N N 203 
LEU HXT  H N N 204 
LYS N    N N N 205 
LYS CA   C N S 206 
LYS C    C N N 207 
LYS O    O N N 208 
LYS CB   C N N 209 
LYS CG   C N N 210 
LYS CD   C N N 211 
LYS CE   C N N 212 
LYS NZ   N N N 213 
LYS OXT  O N N 214 
LYS H    H N N 215 
LYS H2   H N N 216 
LYS HA   H N N 217 
LYS HB2  H N N 218 
LYS HB3  H N N 219 
LYS HG2  H N N 220 
LYS HG3  H N N 221 
LYS HD2  H N N 222 
LYS HD3  H N N 223 
LYS HE2  H N N 224 
LYS HE3  H N N 225 
LYS HZ1  H N N 226 
LYS HZ2  H N N 227 
LYS HZ3  H N N 228 
LYS HXT  H N N 229 
MET N    N N N 230 
MET CA   C N S 231 
MET C    C N N 232 
MET O    O N N 233 
MET CB   C N N 234 
MET CG   C N N 235 
MET SD   S N N 236 
MET CE   C N N 237 
MET OXT  O N N 238 
MET H    H N N 239 
MET H2   H N N 240 
MET HA   H N N 241 
MET HB2  H N N 242 
MET HB3  H N N 243 
MET HG2  H N N 244 
MET HG3  H N N 245 
MET HE1  H N N 246 
MET HE2  H N N 247 
MET HE3  H N N 248 
MET HXT  H N N 249 
PHE N    N N N 250 
PHE CA   C N S 251 
PHE C    C N N 252 
PHE O    O N N 253 
PHE CB   C N N 254 
PHE CG   C Y N 255 
PHE CD1  C Y N 256 
PHE CD2  C Y N 257 
PHE CE1  C Y N 258 
PHE CE2  C Y N 259 
PHE CZ   C Y N 260 
PHE OXT  O N N 261 
PHE H    H N N 262 
PHE H2   H N N 263 
PHE HA   H N N 264 
PHE HB2  H N N 265 
PHE HB3  H N N 266 
PHE HD1  H N N 267 
PHE HD2  H N N 268 
PHE HE1  H N N 269 
PHE HE2  H N N 270 
PHE HZ   H N N 271 
PHE HXT  H N N 272 
PRO N    N N N 273 
PRO CA   C N S 274 
PRO C    C N N 275 
PRO O    O N N 276 
PRO CB   C N N 277 
PRO CG   C N N 278 
PRO CD   C N N 279 
PRO OXT  O N N 280 
PRO H    H N N 281 
PRO HA   H N N 282 
PRO HB2  H N N 283 
PRO HB3  H N N 284 
PRO HG2  H N N 285 
PRO HG3  H N N 286 
PRO HD2  H N N 287 
PRO HD3  H N N 288 
PRO HXT  H N N 289 
SER N    N N N 290 
SER CA   C N S 291 
SER C    C N N 292 
SER O    O N N 293 
SER CB   C N N 294 
SER OG   O N N 295 
SER OXT  O N N 296 
SER H    H N N 297 
SER H2   H N N 298 
SER HA   H N N 299 
SER HB2  H N N 300 
SER HB3  H N N 301 
SER HG   H N N 302 
SER HXT  H N N 303 
THR N    N N N 304 
THR CA   C N S 305 
THR C    C N N 306 
THR O    O N N 307 
THR CB   C N R 308 
THR OG1  O N N 309 
THR CG2  C N N 310 
THR OXT  O N N 311 
THR H    H N N 312 
THR H2   H N N 313 
THR HA   H N N 314 
THR HB   H N N 315 
THR HG1  H N N 316 
THR HG21 H N N 317 
THR HG22 H N N 318 
THR HG23 H N N 319 
THR HXT  H N N 320 
TRP N    N N N 321 
TRP CA   C N S 322 
TRP C    C N N 323 
TRP O    O N N 324 
TRP CB   C N N 325 
TRP CG   C Y N 326 
TRP CD1  C Y N 327 
TRP CD2  C Y N 328 
TRP NE1  N Y N 329 
TRP CE2  C Y N 330 
TRP CE3  C Y N 331 
TRP CZ2  C Y N 332 
TRP CZ3  C Y N 333 
TRP CH2  C Y N 334 
TRP OXT  O N N 335 
TRP H    H N N 336 
TRP H2   H N N 337 
TRP HA   H N N 338 
TRP HB2  H N N 339 
TRP HB3  H N N 340 
TRP HD1  H N N 341 
TRP HE1  H N N 342 
TRP HE3  H N N 343 
TRP HZ2  H N N 344 
TRP HZ3  H N N 345 
TRP HH2  H N N 346 
TRP HXT  H N N 347 
TYR N    N N N 348 
TYR CA   C N S 349 
TYR C    C N N 350 
TYR O    O N N 351 
TYR CB   C N N 352 
TYR CG   C Y N 353 
TYR CD1  C Y N 354 
TYR CD2  C Y N 355 
TYR CE1  C Y N 356 
TYR CE2  C Y N 357 
TYR CZ   C Y N 358 
TYR OH   O N N 359 
TYR OXT  O N N 360 
TYR H    H N N 361 
TYR H2   H N N 362 
TYR HA   H N N 363 
TYR HB2  H N N 364 
TYR HB3  H N N 365 
TYR HD1  H N N 366 
TYR HD2  H N N 367 
TYR HE1  H N N 368 
TYR HE2  H N N 369 
TYR HH   H N N 370 
TYR HXT  H N N 371 
VAL N    N N N 372 
VAL CA   C N S 373 
VAL C    C N N 374 
VAL O    O N N 375 
VAL CB   C N N 376 
VAL CG1  C N N 377 
VAL CG2  C N N 378 
VAL OXT  O N N 379 
VAL H    H N N 380 
VAL H2   H N N 381 
VAL HA   H N N 382 
VAL HB   H N N 383 
VAL HG11 H N N 384 
VAL HG12 H N N 385 
VAL HG13 H N N 386 
VAL HG21 H N N 387 
VAL HG22 H N N 388 
VAL HG23 H N N 389 
VAL HXT  H N N 390 
# 
loop_
_chem_comp_bond.comp_id 
_chem_comp_bond.atom_id_1 
_chem_comp_bond.atom_id_2 
_chem_comp_bond.value_order 
_chem_comp_bond.pdbx_aromatic_flag 
_chem_comp_bond.pdbx_stereo_config 
_chem_comp_bond.pdbx_ordinal 
ALA N   CA   sing N N 1   
ALA N   H    sing N N 2   
ALA N   H2   sing N N 3   
ALA CA  C    sing N N 4   
ALA CA  CB   sing N N 5   
ALA CA  HA   sing N N 6   
ALA C   O    doub N N 7   
ALA C   OXT  sing N N 8   
ALA CB  HB1  sing N N 9   
ALA CB  HB2  sing N N 10  
ALA CB  HB3  sing N N 11  
ALA OXT HXT  sing N N 12  
ARG N   CA   sing N N 13  
ARG N   H    sing N N 14  
ARG N   H2   sing N N 15  
ARG CA  C    sing N N 16  
ARG CA  CB   sing N N 17  
ARG CA  HA   sing N N 18  
ARG C   O    doub N N 19  
ARG C   OXT  sing N N 20  
ARG CB  CG   sing N N 21  
ARG CB  HB2  sing N N 22  
ARG CB  HB3  sing N N 23  
ARG CG  CD   sing N N 24  
ARG CG  HG2  sing N N 25  
ARG CG  HG3  sing N N 26  
ARG CD  NE   sing N N 27  
ARG CD  HD2  sing N N 28  
ARG CD  HD3  sing N N 29  
ARG NE  CZ   sing N N 30  
ARG NE  HE   sing N N 31  
ARG CZ  NH1  sing N N 32  
ARG CZ  NH2  doub N N 33  
ARG NH1 HH11 sing N N 34  
ARG NH1 HH12 sing N N 35  
ARG NH2 HH21 sing N N 36  
ARG NH2 HH22 sing N N 37  
ARG OXT HXT  sing N N 38  
ASN N   CA   sing N N 39  
ASN N   H    sing N N 40  
ASN N   H2   sing N N 41  
ASN CA  C    sing N N 42  
ASN CA  CB   sing N N 43  
ASN CA  HA   sing N N 44  
ASN C   O    doub N N 45  
ASN C   OXT  sing N N 46  
ASN CB  CG   sing N N 47  
ASN CB  HB2  sing N N 48  
ASN CB  HB3  sing N N 49  
ASN CG  OD1  doub N N 50  
ASN CG  ND2  sing N N 51  
ASN ND2 HD21 sing N N 52  
ASN ND2 HD22 sing N N 53  
ASN OXT HXT  sing N N 54  
ASP N   CA   sing N N 55  
ASP N   H    sing N N 56  
ASP N   H2   sing N N 57  
ASP CA  C    sing N N 58  
ASP CA  CB   sing N N 59  
ASP CA  HA   sing N N 60  
ASP C   O    doub N N 61  
ASP C   OXT  sing N N 62  
ASP CB  CG   sing N N 63  
ASP CB  HB2  sing N N 64  
ASP CB  HB3  sing N N 65  
ASP CG  OD1  doub N N 66  
ASP CG  OD2  sing N N 67  
ASP OD2 HD2  sing N N 68  
ASP OXT HXT  sing N N 69  
CYS N   CA   sing N N 70  
CYS N   H    sing N N 71  
CYS N   H2   sing N N 72  
CYS CA  C    sing N N 73  
CYS CA  CB   sing N N 74  
CYS CA  HA   sing N N 75  
CYS C   O    doub N N 76  
CYS C   OXT  sing N N 77  
CYS CB  SG   sing N N 78  
CYS CB  HB2  sing N N 79  
CYS CB  HB3  sing N N 80  
CYS SG  HG   sing N N 81  
CYS OXT HXT  sing N N 82  
GLN N   CA   sing N N 83  
GLN N   H    sing N N 84  
GLN N   H2   sing N N 85  
GLN CA  C    sing N N 86  
GLN CA  CB   sing N N 87  
GLN CA  HA   sing N N 88  
GLN C   O    doub N N 89  
GLN C   OXT  sing N N 90  
GLN CB  CG   sing N N 91  
GLN CB  HB2  sing N N 92  
GLN CB  HB3  sing N N 93  
GLN CG  CD   sing N N 94  
GLN CG  HG2  sing N N 95  
GLN CG  HG3  sing N N 96  
GLN CD  OE1  doub N N 97  
GLN CD  NE2  sing N N 98  
GLN NE2 HE21 sing N N 99  
GLN NE2 HE22 sing N N 100 
GLN OXT HXT  sing N N 101 
GLU N   CA   sing N N 102 
GLU N   H    sing N N 103 
GLU N   H2   sing N N 104 
GLU CA  C    sing N N 105 
GLU CA  CB   sing N N 106 
GLU CA  HA   sing N N 107 
GLU C   O    doub N N 108 
GLU C   OXT  sing N N 109 
GLU CB  CG   sing N N 110 
GLU CB  HB2  sing N N 111 
GLU CB  HB3  sing N N 112 
GLU CG  CD   sing N N 113 
GLU CG  HG2  sing N N 114 
GLU CG  HG3  sing N N 115 
GLU CD  OE1  doub N N 116 
GLU CD  OE2  sing N N 117 
GLU OE2 HE2  sing N N 118 
GLU OXT HXT  sing N N 119 
GLY N   CA   sing N N 120 
GLY N   H    sing N N 121 
GLY N   H2   sing N N 122 
GLY CA  C    sing N N 123 
GLY CA  HA2  sing N N 124 
GLY CA  HA3  sing N N 125 
GLY C   O    doub N N 126 
GLY C   OXT  sing N N 127 
GLY OXT HXT  sing N N 128 
HIS N   CA   sing N N 129 
HIS N   H    sing N N 130 
HIS N   H2   sing N N 131 
HIS CA  C    sing N N 132 
HIS CA  CB   sing N N 133 
HIS CA  HA   sing N N 134 
HIS C   O    doub N N 135 
HIS C   OXT  sing N N 136 
HIS CB  CG   sing N N 137 
HIS CB  HB2  sing N N 138 
HIS CB  HB3  sing N N 139 
HIS CG  ND1  sing Y N 140 
HIS CG  CD2  doub Y N 141 
HIS ND1 CE1  doub Y N 142 
HIS ND1 HD1  sing N N 143 
HIS CD2 NE2  sing Y N 144 
HIS CD2 HD2  sing N N 145 
HIS CE1 NE2  sing Y N 146 
HIS CE1 HE1  sing N N 147 
HIS NE2 HE2  sing N N 148 
HIS OXT HXT  sing N N 149 
HOH O   H1   sing N N 150 
HOH O   H2   sing N N 151 
ILE N   CA   sing N N 152 
ILE N   H    sing N N 153 
ILE N   H2   sing N N 154 
ILE CA  C    sing N N 155 
ILE CA  CB   sing N N 156 
ILE CA  HA   sing N N 157 
ILE C   O    doub N N 158 
ILE C   OXT  sing N N 159 
ILE CB  CG1  sing N N 160 
ILE CB  CG2  sing N N 161 
ILE CB  HB   sing N N 162 
ILE CG1 CD1  sing N N 163 
ILE CG1 HG12 sing N N 164 
ILE CG1 HG13 sing N N 165 
ILE CG2 HG21 sing N N 166 
ILE CG2 HG22 sing N N 167 
ILE CG2 HG23 sing N N 168 
ILE CD1 HD11 sing N N 169 
ILE CD1 HD12 sing N N 170 
ILE CD1 HD13 sing N N 171 
ILE OXT HXT  sing N N 172 
LEU N   CA   sing N N 173 
LEU N   H    sing N N 174 
LEU N   H2   sing N N 175 
LEU CA  C    sing N N 176 
LEU CA  CB   sing N N 177 
LEU CA  HA   sing N N 178 
LEU C   O    doub N N 179 
LEU C   OXT  sing N N 180 
LEU CB  CG   sing N N 181 
LEU CB  HB2  sing N N 182 
LEU CB  HB3  sing N N 183 
LEU CG  CD1  sing N N 184 
LEU CG  CD2  sing N N 185 
LEU CG  HG   sing N N 186 
LEU CD1 HD11 sing N N 187 
LEU CD1 HD12 sing N N 188 
LEU CD1 HD13 sing N N 189 
LEU CD2 HD21 sing N N 190 
LEU CD2 HD22 sing N N 191 
LEU CD2 HD23 sing N N 192 
LEU OXT HXT  sing N N 193 
LYS N   CA   sing N N 194 
LYS N   H    sing N N 195 
LYS N   H2   sing N N 196 
LYS CA  C    sing N N 197 
LYS CA  CB   sing N N 198 
LYS CA  HA   sing N N 199 
LYS C   O    doub N N 200 
LYS C   OXT  sing N N 201 
LYS CB  CG   sing N N 202 
LYS CB  HB2  sing N N 203 
LYS CB  HB3  sing N N 204 
LYS CG  CD   sing N N 205 
LYS CG  HG2  sing N N 206 
LYS CG  HG3  sing N N 207 
LYS CD  CE   sing N N 208 
LYS CD  HD2  sing N N 209 
LYS CD  HD3  sing N N 210 
LYS CE  NZ   sing N N 211 
LYS CE  HE2  sing N N 212 
LYS CE  HE3  sing N N 213 
LYS NZ  HZ1  sing N N 214 
LYS NZ  HZ2  sing N N 215 
LYS NZ  HZ3  sing N N 216 
LYS OXT HXT  sing N N 217 
MET N   CA   sing N N 218 
MET N   H    sing N N 219 
MET N   H2   sing N N 220 
MET CA  C    sing N N 221 
MET CA  CB   sing N N 222 
MET CA  HA   sing N N 223 
MET C   O    doub N N 224 
MET C   OXT  sing N N 225 
MET CB  CG   sing N N 226 
MET CB  HB2  sing N N 227 
MET CB  HB3  sing N N 228 
MET CG  SD   sing N N 229 
MET CG  HG2  sing N N 230 
MET CG  HG3  sing N N 231 
MET SD  CE   sing N N 232 
MET CE  HE1  sing N N 233 
MET CE  HE2  sing N N 234 
MET CE  HE3  sing N N 235 
MET OXT HXT  sing N N 236 
PHE N   CA   sing N N 237 
PHE N   H    sing N N 238 
PHE N   H2   sing N N 239 
PHE CA  C    sing N N 240 
PHE CA  CB   sing N N 241 
PHE CA  HA   sing N N 242 
PHE C   O    doub N N 243 
PHE C   OXT  sing N N 244 
PHE CB  CG   sing N N 245 
PHE CB  HB2  sing N N 246 
PHE CB  HB3  sing N N 247 
PHE CG  CD1  doub Y N 248 
PHE CG  CD2  sing Y N 249 
PHE CD1 CE1  sing Y N 250 
PHE CD1 HD1  sing N N 251 
PHE CD2 CE2  doub Y N 252 
PHE CD2 HD2  sing N N 253 
PHE CE1 CZ   doub Y N 254 
PHE CE1 HE1  sing N N 255 
PHE CE2 CZ   sing Y N 256 
PHE CE2 HE2  sing N N 257 
PHE CZ  HZ   sing N N 258 
PHE OXT HXT  sing N N 259 
PRO N   CA   sing N N 260 
PRO N   CD   sing N N 261 
PRO N   H    sing N N 262 
PRO CA  C    sing N N 263 
PRO CA  CB   sing N N 264 
PRO CA  HA   sing N N 265 
PRO C   O    doub N N 266 
PRO C   OXT  sing N N 267 
PRO CB  CG   sing N N 268 
PRO CB  HB2  sing N N 269 
PRO CB  HB3  sing N N 270 
PRO CG  CD   sing N N 271 
PRO CG  HG2  sing N N 272 
PRO CG  HG3  sing N N 273 
PRO CD  HD2  sing N N 274 
PRO CD  HD3  sing N N 275 
PRO OXT HXT  sing N N 276 
SER N   CA   sing N N 277 
SER N   H    sing N N 278 
SER N   H2   sing N N 279 
SER CA  C    sing N N 280 
SER CA  CB   sing N N 281 
SER CA  HA   sing N N 282 
SER C   O    doub N N 283 
SER C   OXT  sing N N 284 
SER CB  OG   sing N N 285 
SER CB  HB2  sing N N 286 
SER CB  HB3  sing N N 287 
SER OG  HG   sing N N 288 
SER OXT HXT  sing N N 289 
THR N   CA   sing N N 290 
THR N   H    sing N N 291 
THR N   H2   sing N N 292 
THR CA  C    sing N N 293 
THR CA  CB   sing N N 294 
THR CA  HA   sing N N 295 
THR C   O    doub N N 296 
THR C   OXT  sing N N 297 
THR CB  OG1  sing N N 298 
THR CB  CG2  sing N N 299 
THR CB  HB   sing N N 300 
THR OG1 HG1  sing N N 301 
THR CG2 HG21 sing N N 302 
THR CG2 HG22 sing N N 303 
THR CG2 HG23 sing N N 304 
THR OXT HXT  sing N N 305 
TRP N   CA   sing N N 306 
TRP N   H    sing N N 307 
TRP N   H2   sing N N 308 
TRP CA  C    sing N N 309 
TRP CA  CB   sing N N 310 
TRP CA  HA   sing N N 311 
TRP C   O    doub N N 312 
TRP C   OXT  sing N N 313 
TRP CB  CG   sing N N 314 
TRP CB  HB2  sing N N 315 
TRP CB  HB3  sing N N 316 
TRP CG  CD1  doub Y N 317 
TRP CG  CD2  sing Y N 318 
TRP CD1 NE1  sing Y N 319 
TRP CD1 HD1  sing N N 320 
TRP CD2 CE2  doub Y N 321 
TRP CD2 CE3  sing Y N 322 
TRP NE1 CE2  sing Y N 323 
TRP NE1 HE1  sing N N 324 
TRP CE2 CZ2  sing Y N 325 
TRP CE3 CZ3  doub Y N 326 
TRP CE3 HE3  sing N N 327 
TRP CZ2 CH2  doub Y N 328 
TRP CZ2 HZ2  sing N N 329 
TRP CZ3 CH2  sing Y N 330 
TRP CZ3 HZ3  sing N N 331 
TRP CH2 HH2  sing N N 332 
TRP OXT HXT  sing N N 333 
TYR N   CA   sing N N 334 
TYR N   H    sing N N 335 
TYR N   H2   sing N N 336 
TYR CA  C    sing N N 337 
TYR CA  CB   sing N N 338 
TYR CA  HA   sing N N 339 
TYR C   O    doub N N 340 
TYR C   OXT  sing N N 341 
TYR CB  CG   sing N N 342 
TYR CB  HB2  sing N N 343 
TYR CB  HB3  sing N N 344 
TYR CG  CD1  doub Y N 345 
TYR CG  CD2  sing Y N 346 
TYR CD1 CE1  sing Y N 347 
TYR CD1 HD1  sing N N 348 
TYR CD2 CE2  doub Y N 349 
TYR CD2 HD2  sing N N 350 
TYR CE1 CZ   doub Y N 351 
TYR CE1 HE1  sing N N 352 
TYR CE2 CZ   sing Y N 353 
TYR CE2 HE2  sing N N 354 
TYR CZ  OH   sing N N 355 
TYR OH  HH   sing N N 356 
TYR OXT HXT  sing N N 357 
VAL N   CA   sing N N 358 
VAL N   H    sing N N 359 
VAL N   H2   sing N N 360 
VAL CA  C    sing N N 361 
VAL CA  CB   sing N N 362 
VAL CA  HA   sing N N 363 
VAL C   O    doub N N 364 
VAL C   OXT  sing N N 365 
VAL CB  CG1  sing N N 366 
VAL CB  CG2  sing N N 367 
VAL CB  HB   sing N N 368 
VAL CG1 HG11 sing N N 369 
VAL CG1 HG12 sing N N 370 
VAL CG1 HG13 sing N N 371 
VAL CG2 HG21 sing N N 372 
VAL CG2 HG22 sing N N 373 
VAL CG2 HG23 sing N N 374 
VAL OXT HXT  sing N N 375 
# 
_pdbx_entity_nonpoly.entity_id   2 
_pdbx_entity_nonpoly.name        water 
_pdbx_entity_nonpoly.comp_id     HOH 
# 
_pdbx_initial_refinement_model.id               1 
_pdbx_initial_refinement_model.entity_id_list   ? 
_pdbx_initial_refinement_model.type             'experimental model' 
_pdbx_initial_refinement_model.source_name      PDB 
_pdbx_initial_refinement_model.accession_code   1KNE 
_pdbx_initial_refinement_model.details          'PDB ENTRY 1KNE' 
# 
